data_5VJX
#
_entry.id   5VJX
#
_cell.length_a   175.536
_cell.length_b   116.836
_cell.length_c   132.926
_cell.angle_alpha   90.00
_cell.angle_beta   126.54
_cell.angle_gamma   90.00
#
_symmetry.space_group_name_H-M   'C 1 2 1'
#
loop_
_entity.id
_entity.type
_entity.pdbx_description
1 polymer 'CLOCK-interacting pacemaker'
2 polymer 'Circadian locomoter output cycles protein kaput'
3 water water
#
loop_
_entity_poly.entity_id
_entity_poly.type
_entity_poly.pdbx_seq_one_letter_code
_entity_poly.pdbx_strand_id
1 'polypeptide(L)' GNTLVVLHKSGLLEITLKTKELIRQNQATQAELDQLKEQTQ(MSE)FIEATKSRAPQAWAKLQASLTS A,D,G,J,M,R,U,X,a,d
2 'polypeptide(L)' GA(MSE)DPEFSAQLGA(MSE)QHLKDQLEQRTR(MSE)IEANIHRQQEELRKIQEQLQ(MSE)VHG B,C,E,F,H,I,K,L,N,O,S,T,V,W,Y,Z,b,c,e,f
#
# COMPACT_ATOMS: atom_id res chain seq x y z
N THR A 3 -31.04 -25.44 42.09
CA THR A 3 -30.14 -24.62 42.89
C THR A 3 -30.55 -23.16 42.86
N LEU A 4 -30.34 -22.54 41.70
CA LEU A 4 -30.73 -21.14 41.48
C LEU A 4 -32.21 -20.99 41.69
N VAL A 5 -32.93 -22.08 41.40
CA VAL A 5 -34.37 -22.13 41.55
C VAL A 5 -34.74 -21.92 43.01
N VAL A 6 -33.95 -22.46 43.93
CA VAL A 6 -34.14 -22.21 45.36
C VAL A 6 -34.02 -20.74 45.71
N LEU A 7 -32.96 -20.12 45.19
CA LEU A 7 -32.70 -18.70 45.38
C LEU A 7 -33.88 -17.86 44.90
N HIS A 8 -34.41 -18.25 43.75
CA HIS A 8 -35.54 -17.59 43.13
C HIS A 8 -36.77 -17.79 44.01
N LYS A 9 -36.95 -19.02 44.47
CA LYS A 9 -38.09 -19.40 45.31
C LYS A 9 -38.08 -18.64 46.63
N SER A 10 -36.87 -18.39 47.13
CA SER A 10 -36.67 -17.66 48.37
C SER A 10 -36.83 -16.18 48.12
N GLY A 11 -37.00 -15.82 46.84
CA GLY A 11 -36.59 -14.55 46.28
C GLY A 11 -35.43 -13.85 46.96
N LEU A 12 -34.34 -14.60 47.18
CA LEU A 12 -33.11 -14.03 47.68
C LEU A 12 -32.26 -13.61 46.50
N LEU A 13 -32.76 -13.93 45.31
CA LEU A 13 -32.08 -13.59 44.07
C LEU A 13 -32.07 -12.08 43.95
N GLU A 14 -33.26 -11.50 44.08
CA GLU A 14 -33.46 -10.07 43.99
C GLU A 14 -32.49 -9.37 44.92
N ILE A 15 -32.53 -9.79 46.18
CA ILE A 15 -31.70 -9.19 47.22
C ILE A 15 -30.21 -9.37 47.03
N THR A 16 -29.76 -10.55 46.66
CA THR A 16 -28.34 -10.78 46.47
C THR A 16 -27.80 -9.93 45.33
N LEU A 17 -28.56 -9.84 44.26
CA LEU A 17 -28.11 -9.04 43.13
C LEU A 17 -28.08 -7.56 43.50
N LYS A 18 -29.15 -7.06 44.09
CA LYS A 18 -29.23 -5.67 44.51
C LYS A 18 -28.09 -5.34 45.47
N THR A 19 -27.78 -6.28 46.35
CA THR A 19 -26.75 -6.12 47.36
C THR A 19 -25.36 -6.07 46.79
N LYS A 20 -25.08 -6.97 45.85
CA LYS A 20 -23.77 -7.00 45.21
C LYS A 20 -23.60 -5.71 44.42
N GLU A 21 -24.71 -5.22 43.86
CA GLU A 21 -24.72 -3.96 43.12
C GLU A 21 -24.33 -2.85 44.06
N LEU A 22 -24.94 -2.92 45.23
CA LEU A 22 -24.74 -1.92 46.27
C LEU A 22 -23.30 -1.89 46.75
N ILE A 23 -22.67 -3.06 46.90
CA ILE A 23 -21.26 -3.11 47.24
C ILE A 23 -20.41 -2.50 46.13
N ARG A 24 -20.71 -2.81 44.88
CA ARG A 24 -19.93 -2.23 43.80
C ARG A 24 -19.98 -0.71 43.89
N GLN A 25 -21.20 -0.16 44.01
CA GLN A 25 -21.35 1.29 44.10
C GLN A 25 -20.58 1.87 45.28
N ASN A 26 -20.67 1.18 46.43
CA ASN A 26 -20.01 1.66 47.64
C ASN A 26 -18.48 1.67 47.50
N GLN A 27 -17.95 0.69 46.80
CA GLN A 27 -16.52 0.58 46.53
C GLN A 27 -16.05 1.70 45.59
N ALA A 28 -16.85 1.96 44.55
CA ALA A 28 -16.53 3.06 43.63
C ALA A 28 -16.50 4.41 44.31
N THR A 29 -17.55 4.72 45.05
CA THR A 29 -17.63 5.97 45.78
C THR A 29 -16.52 6.04 46.83
N GLN A 30 -16.15 4.91 47.40
CA GLN A 30 -15.04 4.87 48.33
C GLN A 30 -13.75 5.28 47.65
N ALA A 31 -13.54 4.80 46.43
CA ALA A 31 -12.35 5.17 45.68
C ALA A 31 -12.33 6.67 45.42
N GLU A 32 -13.46 7.19 44.95
CA GLU A 32 -13.59 8.62 44.74
C GLU A 32 -13.27 9.41 45.99
N LEU A 33 -13.77 8.91 47.12
CA LEU A 33 -13.59 9.57 48.40
C LEU A 33 -12.13 9.57 48.84
N ASP A 34 -11.43 8.48 48.57
CA ASP A 34 -10.01 8.40 48.89
C ASP A 34 -9.20 9.42 48.10
N GLN A 35 -9.50 9.50 46.80
CA GLN A 35 -8.82 10.46 45.95
C GLN A 35 -9.08 11.89 46.38
N LEU A 36 -10.35 12.20 46.66
CA LEU A 36 -10.73 13.52 47.11
C LEU A 36 -10.07 13.87 48.42
N LYS A 37 -9.91 12.86 49.27
CA LYS A 37 -9.30 13.01 50.58
C LYS A 37 -7.85 13.45 50.41
N GLU A 38 -7.12 12.79 49.51
CA GLU A 38 -5.73 13.24 49.30
C GLU A 38 -5.59 14.57 48.58
N GLN A 39 -6.41 14.82 47.57
CA GLN A 39 -6.31 16.09 46.86
C GLN A 39 -6.64 17.22 47.82
N THR A 40 -7.60 16.97 48.71
CA THR A 40 -7.95 17.91 49.75
C THR A 40 -6.75 18.16 50.65
N GLN A 41 -6.35 17.13 51.39
CA GLN A 41 -5.13 17.21 52.24
C GLN A 41 -4.03 18.03 51.59
N MSE A 42 -3.65 17.66 50.38
CA MSE A 42 -2.54 18.32 49.69
C MSE A 42 -2.86 19.79 49.45
O MSE A 42 -1.98 20.64 49.54
CB MSE A 42 -2.23 17.60 48.38
CG MSE A 42 -1.36 18.41 47.45
SE MSE A 42 -0.82 17.42 45.87
CE MSE A 42 -2.30 16.16 45.82
N PHE A 43 -4.12 20.08 49.15
CA PHE A 43 -4.57 21.46 49.03
C PHE A 43 -4.31 22.25 50.32
N ILE A 44 -4.84 21.73 51.43
CA ILE A 44 -4.68 22.30 52.77
C ILE A 44 -3.23 22.50 53.21
N GLU A 45 -2.49 21.40 53.28
CA GLU A 45 -1.07 21.33 53.61
C GLU A 45 -0.29 22.52 53.05
N ALA A 46 -0.67 23.00 51.88
CA ALA A 46 0.00 24.16 51.31
C ALA A 46 -0.45 25.46 51.98
N THR A 47 0.35 25.90 52.94
CA THR A 47 0.16 27.15 53.66
C THR A 47 1.52 27.71 54.01
N ALA A 54 5.77 21.71 49.52
CA ALA A 54 4.34 21.52 49.68
C ALA A 54 3.55 22.19 48.57
N TRP A 55 4.07 23.31 48.08
CA TRP A 55 3.39 24.04 47.03
C TRP A 55 3.79 23.46 45.68
N ALA A 56 5.02 22.95 45.66
CA ALA A 56 5.61 22.38 44.47
C ALA A 56 4.89 21.11 44.14
N LYS A 57 4.53 20.37 45.17
CA LYS A 57 3.83 19.12 45.00
C LYS A 57 2.48 19.35 44.34
N LEU A 58 1.72 20.33 44.82
CA LEU A 58 0.41 20.61 44.25
C LEU A 58 0.53 21.09 42.83
N GLN A 59 1.44 22.03 42.60
CA GLN A 59 1.60 22.58 41.27
C GLN A 59 2.05 21.50 40.30
N ALA A 60 2.89 20.58 40.78
CA ALA A 60 3.31 19.43 39.98
C ALA A 60 2.13 18.52 39.70
N SER A 61 1.20 18.45 40.65
CA SER A 61 0.02 17.61 40.49
C SER A 61 -0.92 18.17 39.44
N LEU A 62 -0.95 19.49 39.30
CA LEU A 62 -1.82 20.11 38.30
C LEU A 62 -1.27 20.08 36.87
N THR A 63 0.04 19.89 36.73
CA THR A 63 0.66 19.95 35.41
C THR A 63 1.05 18.57 34.90
N SER B 8 -2.41 38.84 46.67
CA SER B 8 -3.84 38.77 46.44
C SER B 8 -4.24 38.40 45.01
N ALA B 9 -3.28 38.34 44.10
CA ALA B 9 -3.41 37.58 42.86
C ALA B 9 -3.75 36.10 43.08
N GLN B 10 -2.94 35.37 43.86
CA GLN B 10 -3.22 33.95 44.17
C GLN B 10 -4.44 33.68 45.02
N LEU B 11 -4.79 34.58 45.93
CA LEU B 11 -6.00 34.41 46.74
C LEU B 11 -7.14 33.78 45.94
N GLY B 12 -7.45 34.36 44.78
CA GLY B 12 -8.61 33.90 44.03
C GLY B 12 -8.45 32.56 43.35
N ALA B 13 -7.22 32.21 43.02
CA ALA B 13 -6.92 30.92 42.41
C ALA B 13 -7.08 29.82 43.45
N MSE B 14 -6.41 30.01 44.58
CA MSE B 14 -6.58 29.10 45.70
C MSE B 14 -8.06 28.93 46.00
O MSE B 14 -8.55 27.81 46.22
CB MSE B 14 -5.85 29.60 46.95
CG MSE B 14 -4.32 29.59 46.87
SE MSE B 14 -3.50 27.84 47.16
CE MSE B 14 -3.72 27.12 45.38
N GLN B 15 -8.78 30.05 45.97
CA GLN B 15 -10.20 29.99 46.24
C GLN B 15 -10.86 29.08 45.21
N HIS B 16 -10.44 29.19 43.95
CA HIS B 16 -11.00 28.38 42.87
C HIS B 16 -10.83 26.87 43.15
N LEU B 17 -9.65 26.48 43.61
CA LEU B 17 -9.44 25.06 43.91
C LEU B 17 -10.32 24.61 45.04
N LYS B 18 -10.41 25.46 46.06
CA LYS B 18 -11.24 25.14 47.21
C LYS B 18 -12.70 25.00 46.78
N ASP B 19 -13.07 25.71 45.73
CA ASP B 19 -14.43 25.69 45.21
C ASP B 19 -14.69 24.35 44.53
N GLN B 20 -13.71 23.90 43.76
CA GLN B 20 -13.93 22.61 43.15
C GLN B 20 -14.05 21.51 44.18
N LEU B 21 -13.23 21.61 45.21
CA LEU B 21 -13.23 20.61 46.26
C LEU B 21 -14.55 20.59 47.02
N GLU B 22 -15.14 21.76 47.27
CA GLU B 22 -16.43 21.82 47.94
C GLU B 22 -17.48 21.14 47.04
N GLN B 23 -17.39 21.37 45.73
CA GLN B 23 -18.37 20.78 44.82
C GLN B 23 -18.26 19.26 44.73
N ARG B 24 -17.03 18.74 44.72
CA ARG B 24 -16.87 17.30 44.63
C ARG B 24 -17.31 16.65 45.90
N THR B 25 -17.05 17.34 47.01
CA THR B 25 -17.49 16.83 48.30
C THR B 25 -19.01 16.70 48.30
N ARG B 26 -19.69 17.69 47.73
CA ARG B 26 -21.14 17.63 47.75
C ARG B 26 -21.63 16.49 46.87
N MSE B 27 -20.99 16.33 45.70
CA MSE B 27 -21.30 15.19 44.83
C MSE B 27 -21.24 13.85 45.56
O MSE B 27 -22.24 13.11 45.63
CB MSE B 27 -20.32 15.15 43.66
CG MSE B 27 -20.63 16.14 42.58
SE MSE B 27 -22.56 16.35 42.46
CE MSE B 27 -22.75 16.32 40.52
N ILE B 28 -20.07 13.55 46.12
CA ILE B 28 -19.87 12.30 46.82
C ILE B 28 -20.91 12.10 47.90
N GLU B 29 -21.18 13.16 48.68
CA GLU B 29 -22.16 13.01 49.75
C GLU B 29 -23.55 12.66 49.25
N ALA B 30 -23.98 13.32 48.17
CA ALA B 30 -25.28 13.01 47.60
C ALA B 30 -25.38 11.53 47.19
N ASN B 31 -24.36 11.06 46.47
CA ASN B 31 -24.33 9.64 46.07
C ASN B 31 -24.48 8.72 47.28
N ILE B 32 -23.68 8.99 48.29
CA ILE B 32 -23.66 8.17 49.50
C ILE B 32 -25.03 8.13 50.16
N HIS B 33 -25.73 9.26 50.20
CA HIS B 33 -27.08 9.24 50.75
C HIS B 33 -28.09 8.42 49.92
N ARG B 34 -27.99 8.45 48.59
CA ARG B 34 -28.91 7.58 47.82
C ARG B 34 -28.67 6.09 48.14
N GLN B 35 -27.39 5.74 48.22
CA GLN B 35 -26.99 4.38 48.57
C GLN B 35 -27.56 4.10 49.94
N GLN B 36 -27.54 5.15 50.76
CA GLN B 36 -28.08 5.10 52.11
C GLN B 36 -29.55 4.72 52.09
N GLU B 37 -30.29 5.21 51.10
CA GLU B 37 -31.69 4.83 51.00
C GLU B 37 -31.88 3.36 50.62
N GLU B 38 -31.21 2.95 49.55
CA GLU B 38 -31.33 1.56 49.10
C GLU B 38 -30.91 0.53 50.14
N LEU B 39 -29.85 0.82 50.89
CA LEU B 39 -29.49 -0.08 51.97
C LEU B 39 -30.63 -0.42 52.95
N ARG B 40 -31.29 0.56 53.54
CA ARG B 40 -32.39 0.25 54.46
C ARG B 40 -33.52 -0.41 53.73
N LYS B 41 -33.74 0.03 52.49
CA LYS B 41 -34.81 -0.59 51.73
C LYS B 41 -34.66 -2.11 51.66
N ILE B 42 -33.49 -2.55 51.21
CA ILE B 42 -33.17 -3.96 51.08
C ILE B 42 -33.12 -4.72 52.40
N GLN B 43 -32.45 -4.15 53.38
CA GLN B 43 -32.32 -4.83 54.67
C GLN B 43 -33.68 -5.01 55.34
N GLU B 44 -34.60 -4.07 55.12
CA GLU B 44 -35.95 -4.29 55.63
C GLU B 44 -36.57 -5.46 54.87
N GLN B 45 -36.79 -5.32 53.56
CA GLN B 45 -37.12 -6.46 52.66
C GLN B 45 -36.80 -7.88 53.17
N LEU B 46 -35.85 -7.98 54.11
CA LEU B 46 -35.41 -9.24 54.69
C LEU B 46 -35.90 -9.39 56.12
N LEU C 11 -33.19 -25.18 50.98
CA LEU C 11 -33.82 -24.53 52.12
C LEU C 11 -32.85 -24.37 53.28
N GLY C 12 -32.13 -25.43 53.60
CA GLY C 12 -31.17 -25.37 54.68
C GLY C 12 -30.04 -24.50 54.16
N ALA C 13 -29.94 -24.44 52.83
CA ALA C 13 -28.98 -23.59 52.15
C ALA C 13 -29.39 -22.13 52.29
N MSE C 14 -30.66 -21.85 52.00
CA MSE C 14 -31.23 -20.50 52.11
C MSE C 14 -30.67 -19.71 53.27
O MSE C 14 -30.28 -18.56 53.11
CB MSE C 14 -32.75 -20.58 52.24
CG MSE C 14 -33.41 -19.24 52.61
SE MSE C 14 -34.43 -19.19 54.28
CE MSE C 14 -35.90 -18.09 53.66
N GLN C 15 -30.65 -20.34 54.44
CA GLN C 15 -30.28 -19.63 55.64
C GLN C 15 -28.83 -19.18 55.64
N HIS C 16 -27.96 -20.12 55.30
CA HIS C 16 -26.53 -19.87 55.28
C HIS C 16 -26.18 -18.76 54.30
N LEU C 17 -26.85 -18.73 53.17
CA LEU C 17 -26.63 -17.67 52.20
C LEU C 17 -27.17 -16.36 52.82
N LYS C 18 -28.33 -16.44 53.45
CA LYS C 18 -28.96 -15.29 54.11
C LYS C 18 -28.11 -14.79 55.28
N ASP C 19 -27.36 -15.71 55.89
CA ASP C 19 -26.55 -15.36 57.05
C ASP C 19 -25.56 -14.33 56.57
N GLN C 20 -24.93 -14.67 55.46
CA GLN C 20 -23.95 -13.81 54.85
C GLN C 20 -24.66 -12.54 54.41
N LEU C 21 -25.91 -12.63 53.94
CA LEU C 21 -26.56 -11.41 53.46
C LEU C 21 -26.85 -10.36 54.54
N GLU C 22 -27.36 -10.76 55.69
CA GLU C 22 -27.54 -9.78 56.77
C GLU C 22 -26.16 -9.31 57.22
N GLN C 23 -25.22 -10.24 57.17
CA GLN C 23 -23.85 -9.99 57.61
C GLN C 23 -23.18 -8.92 56.74
N ARG C 24 -23.52 -8.91 55.46
CA ARG C 24 -23.00 -7.95 54.48
C ARG C 24 -23.76 -6.63 54.44
N THR C 25 -25.09 -6.66 54.56
CA THR C 25 -25.83 -5.41 54.59
C THR C 25 -25.42 -4.57 55.79
N ARG C 26 -25.26 -5.22 56.93
CA ARG C 26 -24.84 -4.45 58.08
C ARG C 26 -23.36 -4.06 57.93
N MSE C 27 -22.64 -4.75 57.06
CA MSE C 27 -21.25 -4.37 56.75
C MSE C 27 -21.26 -3.08 55.93
O MSE C 27 -20.43 -2.18 56.14
CB MSE C 27 -20.55 -5.48 55.96
CG MSE C 27 -19.17 -5.11 55.44
SE MSE C 27 -18.34 -6.48 54.30
CE MSE C 27 -18.38 -8.00 55.52
N ILE C 28 -22.23 -2.99 55.03
CA ILE C 28 -22.38 -1.84 54.16
C ILE C 28 -22.82 -0.63 54.97
N GLU C 29 -23.74 -0.78 55.94
CA GLU C 29 -24.16 0.41 56.70
C GLU C 29 -22.95 1.00 57.41
N ALA C 30 -22.13 0.13 57.96
CA ALA C 30 -20.91 0.53 58.62
C ALA C 30 -20.03 1.27 57.64
N ASN C 31 -19.86 0.69 56.45
CA ASN C 31 -19.07 1.33 55.41
C ASN C 31 -19.55 2.75 55.14
N ILE C 32 -20.87 2.90 54.93
CA ILE C 32 -21.47 4.20 54.67
C ILE C 32 -21.23 5.16 55.81
N HIS C 33 -21.32 4.66 57.04
CA HIS C 33 -21.07 5.49 58.19
C HIS C 33 -19.62 6.00 58.16
N ARG C 34 -18.70 5.11 57.80
CA ARG C 34 -17.30 5.46 57.69
C ARG C 34 -17.07 6.52 56.61
N GLN C 35 -17.73 6.35 55.48
CA GLN C 35 -17.60 7.31 54.41
C GLN C 35 -18.15 8.67 54.82
N GLN C 36 -19.25 8.67 55.56
CA GLN C 36 -19.83 9.91 56.04
C GLN C 36 -18.95 10.66 57.07
N GLU C 37 -18.27 9.92 57.95
CA GLU C 37 -17.38 10.57 58.92
C GLU C 37 -16.15 11.11 58.19
N GLU C 38 -15.60 10.30 57.29
CA GLU C 38 -14.46 10.74 56.46
C GLU C 38 -14.79 12.02 55.70
N LEU C 39 -15.97 12.01 55.11
CA LEU C 39 -16.54 13.15 54.41
C LEU C 39 -16.62 14.38 55.29
N ARG C 40 -17.15 14.21 56.51
CA ARG C 40 -17.26 15.33 57.43
C ARG C 40 -15.88 15.90 57.70
N LYS C 41 -14.88 15.02 57.84
CA LYS C 41 -13.53 15.51 58.02
C LYS C 41 -13.12 16.41 56.87
N ILE C 42 -13.36 15.94 55.65
CA ILE C 42 -12.99 16.74 54.48
C ILE C 42 -13.68 18.10 54.47
N GLN C 43 -14.97 18.11 54.75
CA GLN C 43 -15.71 19.37 54.79
C GLN C 43 -15.20 20.28 55.88
N GLU C 44 -14.72 19.68 56.96
CA GLU C 44 -14.15 20.42 58.05
C GLU C 44 -12.95 21.19 57.60
N GLN C 45 -11.95 20.43 57.17
CA GLN C 45 -10.72 21.00 56.62
C GLN C 45 -10.90 22.19 55.68
N LEU C 46 -12.03 22.22 54.97
CA LEU C 46 -12.33 23.29 54.03
C LEU C 46 -13.24 24.32 54.71
N GLN C 47 -13.26 24.31 56.04
CA GLN C 47 -13.61 25.47 56.83
C GLN C 47 -15.10 25.80 56.72
N ASN D 2 -52.26 30.89 -4.07
CA ASN D 2 -52.67 31.17 -5.45
C ASN D 2 -52.05 30.21 -6.44
N THR D 3 -50.76 30.41 -6.68
CA THR D 3 -49.96 29.51 -7.48
C THR D 3 -49.88 28.20 -6.74
N LEU D 4 -49.68 28.30 -5.44
CA LEU D 4 -49.57 27.15 -4.58
C LEU D 4 -50.80 26.26 -4.66
N VAL D 5 -51.97 26.88 -4.76
CA VAL D 5 -53.22 26.13 -4.87
C VAL D 5 -53.36 25.43 -6.23
N VAL D 6 -52.98 26.11 -7.30
CA VAL D 6 -52.97 25.47 -8.60
C VAL D 6 -51.99 24.29 -8.63
N LEU D 7 -50.79 24.50 -8.12
CA LEU D 7 -49.79 23.46 -7.98
C LEU D 7 -50.31 22.26 -7.19
N HIS D 8 -51.04 22.55 -6.11
CA HIS D 8 -51.63 21.54 -5.28
C HIS D 8 -52.79 20.77 -5.94
N LYS D 9 -53.74 21.49 -6.51
CA LYS D 9 -54.86 20.85 -7.18
C LYS D 9 -54.45 20.03 -8.40
N SER D 10 -53.37 20.44 -9.04
CA SER D 10 -52.82 19.83 -10.25
C SER D 10 -52.05 18.53 -10.01
N GLY D 11 -51.90 18.15 -8.75
CA GLY D 11 -50.74 17.44 -8.22
C GLY D 11 -49.39 17.66 -8.82
N LEU D 12 -49.06 18.93 -9.05
CA LEU D 12 -47.74 19.38 -9.46
C LEU D 12 -46.85 19.87 -8.31
N LEU D 13 -47.37 19.90 -7.09
CA LEU D 13 -46.62 20.47 -5.95
C LEU D 13 -45.39 19.68 -5.47
N GLU D 14 -45.59 18.42 -5.16
CA GLU D 14 -44.47 17.59 -4.73
C GLU D 14 -43.37 17.61 -5.77
N ILE D 15 -43.75 17.51 -7.03
CA ILE D 15 -42.82 17.52 -8.14
C ILE D 15 -42.07 18.84 -8.19
N THR D 16 -42.75 19.93 -7.92
CA THR D 16 -42.08 21.22 -7.92
C THR D 16 -41.00 21.28 -6.85
N LEU D 17 -41.32 20.81 -5.66
CA LEU D 17 -40.35 20.84 -4.57
C LEU D 17 -39.17 19.93 -4.85
N LYS D 18 -39.47 18.72 -5.29
CA LYS D 18 -38.44 17.78 -5.68
C LYS D 18 -37.53 18.32 -6.77
N THR D 19 -38.09 19.03 -7.74
CA THR D 19 -37.31 19.56 -8.85
C THR D 19 -36.38 20.64 -8.34
N LYS D 20 -36.89 21.50 -7.47
CA LYS D 20 -36.04 22.56 -6.92
C LYS D 20 -34.88 21.98 -6.12
N GLU D 21 -35.15 20.92 -5.38
CA GLU D 21 -34.11 20.24 -4.62
C GLU D 21 -33.07 19.56 -5.51
N LEU D 22 -33.53 18.95 -6.59
CA LEU D 22 -32.64 18.31 -7.53
C LEU D 22 -31.71 19.32 -8.20
N ILE D 23 -32.25 20.51 -8.48
CA ILE D 23 -31.44 21.58 -9.02
C ILE D 23 -30.37 22.03 -8.03
N ARG D 24 -30.74 22.16 -6.76
CA ARG D 24 -29.75 22.53 -5.73
C ARG D 24 -28.63 21.51 -5.67
N GLN D 25 -29.01 20.26 -5.48
CA GLN D 25 -28.04 19.19 -5.36
C GLN D 25 -27.16 19.05 -6.59
N ASN D 26 -27.76 19.15 -7.75
CA ASN D 26 -27.03 19.05 -9.00
C ASN D 26 -26.04 20.18 -9.18
N GLN D 27 -26.38 21.39 -8.72
CA GLN D 27 -25.41 22.47 -8.80
C GLN D 27 -24.24 22.19 -7.89
N ALA D 28 -24.50 21.63 -6.72
CA ALA D 28 -23.42 21.20 -5.86
C ALA D 28 -22.48 20.21 -6.55
N THR D 29 -23.06 19.20 -7.19
CA THR D 29 -22.28 18.21 -7.93
C THR D 29 -21.51 18.83 -9.08
N GLN D 30 -22.08 19.85 -9.71
CA GLN D 30 -21.38 20.57 -10.77
C GLN D 30 -20.13 21.27 -10.20
N ALA D 31 -20.25 21.85 -9.02
CA ALA D 31 -19.11 22.46 -8.38
C ALA D 31 -18.02 21.45 -8.08
N GLU D 32 -18.40 20.32 -7.50
CA GLU D 32 -17.48 19.24 -7.22
C GLU D 32 -16.74 18.83 -8.46
N LEU D 33 -17.48 18.70 -9.55
CA LEU D 33 -16.95 18.25 -10.81
C LEU D 33 -16.00 19.26 -11.45
N ASP D 34 -16.29 20.55 -11.32
CA ASP D 34 -15.38 21.57 -11.83
C ASP D 34 -14.05 21.54 -11.09
N GLN D 35 -14.14 21.43 -9.77
CA GLN D 35 -12.94 21.36 -8.96
C GLN D 35 -12.13 20.12 -9.29
N LEU D 36 -12.79 18.98 -9.41
CA LEU D 36 -12.11 17.74 -9.75
C LEU D 36 -11.49 17.75 -11.11
N LYS D 37 -12.16 18.37 -12.07
CA LYS D 37 -11.64 18.44 -13.43
C LYS D 37 -10.38 19.30 -13.44
N GLU D 38 -10.36 20.36 -12.65
CA GLU D 38 -9.17 21.17 -12.56
C GLU D 38 -7.99 20.46 -11.89
N GLN D 39 -8.25 19.77 -10.78
CA GLN D 39 -7.17 19.08 -10.09
C GLN D 39 -6.64 17.90 -10.92
N THR D 40 -7.54 17.22 -11.60
CA THR D 40 -7.14 16.15 -12.51
C THR D 40 -6.24 16.73 -13.57
N GLN D 41 -6.79 17.60 -14.41
CA GLN D 41 -5.99 18.24 -15.45
C GLN D 41 -4.60 18.69 -14.98
N MSE D 42 -4.51 19.33 -13.82
CA MSE D 42 -3.21 19.65 -13.23
C MSE D 42 -2.26 18.48 -13.06
O MSE D 42 -1.10 18.55 -13.42
CB MSE D 42 -3.40 20.28 -11.86
CG MSE D 42 -3.02 21.73 -11.76
SE MSE D 42 -3.45 22.44 -10.03
CE MSE D 42 -2.83 21.00 -8.93
N PHE D 43 -2.76 17.40 -12.45
CA PHE D 43 -2.05 16.12 -12.37
C PHE D 43 -1.56 15.59 -13.74
N ILE D 44 -2.46 15.45 -14.69
CA ILE D 44 -2.09 14.99 -16.03
C ILE D 44 -1.04 15.86 -16.69
N GLU D 45 -1.30 17.15 -16.77
CA GLU D 45 -0.34 18.14 -17.23
C GLU D 45 1.02 17.98 -16.57
N ALA D 46 1.03 17.70 -15.28
CA ALA D 46 2.32 17.55 -14.66
C ALA D 46 2.93 16.23 -15.03
N THR D 47 2.20 15.29 -15.60
CA THR D 47 2.91 14.05 -15.94
C THR D 47 3.25 13.95 -17.43
N LYS D 48 2.68 14.83 -18.24
CA LYS D 48 2.95 14.80 -19.69
C LYS D 48 3.70 16.00 -20.23
N SER D 49 3.57 17.15 -19.59
CA SER D 49 4.21 18.34 -20.10
C SER D 49 5.71 18.20 -20.14
N ARG D 50 6.31 18.91 -21.08
CA ARG D 50 7.76 18.91 -21.26
C ARG D 50 8.27 20.25 -20.79
N ALA D 51 7.35 21.05 -20.27
CA ALA D 51 7.61 22.37 -19.73
C ALA D 51 7.78 22.34 -18.21
N PRO D 52 8.60 23.24 -17.64
CA PRO D 52 8.90 23.11 -16.21
C PRO D 52 7.76 23.50 -15.29
N GLN D 53 7.00 24.52 -15.67
CA GLN D 53 5.82 24.89 -14.92
C GLN D 53 4.71 23.94 -15.29
N ALA D 54 4.03 23.43 -14.28
CA ALA D 54 2.96 22.40 -14.34
C ALA D 54 3.25 21.50 -13.20
N TRP D 55 4.52 21.18 -13.06
CA TRP D 55 4.98 20.42 -11.93
C TRP D 55 5.32 21.38 -10.82
N ALA D 56 5.65 22.60 -11.17
CA ALA D 56 5.94 23.58 -10.16
C ALA D 56 4.64 23.93 -9.48
N LYS D 57 3.59 24.07 -10.28
CA LYS D 57 2.26 24.36 -9.80
C LYS D 57 1.65 23.23 -8.99
N LEU D 58 1.75 22.02 -9.49
CA LEU D 58 1.22 20.86 -8.82
C LEU D 58 1.95 20.63 -7.54
N GLN D 59 3.26 20.74 -7.59
CA GLN D 59 4.06 20.52 -6.41
C GLN D 59 3.72 21.54 -5.37
N ALA D 60 3.49 22.78 -5.79
CA ALA D 60 3.11 23.80 -4.84
C ALA D 60 1.77 23.48 -4.23
N SER D 61 0.90 22.85 -5.02
CA SER D 61 -0.41 22.45 -4.53
C SER D 61 -0.31 21.29 -3.55
N LEU D 62 0.69 20.42 -3.70
CA LEU D 62 0.83 19.28 -2.82
C LEU D 62 1.34 19.66 -1.45
N THR D 63 1.93 20.85 -1.33
CA THR D 63 2.51 21.25 -0.07
C THR D 63 1.64 22.33 0.56
N SER D 64 0.33 22.05 0.63
CA SER D 64 -0.63 22.98 1.18
C SER D 64 -1.95 22.27 1.48
N GLY E 1 -72.25 26.73 -9.88
CA GLY E 1 -72.66 27.07 -11.24
C GLY E 1 -72.17 26.07 -12.26
N ALA E 2 -71.92 26.53 -13.47
CA ALA E 2 -71.49 25.65 -14.53
C ALA E 2 -70.13 25.05 -14.21
N MSE E 3 -69.24 25.89 -13.73
CA MSE E 3 -67.87 25.52 -13.44
C MSE E 3 -67.39 26.40 -12.31
O MSE E 3 -67.98 27.44 -12.10
CB MSE E 3 -66.97 25.71 -14.66
CG MSE E 3 -67.37 24.95 -15.88
SE MSE E 3 -66.76 23.15 -15.86
CE MSE E 3 -65.28 23.29 -17.04
N ASP E 4 -66.33 26.01 -11.62
CA ASP E 4 -65.73 26.85 -10.60
C ASP E 4 -65.54 28.26 -11.07
N PRO E 5 -65.74 29.22 -10.16
CA PRO E 5 -65.61 30.63 -10.51
C PRO E 5 -64.23 30.93 -11.04
N GLU E 6 -63.24 30.14 -10.70
CA GLU E 6 -61.91 30.39 -11.20
C GLU E 6 -61.28 29.23 -11.97
N PHE E 7 -62.10 28.43 -12.62
CA PHE E 7 -61.58 27.32 -13.39
C PHE E 7 -60.71 27.73 -14.54
N SER E 8 -61.11 28.77 -15.26
CA SER E 8 -60.36 29.17 -16.42
C SER E 8 -58.98 29.67 -16.03
N ALA E 9 -58.94 30.42 -14.94
CA ALA E 9 -57.69 30.92 -14.42
C ALA E 9 -56.78 29.81 -13.97
N GLN E 10 -57.33 28.83 -13.25
CA GLN E 10 -56.54 27.72 -12.78
C GLN E 10 -56.02 26.88 -13.91
N LEU E 11 -56.83 26.65 -14.92
CA LEU E 11 -56.36 25.94 -16.09
C LEU E 11 -55.21 26.65 -16.77
N GLY E 12 -55.29 27.95 -16.93
CA GLY E 12 -54.22 28.67 -17.58
C GLY E 12 -52.95 28.64 -16.76
N ALA E 13 -53.12 28.83 -15.46
CA ALA E 13 -52.03 28.78 -14.51
C ALA E 13 -51.36 27.44 -14.54
N MSE E 14 -52.18 26.40 -14.67
CA MSE E 14 -51.69 25.06 -14.64
C MSE E 14 -50.89 24.75 -15.88
O MSE E 14 -49.85 24.12 -15.79
CB MSE E 14 -52.83 24.09 -14.53
CG MSE E 14 -52.31 22.69 -14.41
SE MSE E 14 -53.46 21.42 -15.18
CE MSE E 14 -52.16 20.05 -15.56
N GLN E 15 -51.37 25.18 -17.03
CA GLN E 15 -50.66 24.92 -18.25
C GLN E 15 -49.31 25.61 -18.22
N HIS E 16 -49.28 26.83 -17.70
CA HIS E 16 -48.02 27.54 -17.57
C HIS E 16 -47.04 26.88 -16.62
N LEU E 17 -47.52 26.52 -15.45
CA LEU E 17 -46.72 25.87 -14.44
C LEU E 17 -46.18 24.54 -14.94
N LYS E 18 -47.00 23.77 -15.60
CA LYS E 18 -46.51 22.51 -16.09
C LYS E 18 -45.44 22.70 -17.15
N ASP E 19 -45.63 23.64 -18.05
CA ASP E 19 -44.62 23.80 -19.09
C ASP E 19 -43.31 24.30 -18.51
N GLN E 20 -43.39 25.21 -17.56
CA GLN E 20 -42.19 25.69 -16.89
C GLN E 20 -41.50 24.49 -16.24
N LEU E 21 -42.28 23.61 -15.63
CA LEU E 21 -41.71 22.43 -15.00
C LEU E 21 -41.02 21.51 -16.01
N GLU E 22 -41.61 21.34 -17.19
CA GLU E 22 -40.98 20.55 -18.24
C GLU E 22 -39.68 21.20 -18.73
N GLN E 23 -39.64 22.51 -18.86
CA GLN E 23 -38.43 23.14 -19.33
C GLN E 23 -37.34 22.97 -18.27
N ARG E 24 -37.68 23.14 -17.00
CA ARG E 24 -36.66 22.96 -15.97
C ARG E 24 -36.18 21.52 -15.89
N THR E 25 -37.09 20.57 -16.01
CA THR E 25 -36.69 19.18 -16.02
C THR E 25 -35.72 18.89 -17.17
N ARG E 26 -35.98 19.42 -18.36
CA ARG E 26 -35.07 19.20 -19.48
C ARG E 26 -33.73 19.90 -19.32
N MSE E 27 -33.69 21.01 -18.61
CA MSE E 27 -32.40 21.60 -18.39
C MSE E 27 -31.61 20.74 -17.39
O MSE E 27 -30.41 20.54 -17.58
CB MSE E 27 -32.50 23.06 -17.92
CG MSE E 27 -32.92 23.28 -16.52
SE MSE E 27 -32.06 24.85 -15.77
CE MSE E 27 -30.21 24.31 -16.08
N ILE E 28 -32.27 20.22 -16.37
CA ILE E 28 -31.60 19.30 -15.44
C ILE E 28 -31.03 18.11 -16.16
N GLU E 29 -31.79 17.57 -17.10
CA GLU E 29 -31.33 16.45 -17.91
C GLU E 29 -30.13 16.80 -18.79
N ALA E 30 -30.18 17.97 -19.44
CA ALA E 30 -29.06 18.40 -20.28
C ALA E 30 -27.80 18.50 -19.47
N ASN E 31 -27.93 19.15 -18.32
CA ASN E 31 -26.86 19.29 -17.37
C ASN E 31 -26.26 17.96 -16.96
N ILE E 32 -27.12 17.01 -16.57
CA ILE E 32 -26.65 15.70 -16.12
C ILE E 32 -25.91 14.95 -17.22
N HIS E 33 -26.39 15.02 -18.44
CA HIS E 33 -25.68 14.37 -19.53
C HIS E 33 -24.31 15.00 -19.76
N ARG E 34 -24.25 16.32 -19.71
CA ARG E 34 -22.98 16.98 -19.86
C ARG E 34 -21.98 16.56 -18.78
N GLN E 35 -22.46 16.53 -17.56
CA GLN E 35 -21.66 16.17 -16.41
C GLN E 35 -21.16 14.74 -16.47
N GLN E 36 -22.01 13.87 -16.96
CA GLN E 36 -21.66 12.48 -17.15
C GLN E 36 -20.54 12.32 -18.16
N GLU E 37 -20.59 13.09 -19.24
CA GLU E 37 -19.51 13.05 -20.21
C GLU E 37 -18.19 13.59 -19.66
N GLU E 38 -18.24 14.72 -18.98
CA GLU E 38 -17.05 15.29 -18.36
C GLU E 38 -16.41 14.32 -17.38
N LEU E 39 -17.29 13.63 -16.65
CA LEU E 39 -16.89 12.60 -15.71
C LEU E 39 -16.19 11.47 -16.45
N ARG E 40 -16.75 11.08 -17.58
CA ARG E 40 -16.16 9.97 -18.33
C ARG E 40 -14.78 10.33 -18.85
N LYS E 41 -14.61 11.57 -19.30
CA LYS E 41 -13.29 12.04 -19.74
C LYS E 41 -12.29 12.02 -18.61
N ILE E 42 -12.70 12.49 -17.44
CA ILE E 42 -11.83 12.44 -16.26
C ILE E 42 -11.46 11.01 -15.91
N GLN E 43 -12.41 10.09 -15.96
CA GLN E 43 -12.10 8.68 -15.69
C GLN E 43 -11.15 8.10 -16.70
N GLU E 44 -11.27 8.52 -17.96
CA GLU E 44 -10.37 7.99 -18.97
C GLU E 44 -8.97 8.48 -18.75
N GLN E 45 -8.81 9.76 -18.43
CA GLN E 45 -7.50 10.30 -18.10
C GLN E 45 -6.83 9.69 -16.90
N LEU E 46 -7.63 9.20 -15.97
CA LEU E 46 -7.07 8.60 -14.77
C LEU E 46 -6.85 7.12 -15.04
N GLN E 47 -7.32 6.66 -16.17
CA GLN E 47 -7.13 5.27 -16.61
C GLN E 47 -7.74 4.23 -15.71
N MSE E 48 -8.99 4.42 -15.34
CA MSE E 48 -9.69 3.44 -14.53
C MSE E 48 -10.83 2.84 -15.33
O MSE E 48 -11.15 3.31 -16.42
CB MSE E 48 -10.22 4.08 -13.24
CG MSE E 48 -10.38 5.58 -13.33
SE MSE E 48 -11.34 6.38 -11.86
CE MSE E 48 -11.14 8.18 -12.36
N VAL E 49 -11.44 1.79 -14.79
CA VAL E 49 -12.65 1.23 -15.39
C VAL E 49 -13.82 2.21 -15.28
N ASP F 4 16.54 11.92 -7.77
CA ASP F 4 17.18 11.92 -6.45
C ASP F 4 16.27 11.21 -5.44
N PRO F 5 16.26 11.65 -4.18
CA PRO F 5 15.08 11.27 -3.41
C PRO F 5 13.85 12.05 -3.85
N GLU F 6 14.04 12.75 -4.97
CA GLU F 6 13.04 13.58 -5.58
C GLU F 6 12.18 12.66 -6.38
N PHE F 7 12.81 11.70 -7.02
CA PHE F 7 12.10 10.71 -7.81
C PHE F 7 11.17 9.90 -6.94
N SER F 8 11.61 9.56 -5.75
CA SER F 8 10.85 8.70 -4.89
C SER F 8 9.77 9.47 -4.19
N ALA F 9 10.10 10.68 -3.80
CA ALA F 9 9.09 11.64 -3.36
C ALA F 9 7.97 11.79 -4.38
N GLN F 10 8.34 12.01 -5.63
CA GLN F 10 7.36 12.14 -6.69
C GLN F 10 6.56 10.87 -6.86
N LEU F 11 7.21 9.72 -6.93
CA LEU F 11 6.48 8.48 -7.06
C LEU F 11 5.41 8.33 -5.98
N GLY F 12 5.77 8.53 -4.72
CA GLY F 12 4.77 8.32 -3.69
C GLY F 12 3.69 9.37 -3.60
N ALA F 13 4.06 10.61 -3.88
CA ALA F 13 3.10 11.70 -3.86
C ALA F 13 2.11 11.57 -4.99
N MSE F 14 2.58 11.16 -6.15
CA MSE F 14 1.72 11.06 -7.29
C MSE F 14 0.80 9.88 -7.14
O MSE F 14 -0.32 9.92 -7.57
CB MSE F 14 2.52 10.96 -8.57
CG MSE F 14 3.26 12.25 -8.86
SE MSE F 14 2.16 13.81 -9.09
CE MSE F 14 2.05 13.71 -10.98
N GLN F 15 1.27 8.84 -6.49
CA GLN F 15 0.33 7.76 -6.27
C GLN F 15 -0.76 8.14 -5.29
N HIS F 16 -0.40 8.79 -4.19
CA HIS F 16 -1.43 9.18 -3.25
C HIS F 16 -2.44 10.08 -3.91
N LEU F 17 -1.96 11.04 -4.69
CA LEU F 17 -2.86 11.98 -5.34
C LEU F 17 -3.75 11.31 -6.37
N LYS F 18 -3.22 10.38 -7.14
CA LYS F 18 -4.04 9.67 -8.10
C LYS F 18 -5.12 8.85 -7.40
N ASP F 19 -4.82 8.34 -6.21
CA ASP F 19 -5.78 7.50 -5.48
C ASP F 19 -6.89 8.39 -5.03
N GLN F 20 -6.51 9.56 -4.58
CA GLN F 20 -7.46 10.56 -4.16
C GLN F 20 -8.41 10.98 -5.27
N LEU F 21 -7.86 11.21 -6.43
CA LEU F 21 -8.64 11.65 -7.57
C LEU F 21 -9.59 10.58 -8.02
N GLU F 22 -9.16 9.33 -8.02
CA GLU F 22 -10.06 8.22 -8.38
C GLU F 22 -11.20 8.04 -7.38
N GLN F 23 -10.90 8.22 -6.10
CA GLN F 23 -11.93 8.06 -5.09
C GLN F 23 -12.95 9.18 -5.23
N ARG F 24 -12.47 10.36 -5.60
CA ARG F 24 -13.32 11.50 -5.80
C ARG F 24 -14.21 11.31 -7.02
N THR F 25 -13.63 10.72 -8.05
CA THR F 25 -14.36 10.41 -9.26
C THR F 25 -15.48 9.41 -8.97
N ARG F 26 -15.19 8.40 -8.17
CA ARG F 26 -16.21 7.42 -7.89
C ARG F 26 -17.35 8.02 -7.08
N MSE F 27 -17.01 8.82 -6.08
CA MSE F 27 -18.04 9.55 -5.34
C MSE F 27 -18.95 10.37 -6.25
O MSE F 27 -20.18 10.26 -6.16
CB MSE F 27 -17.41 10.48 -4.31
CG MSE F 27 -16.67 9.78 -3.21
SE MSE F 27 -17.80 8.55 -2.27
CE MSE F 27 -19.34 9.73 -1.99
N ILE F 28 -18.36 11.18 -7.10
CA ILE F 28 -19.17 12.00 -8.02
C ILE F 28 -20.04 11.14 -8.91
N GLU F 29 -19.50 10.03 -9.39
CA GLU F 29 -20.28 9.15 -10.24
C GLU F 29 -21.52 8.65 -9.52
N ALA F 30 -21.35 8.24 -8.26
CA ALA F 30 -22.50 7.82 -7.48
C ALA F 30 -23.52 8.92 -7.32
N ASN F 31 -23.07 10.13 -6.97
CA ASN F 31 -24.03 11.24 -6.86
C ASN F 31 -24.83 11.44 -8.11
N ILE F 32 -24.16 11.54 -9.25
CA ILE F 32 -24.87 11.76 -10.49
C ILE F 32 -25.85 10.65 -10.81
N HIS F 33 -25.50 9.39 -10.56
CA HIS F 33 -26.46 8.33 -10.82
C HIS F 33 -27.69 8.46 -9.95
N ARG F 34 -27.49 8.78 -8.69
CA ARG F 34 -28.63 8.96 -7.79
C ARG F 34 -29.53 10.12 -8.24
N GLN F 35 -28.91 11.23 -8.66
CA GLN F 35 -29.65 12.39 -9.15
C GLN F 35 -30.40 12.09 -10.43
N GLN F 36 -29.78 11.32 -11.29
CA GLN F 36 -30.40 10.91 -12.54
C GLN F 36 -31.61 10.02 -12.26
N GLU F 37 -31.54 9.20 -11.22
CA GLU F 37 -32.68 8.38 -10.89
C GLU F 37 -33.81 9.25 -10.36
N GLU F 38 -33.52 10.19 -9.48
CA GLU F 38 -34.58 11.10 -9.05
C GLU F 38 -35.17 11.88 -10.23
N LEU F 39 -34.32 12.31 -11.15
CA LEU F 39 -34.81 12.92 -12.38
C LEU F 39 -35.79 12.05 -13.12
N ARG F 40 -35.44 10.79 -13.32
CA ARG F 40 -36.34 9.90 -14.03
C ARG F 40 -37.68 9.74 -13.31
N LYS F 41 -37.65 9.59 -12.00
CA LYS F 41 -38.91 9.51 -11.29
C LYS F 41 -39.75 10.79 -11.47
N ILE F 42 -39.12 11.96 -11.34
CA ILE F 42 -39.82 13.21 -11.56
C ILE F 42 -40.43 13.34 -12.96
N GLN F 43 -39.66 13.02 -13.99
CA GLN F 43 -40.13 13.09 -15.36
C GLN F 43 -41.25 12.12 -15.64
N GLU F 44 -41.20 10.99 -14.97
CA GLU F 44 -42.23 9.99 -15.10
C GLU F 44 -43.53 10.56 -14.59
N GLN F 45 -43.55 10.96 -13.33
CA GLN F 45 -44.70 11.64 -12.74
C GLN F 45 -45.32 12.77 -13.57
N LEU F 46 -44.57 13.44 -14.44
CA LEU F 46 -45.19 14.46 -15.30
C LEU F 46 -45.80 13.85 -16.55
N GLN F 47 -46.03 12.54 -16.55
CA GLN F 47 -46.90 11.99 -17.56
C GLN F 47 -47.94 11.06 -16.97
N GLY G 1 18.25 -56.77 2.01
CA GLY G 1 16.99 -56.08 2.15
C GLY G 1 16.79 -55.54 3.55
N ASN G 2 15.75 -56.06 4.22
CA ASN G 2 15.52 -55.92 5.67
C ASN G 2 14.80 -54.60 5.92
N THR G 3 15.11 -53.59 5.11
CA THR G 3 14.62 -52.22 5.27
C THR G 3 13.12 -52.03 5.12
N LEU G 4 12.52 -52.55 4.08
CA LEU G 4 11.08 -52.41 3.92
C LEU G 4 10.29 -53.04 5.04
N VAL G 5 10.73 -54.19 5.52
CA VAL G 5 10.03 -54.88 6.59
C VAL G 5 10.12 -54.11 7.89
N VAL G 6 11.31 -53.61 8.19
CA VAL G 6 11.48 -52.77 9.36
C VAL G 6 10.61 -51.56 9.27
N LEU G 7 10.65 -50.88 8.14
CA LEU G 7 9.85 -49.69 7.91
C LEU G 7 8.38 -49.93 8.11
N HIS G 8 7.89 -51.05 7.61
CA HIS G 8 6.50 -51.45 7.82
C HIS G 8 6.16 -51.80 9.28
N LYS G 9 6.97 -52.62 9.91
CA LYS G 9 6.72 -53.04 11.26
C LYS G 9 6.80 -51.93 12.29
N SER G 10 7.71 -50.98 12.09
CA SER G 10 7.89 -49.87 13.02
C SER G 10 6.91 -48.73 12.83
N GLY G 11 6.04 -48.86 11.86
CA GLY G 11 5.43 -47.76 11.15
C GLY G 11 6.16 -46.46 10.90
N LEU G 12 7.37 -46.58 10.38
CA LEU G 12 8.14 -45.47 9.91
C LEU G 12 7.91 -45.30 8.42
N LEU G 13 7.12 -46.18 7.84
CA LEU G 13 6.86 -46.13 6.41
C LEU G 13 6.04 -44.88 6.01
N GLU G 14 4.91 -44.68 6.68
CA GLU G 14 4.07 -43.50 6.51
C GLU G 14 4.86 -42.23 6.72
N ILE G 15 5.62 -42.22 7.79
CA ILE G 15 6.45 -41.07 8.17
C ILE G 15 7.51 -40.78 7.12
N THR G 16 8.11 -41.82 6.56
CA THR G 16 9.08 -41.61 5.50
C THR G 16 8.44 -40.94 4.33
N LEU G 17 7.26 -41.41 3.94
CA LEU G 17 6.61 -40.84 2.78
C LEU G 17 6.13 -39.40 2.99
N LYS G 18 5.45 -39.15 4.10
CA LYS G 18 5.01 -37.81 4.44
C LYS G 18 6.19 -36.85 4.52
N THR G 19 7.32 -37.34 5.04
CA THR G 19 8.51 -36.52 5.18
C THR G 19 9.09 -36.18 3.83
N LYS G 20 9.12 -37.13 2.91
CA LYS G 20 9.63 -36.88 1.58
C LYS G 20 8.74 -35.88 0.81
N GLU G 21 7.43 -35.99 0.97
CA GLU G 21 6.54 -34.99 0.36
C GLU G 21 6.73 -33.60 0.95
N LEU G 22 6.91 -33.51 2.25
CA LEU G 22 7.12 -32.21 2.88
C LEU G 22 8.40 -31.62 2.37
N ILE G 23 9.41 -32.44 2.14
CA ILE G 23 10.64 -31.93 1.56
C ILE G 23 10.40 -31.38 0.16
N ARG G 24 9.65 -32.10 -0.66
CA ARG G 24 9.34 -31.59 -1.98
C ARG G 24 8.62 -30.25 -1.96
N GLN G 25 7.54 -30.17 -1.18
CA GLN G 25 6.78 -28.95 -1.08
C GLN G 25 7.58 -27.78 -0.58
N ASN G 26 8.39 -28.00 0.45
CA ASN G 26 9.20 -26.94 0.98
C ASN G 26 10.25 -26.46 0.00
N GLN G 27 10.77 -27.37 -0.80
CA GLN G 27 11.75 -26.98 -1.80
C GLN G 27 11.08 -26.12 -2.88
N ALA G 28 9.87 -26.47 -3.29
CA ALA G 28 9.12 -25.61 -4.18
C ALA G 28 8.89 -24.22 -3.57
N THR G 29 8.47 -24.16 -2.30
CA THR G 29 8.27 -22.90 -1.59
C THR G 29 9.55 -22.08 -1.52
N GLN G 30 10.68 -22.77 -1.41
CA GLN G 30 11.96 -22.10 -1.46
C GLN G 30 12.23 -21.48 -2.82
N ALA G 31 11.86 -22.17 -3.88
CA ALA G 31 12.01 -21.64 -5.21
C ALA G 31 11.18 -20.37 -5.37
N GLU G 32 9.93 -20.46 -4.95
CA GLU G 32 9.06 -19.29 -4.97
C GLU G 32 9.67 -18.12 -4.22
N LEU G 33 10.25 -18.38 -3.04
CA LEU G 33 10.86 -17.33 -2.23
C LEU G 33 12.07 -16.70 -2.86
N ASP G 34 12.90 -17.49 -3.51
CA ASP G 34 14.05 -16.91 -4.19
C ASP G 34 13.60 -15.98 -5.32
N GLN G 35 12.62 -16.42 -6.11
CA GLN G 35 12.14 -15.54 -7.17
C GLN G 35 11.56 -14.26 -6.62
N LEU G 36 10.72 -14.38 -5.60
CA LEU G 36 10.09 -13.22 -4.96
C LEU G 36 11.12 -12.29 -4.35
N LYS G 37 12.18 -12.86 -3.82
CA LYS G 37 13.24 -12.06 -3.23
C LYS G 37 13.91 -11.22 -4.29
N GLU G 38 14.21 -11.81 -5.44
CA GLU G 38 14.81 -10.96 -6.46
C GLU G 38 13.84 -9.95 -7.08
N GLN G 39 12.61 -10.34 -7.34
CA GLN G 39 11.71 -9.34 -7.92
C GLN G 39 11.47 -8.20 -6.94
N THR G 40 11.42 -8.49 -5.66
CA THR G 40 11.32 -7.47 -4.64
C THR G 40 12.51 -6.53 -4.66
N GLN G 41 13.70 -7.09 -4.51
CA GLN G 41 14.91 -6.28 -4.64
C GLN G 41 14.84 -5.34 -5.86
N MSE G 42 14.51 -5.87 -7.04
CA MSE G 42 14.42 -5.07 -8.26
C MSE G 42 13.38 -3.94 -8.19
O MSE G 42 13.59 -2.83 -8.69
CB MSE G 42 14.12 -5.99 -9.43
CG MSE G 42 13.48 -5.32 -10.62
SE MSE G 42 12.46 -6.59 -11.68
CE MSE G 42 13.66 -8.11 -11.61
N PHE G 43 12.25 -4.25 -7.56
CA PHE G 43 11.23 -3.27 -7.22
C PHE G 43 11.81 -2.09 -6.39
N ILE G 44 12.40 -2.40 -5.25
CA ILE G 44 13.02 -1.39 -4.39
C ILE G 44 14.05 -0.53 -5.13
N GLU G 45 15.00 -1.23 -5.74
CA GLU G 45 16.03 -0.66 -6.57
C GLU G 45 15.45 0.37 -7.50
N ALA G 46 14.32 0.03 -8.12
CA ALA G 46 13.67 0.94 -9.05
C ALA G 46 12.77 1.98 -8.41
N THR G 47 12.56 1.93 -7.10
CA THR G 47 11.74 2.99 -6.53
C THR G 47 12.69 3.99 -5.93
N LYS G 48 13.98 3.69 -5.98
CA LYS G 48 14.99 4.59 -5.47
C LYS G 48 15.58 5.43 -6.60
N SER G 49 15.53 4.93 -7.82
CA SER G 49 15.99 5.61 -9.03
C SER G 49 15.11 5.18 -10.20
N ARG G 50 14.75 5.93 -11.25
CA ARG G 50 15.07 7.24 -11.89
C ARG G 50 16.10 6.90 -12.96
N ALA G 51 17.19 6.26 -12.58
CA ALA G 51 18.31 6.04 -13.49
C ALA G 51 17.89 4.97 -14.50
N PRO G 52 18.42 5.03 -15.72
CA PRO G 52 18.00 4.02 -16.69
C PRO G 52 18.55 2.65 -16.30
N GLN G 53 19.75 2.62 -15.75
CA GLN G 53 20.21 1.40 -15.14
C GLN G 53 19.34 1.31 -13.91
N ALA G 54 18.83 0.11 -13.62
CA ALA G 54 17.86 -0.23 -12.55
C ALA G 54 16.44 -0.39 -13.11
N TRP G 55 16.09 0.39 -14.13
CA TRP G 55 14.82 0.20 -14.83
C TRP G 55 15.02 -0.75 -15.99
N ALA G 56 16.28 -0.93 -16.37
CA ALA G 56 16.61 -1.79 -17.49
C ALA G 56 16.30 -3.23 -17.15
N LYS G 57 16.64 -3.62 -15.94
CA LYS G 57 16.38 -4.97 -15.46
C LYS G 57 14.89 -5.27 -15.43
N LEU G 58 14.12 -4.32 -14.96
CA LEU G 58 12.69 -4.48 -14.87
C LEU G 58 12.02 -4.62 -16.23
N GLN G 59 12.36 -3.72 -17.14
CA GLN G 59 11.77 -3.76 -18.46
C GLN G 59 12.21 -5.03 -19.16
N ALA G 60 13.44 -5.45 -18.91
CA ALA G 60 13.95 -6.70 -19.45
C ALA G 60 13.15 -7.87 -18.89
N SER G 61 12.71 -7.74 -17.65
CA SER G 61 11.91 -8.79 -17.04
C SER G 61 10.55 -8.82 -17.70
N LEU G 62 10.10 -7.67 -18.17
CA LEU G 62 8.77 -7.57 -18.79
C LEU G 62 8.71 -8.19 -20.17
N THR G 63 9.86 -8.45 -20.78
CA THR G 63 9.87 -8.96 -22.14
C THR G 63 10.19 -10.45 -22.17
N GLY H 1 12.37 20.95 -12.85
CA GLY H 1 11.77 21.21 -14.14
C GLY H 1 10.72 20.20 -14.47
N ALA H 2 10.50 19.92 -15.75
CA ALA H 2 9.49 18.96 -16.16
C ALA H 2 9.86 17.60 -15.63
N MSE H 3 8.93 16.65 -15.70
CA MSE H 3 9.27 15.33 -15.23
C MSE H 3 9.30 14.32 -16.35
O MSE H 3 8.47 14.34 -17.24
CB MSE H 3 8.34 14.89 -14.08
CG MSE H 3 6.92 14.49 -14.41
SE MSE H 3 5.85 14.54 -12.78
CE MSE H 3 5.88 16.38 -12.65
N ASP H 4 10.33 13.50 -16.29
CA ASP H 4 10.68 12.44 -17.24
C ASP H 4 9.48 11.90 -18.00
N PRO H 5 9.56 11.90 -19.33
CA PRO H 5 8.44 11.46 -20.17
C PRO H 5 8.02 10.05 -19.82
N GLU H 6 8.94 9.31 -19.21
CA GLU H 6 8.72 7.94 -18.81
C GLU H 6 8.01 7.85 -17.46
N PHE H 7 7.85 8.96 -16.76
CA PHE H 7 7.34 8.96 -15.39
C PHE H 7 5.99 8.33 -15.14
N SER H 8 5.05 8.55 -16.05
CA SER H 8 3.71 8.03 -15.88
C SER H 8 3.67 6.49 -15.94
N ALA H 9 4.47 5.95 -16.85
CA ALA H 9 4.67 4.50 -17.00
C ALA H 9 5.34 3.90 -15.80
N GLN H 10 6.31 4.62 -15.26
CA GLN H 10 7.00 4.19 -14.06
C GLN H 10 6.05 4.12 -12.88
N LEU H 11 5.21 5.13 -12.74
CA LEU H 11 4.21 5.15 -11.68
C LEU H 11 3.29 3.94 -11.77
N GLY H 12 2.81 3.66 -12.98
CA GLY H 12 1.93 2.51 -13.18
C GLY H 12 2.58 1.16 -12.95
N ALA H 13 3.78 0.98 -13.47
CA ALA H 13 4.52 -0.25 -13.27
C ALA H 13 4.78 -0.50 -11.80
N MSE H 14 5.02 0.56 -11.03
CA MSE H 14 5.23 0.37 -9.61
C MSE H 14 3.95 -0.10 -8.93
O MSE H 14 4.01 -0.98 -8.08
CB MSE H 14 5.72 1.64 -8.94
CG MSE H 14 7.07 2.08 -9.41
SE MSE H 14 8.45 0.86 -8.87
CE MSE H 14 8.61 -0.31 -10.41
N GLN H 15 2.82 0.46 -9.31
CA GLN H 15 1.54 0.05 -8.74
C GLN H 15 1.29 -1.43 -8.93
N HIS H 16 1.46 -1.84 -10.18
CA HIS H 16 1.18 -3.21 -10.57
C HIS H 16 2.16 -4.19 -9.95
N LEU H 17 3.44 -3.87 -9.95
CA LEU H 17 4.39 -4.70 -9.25
C LEU H 17 4.09 -4.83 -7.78
N LYS H 18 3.76 -3.72 -7.12
CA LYS H 18 3.53 -3.80 -5.70
C LYS H 18 2.35 -4.70 -5.39
N ASP H 19 1.30 -4.58 -6.19
CA ASP H 19 0.13 -5.41 -5.95
C ASP H 19 0.46 -6.88 -6.16
N GLN H 20 1.17 -7.18 -7.23
CA GLN H 20 1.60 -8.55 -7.43
C GLN H 20 2.46 -9.14 -6.33
N LEU H 21 3.50 -8.42 -5.95
CA LEU H 21 4.42 -8.94 -4.96
C LEU H 21 3.75 -9.15 -3.63
N GLU H 22 2.84 -8.25 -3.25
CA GLU H 22 2.10 -8.47 -2.00
C GLU H 22 1.23 -9.73 -2.08
N GLN H 23 0.59 -9.94 -3.22
CA GLN H 23 -0.25 -11.11 -3.39
C GLN H 23 0.57 -12.38 -3.23
N ARG H 24 1.75 -12.39 -3.84
CA ARG H 24 2.63 -13.53 -3.75
C ARG H 24 3.14 -13.74 -2.34
N THR H 25 3.46 -12.67 -1.64
CA THR H 25 3.90 -12.77 -0.25
C THR H 25 2.87 -13.44 0.63
N ARG H 26 1.61 -13.08 0.45
CA ARG H 26 0.58 -13.70 1.27
C ARG H 26 0.41 -15.18 0.93
N MSE H 27 0.50 -15.52 -0.36
CA MSE H 27 0.41 -16.91 -0.75
C MSE H 27 1.49 -17.76 -0.12
O MSE H 27 1.22 -18.80 0.50
CB MSE H 27 0.49 -17.06 -2.26
CG MSE H 27 -0.70 -16.48 -2.99
SE MSE H 27 -0.83 -17.18 -4.82
CE MSE H 27 -0.20 -15.63 -5.82
N ILE H 28 2.74 -17.33 -0.27
CA ILE H 28 3.87 -18.06 0.28
C ILE H 28 3.76 -18.18 1.81
N GLU H 29 3.33 -17.11 2.49
CA GLU H 29 3.15 -17.16 3.94
C GLU H 29 2.19 -18.24 4.37
N ALA H 30 1.07 -18.32 3.67
CA ALA H 30 0.11 -19.36 3.97
C ALA H 30 0.75 -20.73 3.78
N ASN H 31 1.44 -20.90 2.65
CA ASN H 31 2.13 -22.16 2.36
C ASN H 31 3.06 -22.62 3.48
N ILE H 32 3.92 -21.73 3.92
CA ILE H 32 4.87 -22.05 4.95
C ILE H 32 4.15 -22.41 6.25
N HIS H 33 3.03 -21.76 6.54
CA HIS H 33 2.28 -22.17 7.74
C HIS H 33 1.68 -23.58 7.64
N ARG H 34 1.14 -23.93 6.48
CA ARG H 34 0.63 -25.27 6.31
C ARG H 34 1.75 -26.26 6.53
N GLN H 35 2.91 -25.95 5.96
CA GLN H 35 4.09 -26.81 6.07
C GLN H 35 4.59 -26.95 7.50
N GLN H 36 4.51 -25.88 8.29
CA GLN H 36 4.87 -25.97 9.69
C GLN H 36 3.97 -26.96 10.39
N GLU H 37 2.70 -26.92 10.06
CA GLU H 37 1.80 -27.93 10.63
C GLU H 37 2.14 -29.36 10.23
N GLU H 38 2.39 -29.62 8.96
CA GLU H 38 2.78 -30.96 8.56
C GLU H 38 4.06 -31.41 9.28
N LEU H 39 5.00 -30.49 9.41
CA LEU H 39 6.24 -30.79 10.12
C LEU H 39 6.02 -31.17 11.56
N ARG H 40 5.21 -30.40 12.29
CA ARG H 40 4.99 -30.74 13.68
C ARG H 40 4.19 -32.03 13.83
N LYS H 41 3.24 -32.28 12.94
CA LYS H 41 2.55 -33.55 13.00
C LYS H 41 3.50 -34.72 12.79
N ILE H 42 4.42 -34.59 11.85
CA ILE H 42 5.45 -35.62 11.64
C ILE H 42 6.37 -35.78 12.86
N GLN H 43 6.80 -34.67 13.43
CA GLN H 43 7.64 -34.70 14.62
C GLN H 43 6.94 -35.38 15.76
N GLU H 44 5.63 -35.16 15.85
CA GLU H 44 4.81 -35.78 16.86
C GLU H 44 4.69 -37.28 16.62
N GLN H 45 4.45 -37.67 15.38
CA GLN H 45 4.39 -39.07 15.02
C GLN H 45 5.69 -39.79 15.28
N LEU H 46 6.80 -39.06 15.28
CA LEU H 46 8.08 -39.71 15.47
C LEU H 46 8.42 -39.91 16.93
N GLN H 47 7.76 -39.18 17.82
CA GLN H 47 7.94 -39.38 19.24
C GLN H 47 7.58 -40.82 19.57
N MSE H 48 6.53 -41.28 18.90
CA MSE H 48 5.88 -42.53 19.23
C MSE H 48 6.42 -43.74 18.51
O MSE H 48 5.65 -44.58 18.05
CB MSE H 48 4.39 -42.41 18.91
CG MSE H 48 3.69 -41.25 19.53
SE MSE H 48 1.87 -41.23 18.91
CE MSE H 48 1.28 -42.94 19.61
N VAL H 49 7.74 -43.85 18.37
CA VAL H 49 8.30 -45.07 17.84
C VAL H 49 9.25 -45.65 18.88
N HIS H 50 8.69 -46.61 19.60
CA HIS H 50 9.23 -47.24 20.78
C HIS H 50 8.00 -48.04 21.20
N GLY H 51 8.06 -48.99 22.14
CA GLY H 51 9.17 -49.24 23.04
C GLY H 51 8.64 -49.14 24.46
N GLY I 1 12.04 -68.78 19.86
CA GLY I 1 12.54 -67.70 20.70
C GLY I 1 11.77 -67.78 21.98
N ALA I 2 12.22 -67.27 23.12
CA ALA I 2 13.23 -66.22 23.38
C ALA I 2 12.79 -64.92 22.75
N MSE I 3 13.24 -64.68 21.54
CA MSE I 3 12.81 -63.55 20.77
C MSE I 3 12.96 -63.94 19.31
O MSE I 3 13.70 -64.85 19.01
CB MSE I 3 13.67 -62.33 21.11
CG MSE I 3 13.04 -61.02 20.83
SE MSE I 3 12.34 -60.21 22.42
CE MSE I 3 10.68 -61.12 22.45
N ASP I 4 12.24 -63.27 18.43
CA ASP I 4 12.32 -63.54 17.00
C ASP I 4 13.78 -63.50 16.61
N PRO I 5 14.23 -64.44 15.77
CA PRO I 5 15.67 -64.32 15.53
C PRO I 5 16.05 -63.20 14.62
N GLU I 6 15.07 -62.44 14.16
CA GLU I 6 15.36 -61.34 13.28
C GLU I 6 15.22 -60.00 14.02
N PHE I 7 14.90 -60.06 15.31
CA PHE I 7 14.62 -58.88 16.11
C PHE I 7 15.71 -57.88 16.26
N SER I 8 16.95 -58.28 16.50
CA SER I 8 17.97 -57.29 16.76
C SER I 8 18.49 -56.61 15.51
N ALA I 9 18.46 -57.31 14.39
CA ALA I 9 18.61 -56.72 13.06
C ALA I 9 17.63 -55.59 12.83
N GLN I 10 16.37 -55.88 13.04
CA GLN I 10 15.30 -54.92 12.90
C GLN I 10 15.39 -53.77 13.87
N LEU I 11 15.63 -54.04 15.13
CA LEU I 11 15.89 -53.02 16.13
C LEU I 11 16.93 -52.02 15.69
N GLY I 12 18.06 -52.52 15.21
CA GLY I 12 19.13 -51.59 14.85
C GLY I 12 18.88 -50.85 13.57
N ALA I 13 18.13 -51.50 12.68
CA ALA I 13 17.75 -50.88 11.43
C ALA I 13 16.75 -49.78 11.71
N MSE I 14 15.83 -50.06 12.61
CA MSE I 14 14.88 -49.09 13.05
C MSE I 14 15.50 -47.88 13.71
O MSE I 14 15.09 -46.76 13.48
CB MSE I 14 13.88 -49.72 13.99
CG MSE I 14 12.73 -48.82 14.29
SE MSE I 14 12.00 -49.06 16.00
CE MSE I 14 13.07 -47.81 16.95
N GLN I 15 16.49 -48.10 14.57
CA GLN I 15 17.17 -46.98 15.20
C GLN I 15 17.89 -46.16 14.13
N HIS I 16 18.56 -46.80 13.20
CA HIS I 16 19.19 -46.03 12.14
C HIS I 16 18.21 -45.19 11.31
N LEU I 17 17.11 -45.80 10.90
CA LEU I 17 16.14 -45.13 10.05
C LEU I 17 15.44 -44.00 10.79
N LYS I 18 15.10 -44.22 12.05
CA LYS I 18 14.46 -43.20 12.86
C LYS I 18 15.42 -42.05 13.08
N ASP I 19 16.69 -42.37 13.11
CA ASP I 19 17.73 -41.39 13.36
C ASP I 19 17.83 -40.49 12.15
N GLN I 20 17.83 -41.11 10.98
CA GLN I 20 17.87 -40.38 9.73
C GLN I 20 16.63 -39.50 9.54
N LEU I 21 15.47 -40.02 9.92
CA LEU I 21 14.22 -39.31 9.78
C LEU I 21 14.20 -38.10 10.69
N GLU I 22 14.70 -38.26 11.90
CA GLU I 22 14.79 -37.12 12.80
C GLU I 22 15.77 -36.06 12.26
N GLN I 23 16.83 -36.50 11.59
CA GLN I 23 17.76 -35.54 11.04
C GLN I 23 17.14 -34.74 9.92
N ARG I 24 16.35 -35.40 9.08
CA ARG I 24 15.69 -34.71 7.97
C ARG I 24 14.63 -33.81 8.49
N THR I 25 13.97 -34.24 9.55
CA THR I 25 13.00 -33.40 10.20
C THR I 25 13.57 -32.10 10.74
N ARG I 26 14.71 -32.12 11.40
CA ARG I 26 15.21 -30.83 11.88
C ARG I 26 15.85 -30.02 10.77
N MSE I 27 16.24 -30.68 9.68
CA MSE I 27 16.63 -29.94 8.48
C MSE I 27 15.46 -29.12 7.93
O MSE I 27 15.58 -27.93 7.70
CB MSE I 27 17.15 -30.87 7.40
CG MSE I 27 17.44 -30.16 6.10
SE MSE I 27 17.44 -31.29 4.51
CE MSE I 27 19.36 -31.45 4.29
N ILE I 28 14.33 -29.79 7.73
CA ILE I 28 13.11 -29.14 7.32
C ILE I 28 12.78 -27.99 8.26
N GLU I 29 12.92 -28.21 9.56
CA GLU I 29 12.61 -27.20 10.55
C GLU I 29 13.49 -25.94 10.40
N ALA I 30 14.78 -26.18 10.21
CA ALA I 30 15.74 -25.09 10.02
C ALA I 30 15.38 -24.27 8.80
N ASN I 31 15.10 -24.98 7.73
CA ASN I 31 14.66 -24.37 6.50
C ASN I 31 13.45 -23.50 6.70
N ILE I 32 12.41 -24.01 7.35
CA ILE I 32 11.20 -23.23 7.57
C ILE I 32 11.42 -21.97 8.38
N HIS I 33 12.20 -22.02 9.45
CA HIS I 33 12.42 -20.78 10.20
C HIS I 33 13.16 -19.76 9.35
N ARG I 34 14.15 -20.24 8.62
CA ARG I 34 14.88 -19.36 7.73
C ARG I 34 13.99 -18.73 6.68
N GLN I 35 13.10 -19.52 6.13
CA GLN I 35 12.15 -19.03 5.14
C GLN I 35 11.20 -18.00 5.74
N GLN I 36 10.76 -18.20 6.96
CA GLN I 36 9.91 -17.19 7.57
C GLN I 36 10.65 -15.88 7.81
N GLU I 37 11.93 -15.92 8.16
CA GLU I 37 12.60 -14.65 8.33
C GLU I 37 12.82 -13.99 6.98
N GLU I 38 13.19 -14.76 5.96
CA GLU I 38 13.31 -14.17 4.63
C GLU I 38 11.99 -13.50 4.18
N LEU I 39 10.90 -14.22 4.41
CA LEU I 39 9.59 -13.68 4.14
C LEU I 39 9.36 -12.36 4.88
N ARG I 40 9.65 -12.30 6.18
CA ARG I 40 9.45 -11.04 6.89
C ARG I 40 10.31 -9.90 6.34
N LYS I 41 11.56 -10.16 5.96
CA LYS I 41 12.33 -9.07 5.37
C LYS I 41 11.60 -8.54 4.14
N ILE I 42 11.15 -9.45 3.29
CA ILE I 42 10.41 -9.06 2.10
C ILE I 42 9.17 -8.26 2.49
N GLN I 43 8.46 -8.69 3.52
CA GLN I 43 7.28 -7.96 3.95
C GLN I 43 7.57 -6.56 4.44
N GLU I 44 8.72 -6.36 5.08
CA GLU I 44 9.08 -5.02 5.48
C GLU I 44 9.34 -4.17 4.25
N GLN I 45 10.34 -4.56 3.46
CA GLN I 45 10.63 -3.91 2.19
C GLN I 45 9.40 -3.39 1.41
N LEU I 46 8.23 -3.95 1.66
CA LEU I 46 7.00 -3.51 1.01
C LEU I 46 6.05 -2.75 1.93
N GLN I 47 6.53 -2.32 3.09
CA GLN I 47 5.68 -1.77 4.15
C GLN I 47 4.35 -2.49 4.33
N GLY J 1 12.64 19.97 -5.48
CA GLY J 1 11.58 19.89 -4.49
C GLY J 1 12.05 19.46 -3.11
N ASN J 2 12.66 20.40 -2.40
CA ASN J 2 13.17 20.18 -1.05
C ASN J 2 12.01 19.81 -0.12
N THR J 3 10.99 20.66 -0.10
CA THR J 3 9.87 20.46 0.81
C THR J 3 9.22 19.10 0.61
N LEU J 4 8.96 18.74 -0.64
CA LEU J 4 8.37 17.44 -0.96
C LEU J 4 9.21 16.25 -0.49
N VAL J 5 10.53 16.37 -0.60
CA VAL J 5 11.41 15.31 -0.15
C VAL J 5 11.41 15.22 1.37
N VAL J 6 11.43 16.37 2.04
CA VAL J 6 11.33 16.38 3.49
C VAL J 6 10.04 15.73 3.93
N LEU J 7 8.94 16.09 3.29
CA LEU J 7 7.67 15.45 3.58
C LEU J 7 7.73 13.94 3.34
N HIS J 8 8.35 13.53 2.25
CA HIS J 8 8.39 12.12 1.92
C HIS J 8 9.18 11.29 2.92
N LYS J 9 10.39 11.73 3.25
CA LYS J 9 11.23 11.02 4.20
C LYS J 9 10.69 11.01 5.61
N SER J 10 9.97 12.06 5.98
CA SER J 10 9.40 12.20 7.30
C SER J 10 8.17 11.34 7.46
N GLY J 11 7.75 10.69 6.36
CA GLY J 11 6.38 10.33 6.11
C GLY J 11 5.24 11.17 6.65
N LEU J 12 5.35 12.47 6.41
CA LEU J 12 4.30 13.42 6.67
C LEU J 12 3.51 13.71 5.40
N LEU J 13 3.90 13.09 4.30
CA LEU J 13 3.28 13.36 3.01
C LEU J 13 1.84 12.88 2.86
N GLU J 14 1.61 11.60 3.09
CA GLU J 14 0.27 11.07 3.01
C GLU J 14 -0.66 11.83 3.94
N ILE J 15 -0.18 12.14 5.14
CA ILE J 15 -0.96 12.90 6.12
C ILE J 15 -1.30 14.30 5.60
N THR J 16 -0.36 14.93 4.91
CA THR J 16 -0.55 16.25 4.35
C THR J 16 -1.68 16.24 3.33
N LEU J 17 -1.66 15.20 2.49
CA LEU J 17 -2.69 15.08 1.46
C LEU J 17 -4.05 14.78 2.05
N LYS J 18 -4.10 13.84 2.99
CA LYS J 18 -5.36 13.54 3.64
C LYS J 18 -5.93 14.78 4.30
N THR J 19 -5.06 15.59 4.90
CA THR J 19 -5.50 16.80 5.59
C THR J 19 -6.06 17.83 4.62
N LYS J 20 -5.39 18.00 3.48
CA LYS J 20 -5.90 18.94 2.48
C LYS J 20 -7.27 18.51 1.97
N GLU J 21 -7.41 17.20 1.77
CA GLU J 21 -8.67 16.66 1.29
C GLU J 21 -9.79 16.86 2.29
N LEU J 22 -9.48 16.60 3.55
CA LEU J 22 -10.45 16.74 4.63
C LEU J 22 -10.86 18.19 4.78
N ILE J 23 -9.91 19.09 4.60
CA ILE J 23 -10.21 20.50 4.61
C ILE J 23 -11.18 20.86 3.50
N ARG J 24 -10.95 20.31 2.31
CA ARG J 24 -11.82 20.56 1.17
C ARG J 24 -13.24 20.10 1.42
N GLN J 25 -13.35 18.84 1.82
CA GLN J 25 -14.64 18.24 2.10
C GLN J 25 -15.37 19.00 3.17
N ASN J 26 -14.67 19.37 4.22
CA ASN J 26 -15.26 20.11 5.33
C ASN J 26 -15.72 21.50 4.90
N GLN J 27 -15.01 22.16 4.01
CA GLN J 27 -15.52 23.45 3.54
C GLN J 27 -16.78 23.30 2.72
N ALA J 28 -16.83 22.25 1.89
CA ALA J 28 -18.06 21.96 1.15
C ALA J 28 -19.23 21.75 2.12
N THR J 29 -18.99 20.95 3.16
CA THR J 29 -19.99 20.69 4.19
C THR J 29 -20.40 21.97 4.90
N GLN J 30 -19.47 22.89 5.05
CA GLN J 30 -19.78 24.19 5.62
C GLN J 30 -20.74 25.00 4.76
N ALA J 31 -20.53 24.99 3.45
CA ALA J 31 -21.46 25.64 2.52
C ALA J 31 -22.87 25.03 2.59
N GLU J 32 -22.90 23.71 2.60
CA GLU J 32 -24.15 22.96 2.76
C GLU J 32 -24.91 23.40 3.99
N LEU J 33 -24.16 23.55 5.08
CA LEU J 33 -24.70 23.91 6.40
C LEU J 33 -25.22 25.32 6.45
N ASP J 34 -24.53 26.22 5.77
CA ASP J 34 -25.05 27.58 5.65
C ASP J 34 -26.38 27.59 4.90
N GLN J 35 -26.46 26.87 3.78
CA GLN J 35 -27.74 26.85 3.07
C GLN J 35 -28.85 26.29 3.91
N LEU J 36 -28.61 25.15 4.52
CA LEU J 36 -29.63 24.51 5.33
C LEU J 36 -30.06 25.37 6.48
N LYS J 37 -29.11 26.06 7.09
CA LYS J 37 -29.46 26.93 8.19
C LYS J 37 -30.36 28.06 7.70
N GLU J 38 -30.08 28.63 6.54
CA GLU J 38 -30.95 29.70 6.08
C GLU J 38 -32.34 29.23 5.68
N GLN J 39 -32.43 28.11 4.98
CA GLN J 39 -33.74 27.61 4.59
C GLN J 39 -34.54 27.15 5.79
N THR J 40 -33.87 26.59 6.78
CA THR J 40 -34.53 26.24 8.02
C THR J 40 -35.09 27.51 8.61
N GLN J 41 -34.23 28.46 8.93
CA GLN J 41 -34.65 29.77 9.39
C GLN J 41 -35.90 30.34 8.67
N MSE J 42 -35.95 30.18 7.35
CA MSE J 42 -37.14 30.62 6.60
C MSE J 42 -38.40 29.84 6.92
O MSE J 42 -39.48 30.41 7.01
CB MSE J 42 -36.90 30.52 5.11
CG MSE J 42 -35.91 31.51 4.57
SE MSE J 42 -35.89 31.37 2.67
CE MSE J 42 -34.29 32.42 2.33
N PHE J 43 -38.24 28.51 7.05
CA PHE J 43 -39.33 27.62 7.43
C PHE J 43 -39.94 27.99 8.79
N ILE J 44 -39.09 27.98 9.79
CA ILE J 44 -39.47 28.32 11.15
C ILE J 44 -40.10 29.68 11.25
N GLU J 45 -39.32 30.70 10.93
CA GLU J 45 -39.85 32.05 10.91
C GLU J 45 -41.20 32.11 10.19
N ALA J 46 -41.35 31.38 9.10
CA ALA J 46 -42.64 31.45 8.42
C ALA J 46 -43.71 30.67 9.12
N THR J 47 -43.41 29.94 10.17
CA THR J 47 -44.49 29.26 10.87
C THR J 47 -44.84 29.93 12.18
N LYS J 48 -43.98 30.83 12.62
CA LYS J 48 -44.20 31.51 13.90
C LYS J 48 -44.52 32.98 13.84
N SER J 49 -44.06 33.62 12.79
CA SER J 49 -44.25 35.06 12.67
C SER J 49 -45.71 35.42 12.50
N ARG J 50 -46.05 36.61 12.96
CA ARG J 50 -47.41 37.10 12.91
C ARG J 50 -47.54 38.29 11.96
N ALA J 51 -46.46 38.57 11.23
CA ALA J 51 -46.49 39.35 9.99
C ALA J 51 -46.54 38.44 8.73
N PRO J 52 -47.18 38.90 7.65
CA PRO J 52 -47.40 38.11 6.43
C PRO J 52 -46.12 37.84 5.63
N GLN J 53 -45.21 38.79 5.67
CA GLN J 53 -43.88 38.66 5.08
C GLN J 53 -43.02 37.73 5.89
N ALA J 54 -42.91 36.49 5.42
CA ALA J 54 -42.21 35.39 6.07
C ALA J 54 -42.74 34.18 5.39
N TRP J 55 -44.06 34.14 5.28
CA TRP J 55 -44.72 33.10 4.54
C TRP J 55 -44.82 33.52 3.10
N ALA J 56 -44.79 34.82 2.86
CA ALA J 56 -44.84 35.33 1.51
C ALA J 56 -43.52 35.04 0.82
N LYS J 57 -42.46 35.24 1.57
CA LYS J 57 -41.09 35.00 1.12
C LYS J 57 -40.87 33.53 0.84
N LEU J 58 -41.31 32.72 1.78
CA LEU J 58 -41.18 31.28 1.70
C LEU J 58 -42.03 30.73 0.56
N GLN J 59 -43.26 31.20 0.45
CA GLN J 59 -44.14 30.73 -0.59
C GLN J 59 -43.56 31.07 -1.94
N ALA J 60 -42.96 32.25 -2.02
CA ALA J 60 -42.30 32.68 -3.24
C ALA J 60 -41.09 31.81 -3.54
N SER J 61 -40.44 31.33 -2.50
CA SER J 61 -39.32 30.45 -2.66
C SER J 61 -39.72 29.07 -3.14
N LEU J 62 -40.88 28.59 -2.72
CA LEU J 62 -41.31 27.25 -3.10
C LEU J 62 -41.85 27.15 -4.52
N THR J 63 -42.27 28.27 -5.08
CA THR J 63 -42.98 28.24 -6.35
C THR J 63 -42.12 28.70 -7.51
N SER J 64 -40.83 28.84 -7.26
CA SER J 64 -39.90 29.31 -8.27
C SER J 64 -38.47 29.02 -7.87
N PHE K 7 20.99 15.32 6.84
CA PHE K 7 20.39 14.81 8.07
C PHE K 7 19.63 15.85 8.86
N SER K 8 20.32 16.60 9.71
CA SER K 8 19.64 17.57 10.57
C SER K 8 19.50 18.92 9.91
N ALA K 9 20.02 19.06 8.70
CA ALA K 9 19.51 20.06 7.77
C ALA K 9 18.00 19.91 7.66
N GLN K 10 17.58 18.70 7.35
CA GLN K 10 16.17 18.39 7.27
C GLN K 10 15.40 18.43 8.61
N LEU K 11 15.96 17.84 9.66
CA LEU K 11 15.32 17.73 10.99
C LEU K 11 14.44 18.90 11.46
N GLY K 12 14.96 20.12 11.45
CA GLY K 12 14.18 21.22 11.96
C GLY K 12 13.04 21.55 11.03
N ALA K 13 13.22 21.24 9.76
CA ALA K 13 12.18 21.45 8.78
C ALA K 13 11.10 20.43 9.02
N MSE K 14 11.50 19.17 9.22
CA MSE K 14 10.58 18.10 9.54
C MSE K 14 9.72 18.53 10.74
O MSE K 14 8.48 18.43 10.69
CB MSE K 14 11.35 16.79 9.81
CG MSE K 14 12.20 16.25 8.63
SE MSE K 14 12.86 14.35 8.67
CE MSE K 14 14.24 14.43 10.03
N GLN K 15 10.34 19.05 11.80
CA GLN K 15 9.54 19.53 12.92
C GLN K 15 8.62 20.69 12.57
N HIS K 16 9.12 21.62 11.77
CA HIS K 16 8.29 22.75 11.35
C HIS K 16 7.03 22.32 10.61
N LEU K 17 7.20 21.40 9.67
CA LEU K 17 6.09 20.93 8.87
C LEU K 17 5.14 20.17 9.78
N LYS K 18 5.67 19.37 10.69
CA LYS K 18 4.77 18.67 11.60
C LYS K 18 3.97 19.65 12.47
N ASP K 19 4.55 20.79 12.80
CA ASP K 19 3.86 21.76 13.64
C ASP K 19 2.74 22.43 12.85
N GLN K 20 3.04 22.84 11.61
CA GLN K 20 1.99 23.45 10.79
C GLN K 20 0.86 22.50 10.52
N LEU K 21 1.22 21.24 10.32
CA LEU K 21 0.25 20.22 10.02
C LEU K 21 -0.66 20.00 11.23
N GLU K 22 -0.05 19.99 12.42
CA GLU K 22 -0.83 19.87 13.65
C GLU K 22 -1.76 21.05 13.81
N GLN K 23 -1.30 22.22 13.39
CA GLN K 23 -2.13 23.39 13.54
C GLN K 23 -3.32 23.30 12.61
N ARG K 24 -3.10 22.73 11.42
CA ARG K 24 -4.21 22.61 10.50
C ARG K 24 -5.22 21.62 11.01
N THR K 25 -4.76 20.51 11.61
CA THR K 25 -5.72 19.60 12.23
C THR K 25 -6.49 20.31 13.33
N ARG K 26 -5.84 21.22 14.03
CA ARG K 26 -6.58 21.91 15.07
C ARG K 26 -7.65 22.83 14.51
N MSE K 27 -7.37 23.57 13.45
CA MSE K 27 -8.43 24.43 12.92
CA MSE K 27 -8.42 24.42 12.88
C MSE K 27 -9.57 23.56 12.38
O MSE K 27 -10.74 23.94 12.48
CB MSE K 27 -7.92 25.38 11.85
CB MSE K 27 -7.87 25.27 11.72
CG MSE K 27 -7.24 24.73 10.68
CG MSE K 27 -6.93 26.37 12.18
SE MSE K 27 -7.74 25.47 8.96
SE MSE K 27 -7.59 27.33 13.73
CE MSE K 27 -7.69 27.36 9.44
CE MSE K 27 -9.27 28.01 13.00
N ILE K 28 -9.24 22.39 11.84
CA ILE K 28 -10.30 21.49 11.37
C ILE K 28 -11.16 21.04 12.55
N GLU K 29 -10.53 20.67 13.65
CA GLU K 29 -11.24 20.21 14.83
C GLU K 29 -12.16 21.29 15.39
N ALA K 30 -11.66 22.53 15.41
CA ALA K 30 -12.50 23.63 15.83
C ALA K 30 -13.71 23.76 14.93
N ASN K 31 -13.46 23.77 13.62
CA ASN K 31 -14.58 23.84 12.67
C ASN K 31 -15.62 22.77 12.86
N ILE K 32 -15.21 21.51 12.91
CA ILE K 32 -16.15 20.43 13.09
C ILE K 32 -16.94 20.63 14.37
N HIS K 33 -16.30 21.10 15.42
CA HIS K 33 -17.01 21.32 16.68
C HIS K 33 -18.11 22.40 16.52
N ARG K 34 -17.74 23.46 15.86
CA ARG K 34 -18.66 24.56 15.61
C ARG K 34 -19.86 24.15 14.73
N GLN K 35 -19.56 23.37 13.71
CA GLN K 35 -20.55 22.84 12.81
C GLN K 35 -21.49 21.90 13.53
N GLN K 36 -20.97 21.10 14.45
CA GLN K 36 -21.83 20.25 15.25
C GLN K 36 -22.76 21.06 16.14
N GLU K 37 -22.29 22.20 16.62
CA GLU K 37 -23.24 22.97 17.40
C GLU K 37 -24.33 23.58 16.50
N GLU K 38 -23.96 24.17 15.37
CA GLU K 38 -24.98 24.70 14.46
C GLU K 38 -26.00 23.63 14.03
N LEU K 39 -25.49 22.45 13.72
CA LEU K 39 -26.31 21.30 13.43
C LEU K 39 -27.27 21.03 14.57
N ARG K 40 -26.76 21.05 15.79
CA ARG K 40 -27.63 20.80 16.93
C ARG K 40 -28.76 21.82 17.01
N LYS K 41 -28.46 23.08 16.73
CA LYS K 41 -29.48 24.12 16.75
C LYS K 41 -30.57 23.84 15.74
N ILE K 42 -30.15 23.49 14.54
CA ILE K 42 -31.11 23.13 13.49
C ILE K 42 -31.98 21.95 13.93
N GLN K 43 -31.37 20.93 14.52
CA GLN K 43 -32.13 19.78 14.97
C GLN K 43 -33.13 20.14 16.07
N GLU K 44 -32.80 21.12 16.89
CA GLU K 44 -33.76 21.60 17.87
C GLU K 44 -34.93 22.32 17.23
N GLN K 45 -34.64 23.40 16.52
CA GLN K 45 -35.65 24.07 15.71
C GLN K 45 -36.66 23.16 15.01
N LEU K 46 -36.17 22.08 14.42
CA LEU K 46 -37.04 21.19 13.67
C LEU K 46 -37.56 20.06 14.52
N GLN K 47 -37.38 20.17 15.83
CA GLN K 47 -37.75 19.12 16.75
C GLN K 47 -37.42 17.71 16.32
N MSE K 48 -36.17 17.48 15.96
CA MSE K 48 -35.70 16.14 15.63
C MSE K 48 -34.91 15.57 16.78
O MSE K 48 -34.50 16.30 17.68
CB MSE K 48 -34.81 16.17 14.41
CG MSE K 48 -35.41 16.72 13.16
SE MSE K 48 -33.98 17.11 11.95
CE MSE K 48 -33.19 15.38 11.77
N VAL K 49 -34.67 14.27 16.74
CA VAL K 49 -33.74 13.65 17.68
C VAL K 49 -32.32 13.58 17.09
N ALA L 2 -66.81 23.09 5.15
CA ALA L 2 -65.90 24.16 4.77
C ALA L 2 -64.78 23.62 3.88
N MSE L 3 -64.54 24.31 2.76
CA MSE L 3 -63.46 23.94 1.85
C MSE L 3 -62.11 24.28 2.45
O MSE L 3 -61.58 23.53 3.25
CB MSE L 3 -63.63 24.64 0.51
CG MSE L 3 -64.37 23.81 -0.52
SE MSE L 3 -63.47 22.12 -0.82
CE MSE L 3 -64.90 21.18 -1.75
N ASP L 4 -61.57 25.42 2.00
CA ASP L 4 -60.29 25.97 2.44
C ASP L 4 -59.08 25.28 1.79
N PRO L 5 -58.91 25.43 0.45
CA PRO L 5 -57.80 24.89 -0.32
C PRO L 5 -56.43 25.48 0.04
N GLU L 6 -56.42 26.72 0.51
CA GLU L 6 -55.18 27.38 0.92
C GLU L 6 -54.50 26.55 1.96
N PHE L 7 -55.29 26.08 2.91
CA PHE L 7 -54.82 25.28 4.02
C PHE L 7 -54.27 23.95 3.58
N SER L 8 -54.94 23.27 2.66
CA SER L 8 -54.50 21.96 2.23
C SER L 8 -53.19 22.06 1.51
N ALA L 9 -53.07 23.10 0.70
CA ALA L 9 -51.85 23.38 -0.03
C ALA L 9 -50.71 23.73 0.91
N GLN L 10 -50.99 24.51 1.95
CA GLN L 10 -49.98 24.83 2.95
C GLN L 10 -49.52 23.59 3.71
N LEU L 11 -50.44 22.75 4.13
CA LEU L 11 -50.03 21.52 4.78
C LEU L 11 -49.18 20.68 3.89
N GLY L 12 -49.57 20.51 2.63
CA GLY L 12 -48.80 19.66 1.76
C GLY L 12 -47.43 20.19 1.47
N ALA L 13 -47.37 21.49 1.21
CA ALA L 13 -46.13 22.15 0.93
C ALA L 13 -45.19 22.05 2.10
N MSE L 14 -45.66 22.42 3.28
CA MSE L 14 -44.83 22.47 4.46
C MSE L 14 -44.39 21.10 4.95
O MSE L 14 -43.33 20.97 5.51
CB MSE L 14 -45.54 23.21 5.58
CG MSE L 14 -45.76 24.67 5.30
SE MSE L 14 -44.14 25.57 4.90
CE MSE L 14 -43.80 26.27 6.63
N GLN L 15 -45.22 20.07 4.77
CA GLN L 15 -44.78 18.75 5.13
C GLN L 15 -43.67 18.31 4.24
N HIS L 16 -43.82 18.61 2.97
CA HIS L 16 -42.79 18.15 2.09
C HIS L 16 -41.48 18.88 2.36
N LEU L 17 -41.56 20.19 2.51
CA LEU L 17 -40.40 20.99 2.84
C LEU L 17 -39.75 20.55 4.17
N LYS L 18 -40.54 20.29 5.20
CA LYS L 18 -39.97 19.83 6.46
C LYS L 18 -39.27 18.48 6.32
N ASP L 19 -39.83 17.55 5.55
CA ASP L 19 -39.20 16.25 5.35
C ASP L 19 -37.88 16.42 4.64
N GLN L 20 -37.89 17.32 3.67
CA GLN L 20 -36.69 17.69 2.94
C GLN L 20 -35.57 18.24 3.83
N LEU L 21 -35.92 19.18 4.68
CA LEU L 21 -34.96 19.78 5.60
C LEU L 21 -34.43 18.76 6.60
N GLU L 22 -35.31 17.89 7.11
CA GLU L 22 -34.86 16.84 8.01
C GLU L 22 -33.87 15.91 7.31
N GLN L 23 -34.15 15.57 6.07
CA GLN L 23 -33.27 14.66 5.36
C GLN L 23 -31.91 15.28 5.19
N ARG L 24 -31.90 16.56 4.85
CA ARG L 24 -30.67 17.29 4.60
C ARG L 24 -29.82 17.37 5.85
N THR L 25 -30.50 17.60 6.96
CA THR L 25 -29.88 17.59 8.27
C THR L 25 -29.24 16.24 8.60
N ARG L 26 -29.92 15.14 8.32
CA ARG L 26 -29.33 13.84 8.60
C ARG L 26 -28.14 13.54 7.68
N MSE L 27 -28.20 13.99 6.43
CA MSE L 27 -27.05 13.88 5.55
C MSE L 27 -25.83 14.61 6.09
O MSE L 27 -24.77 14.03 6.24
CB MSE L 27 -27.38 14.41 4.16
CG MSE L 27 -28.04 13.44 3.20
SE MSE L 27 -27.03 11.82 2.89
CE MSE L 27 -25.35 12.60 2.28
N ILE L 28 -25.99 15.90 6.36
CA ILE L 28 -24.89 16.68 6.91
C ILE L 28 -24.34 16.08 8.23
N GLU L 29 -25.21 15.57 9.08
CA GLU L 29 -24.76 14.87 10.28
C GLU L 29 -23.86 13.67 9.98
N ALA L 30 -24.28 12.85 9.03
CA ALA L 30 -23.45 11.72 8.65
C ALA L 30 -22.10 12.16 8.13
N ASN L 31 -22.11 13.17 7.28
CA ASN L 31 -20.87 13.72 6.76
C ASN L 31 -19.92 14.14 7.85
N ILE L 32 -20.43 14.95 8.77
CA ILE L 32 -19.60 15.46 9.83
C ILE L 32 -19.06 14.33 10.66
N HIS L 33 -19.84 13.29 10.91
CA HIS L 33 -19.29 12.20 11.69
C HIS L 33 -18.16 11.49 10.96
N ARG L 34 -18.32 11.24 9.67
CA ARG L 34 -17.30 10.61 8.84
C ARG L 34 -15.98 11.41 8.77
N GLN L 35 -16.12 12.72 8.57
CA GLN L 35 -14.99 13.62 8.52
C GLN L 35 -14.29 13.68 9.85
N GLN L 36 -15.08 13.62 10.90
CA GLN L 36 -14.57 13.58 12.25
C GLN L 36 -13.71 12.34 12.46
N GLU L 37 -14.17 11.23 11.92
CA GLU L 37 -13.39 10.00 11.96
C GLU L 37 -12.06 10.15 11.23
N GLU L 38 -12.08 10.72 10.03
CA GLU L 38 -10.82 10.98 9.35
C GLU L 38 -9.90 11.88 10.14
N LEU L 39 -10.48 12.88 10.78
CA LEU L 39 -9.70 13.75 11.63
C LEU L 39 -9.02 13.03 12.76
N ARG L 40 -9.75 12.18 13.47
CA ARG L 40 -9.14 11.48 14.59
C ARG L 40 -8.08 10.51 14.11
N LYS L 41 -8.29 9.87 12.97
CA LYS L 41 -7.25 8.98 12.42
C LYS L 41 -5.99 9.74 12.11
N ILE L 42 -6.15 10.91 11.50
CA ILE L 42 -5.01 11.74 11.18
C ILE L 42 -4.28 12.22 12.41
N GLN L 43 -4.99 12.75 13.38
CA GLN L 43 -4.37 13.21 14.62
C GLN L 43 -3.70 12.08 15.38
N GLU L 44 -4.26 10.91 15.29
CA GLU L 44 -3.66 9.77 15.93
C GLU L 44 -2.36 9.42 15.26
N GLN L 45 -2.34 9.47 13.93
CA GLN L 45 -1.12 9.25 13.18
C GLN L 45 -0.03 10.28 13.46
N LEU L 46 -0.45 11.48 13.86
CA LEU L 46 0.44 12.61 14.14
C LEU L 46 0.97 12.56 15.58
N GLN L 47 0.46 11.61 16.34
CA GLN L 47 0.88 11.37 17.71
C GLN L 47 0.34 12.45 18.61
N MSE L 48 -0.97 12.66 18.52
CA MSE L 48 -1.64 13.74 19.24
C MSE L 48 -2.67 13.26 20.21
O MSE L 48 -3.50 14.05 20.62
CB MSE L 48 -2.31 14.69 18.26
CG MSE L 48 -1.38 15.39 17.32
SE MSE L 48 -2.30 16.61 16.13
CE MSE L 48 -2.96 17.92 17.39
N VAL L 49 -2.68 11.98 20.56
CA VAL L 49 -3.76 11.46 21.39
C VAL L 49 -3.31 10.71 22.66
N HIS L 50 -2.60 11.40 23.55
CA HIS L 50 -2.13 10.78 24.78
C HIS L 50 -2.59 11.56 26.01
N GLY M 1 -23.04 36.88 -45.37
CA GLY M 1 -22.41 35.64 -45.76
C GLY M 1 -21.00 35.47 -45.24
N ASN M 2 -20.83 34.74 -44.15
CA ASN M 2 -21.88 33.91 -43.60
C ASN M 2 -21.88 33.84 -42.09
N THR M 3 -21.07 32.97 -41.51
CA THR M 3 -21.14 32.66 -40.08
C THR M 3 -20.90 33.84 -39.14
N LEU M 4 -19.90 34.65 -39.44
CA LEU M 4 -19.62 35.82 -38.61
C LEU M 4 -20.83 36.75 -38.55
N VAL M 5 -21.60 36.82 -39.64
CA VAL M 5 -22.84 37.59 -39.68
C VAL M 5 -23.94 36.98 -38.83
N VAL M 6 -24.04 35.66 -38.85
CA VAL M 6 -24.99 34.95 -38.00
C VAL M 6 -24.65 35.26 -36.54
N LEU M 7 -23.38 35.14 -36.21
CA LEU M 7 -22.90 35.47 -34.89
C LEU M 7 -23.23 36.90 -34.52
N HIS M 8 -23.04 37.82 -35.46
CA HIS M 8 -23.30 39.22 -35.21
C HIS M 8 -24.75 39.53 -34.94
N LYS M 9 -25.63 39.06 -35.81
CA LYS M 9 -27.05 39.34 -35.71
C LYS M 9 -27.76 38.75 -34.50
N SER M 10 -27.27 37.61 -34.03
CA SER M 10 -27.82 36.90 -32.90
C SER M 10 -27.47 37.57 -31.58
N GLY M 11 -26.75 38.68 -31.66
CA GLY M 11 -25.78 39.12 -30.69
C GLY M 11 -24.98 38.17 -29.83
N LEU M 12 -24.44 37.12 -30.43
CA LEU M 12 -23.47 36.25 -29.77
C LEU M 12 -22.04 36.68 -30.05
N LEU M 13 -21.86 37.61 -30.97
CA LEU M 13 -20.54 38.09 -31.28
C LEU M 13 -20.13 38.94 -30.08
N GLU M 14 -21.00 39.89 -29.76
CA GLU M 14 -20.76 40.76 -28.65
C GLU M 14 -20.56 40.01 -27.36
N ILE M 15 -21.43 39.04 -27.11
CA ILE M 15 -21.34 38.23 -25.93
C ILE M 15 -20.04 37.47 -25.87
N THR M 16 -19.63 36.89 -26.97
CA THR M 16 -18.39 36.13 -26.99
C THR M 16 -17.17 37.04 -26.71
N LEU M 17 -17.18 38.25 -27.27
CA LEU M 17 -16.10 39.21 -27.08
C LEU M 17 -16.01 39.68 -25.63
N LYS M 18 -17.14 40.06 -25.08
CA LYS M 18 -17.21 40.46 -23.70
C LYS M 18 -16.77 39.33 -22.78
N THR M 19 -17.13 38.10 -23.09
CA THR M 19 -16.76 36.96 -22.24
C THR M 19 -15.26 36.71 -22.27
N LYS M 20 -14.65 36.82 -23.43
CA LYS M 20 -13.20 36.71 -23.50
C LYS M 20 -12.51 37.78 -22.69
N GLU M 21 -13.05 38.99 -22.75
CA GLU M 21 -12.48 40.08 -22.01
C GLU M 21 -12.59 39.89 -20.51
N LEU M 22 -13.76 39.43 -20.06
CA LEU M 22 -13.99 39.19 -18.67
C LEU M 22 -13.13 38.03 -18.14
N ILE M 23 -12.94 36.98 -18.92
CA ILE M 23 -12.08 35.90 -18.49
C ILE M 23 -10.66 36.43 -18.33
N ARG M 24 -10.21 37.25 -19.27
CA ARG M 24 -8.88 37.84 -19.17
C ARG M 24 -8.73 38.68 -17.91
N GLN M 25 -9.67 39.60 -17.69
CA GLN M 25 -9.65 40.44 -16.52
C GLN M 25 -9.70 39.67 -15.21
N ASN M 26 -10.53 38.65 -15.14
CA ASN M 26 -10.63 37.86 -13.93
C ASN M 26 -9.35 37.09 -13.65
N GLN M 27 -8.67 36.60 -14.66
CA GLN M 27 -7.39 35.97 -14.41
C GLN M 27 -6.34 36.98 -13.92
N ALA M 28 -6.36 38.19 -14.49
CA ALA M 28 -5.49 39.24 -14.01
C ALA M 28 -5.69 39.52 -12.52
N THR M 29 -6.93 39.67 -12.11
CA THR M 29 -7.27 39.88 -10.72
C THR M 29 -6.87 38.69 -9.85
N GLN M 30 -6.97 37.48 -10.37
CA GLN M 30 -6.53 36.35 -9.60
C GLN M 30 -5.04 36.43 -9.32
N ALA M 31 -4.27 36.83 -10.33
CA ALA M 31 -2.83 36.98 -10.15
C ALA M 31 -2.49 38.04 -9.09
N GLU M 32 -3.12 39.19 -9.24
CA GLU M 32 -2.96 40.29 -8.31
C GLU M 32 -3.27 39.87 -6.87
N LEU M 33 -4.35 39.12 -6.72
CA LEU M 33 -4.80 38.64 -5.42
C LEU M 33 -3.85 37.62 -4.83
N ASP M 34 -3.26 36.75 -5.65
CA ASP M 34 -2.27 35.81 -5.12
C ASP M 34 -1.06 36.56 -4.56
N GLN M 35 -0.58 37.57 -5.27
CA GLN M 35 0.53 38.34 -4.71
C GLN M 35 0.19 39.06 -3.43
N LEU M 36 -0.98 39.70 -3.38
CA LEU M 36 -1.41 40.39 -2.17
C LEU M 36 -1.53 39.42 -1.00
N LYS M 37 -1.96 38.21 -1.30
CA LYS M 37 -2.07 37.21 -0.26
C LYS M 37 -0.70 36.84 0.27
N GLU M 38 0.31 36.73 -0.59
CA GLU M 38 1.64 36.42 -0.05
C GLU M 38 2.26 37.58 0.75
N GLN M 39 2.12 38.78 0.23
CA GLN M 39 2.71 39.94 0.89
C GLN M 39 2.06 40.21 2.23
N THR M 40 0.75 40.01 2.28
CA THR M 40 0.01 40.07 3.53
C THR M 40 0.48 39.00 4.46
N GLN M 41 0.42 37.77 4.00
CA GLN M 41 0.92 36.66 4.77
C GLN M 41 2.19 36.99 5.48
N MSE M 42 3.17 37.55 4.79
CA MSE M 42 4.38 37.75 5.55
C MSE M 42 4.46 39.11 6.27
O MSE M 42 5.35 39.29 7.08
CB MSE M 42 5.60 37.53 4.69
CG MSE M 42 5.77 38.44 3.55
SE MSE M 42 7.54 38.05 2.91
CE MSE M 42 7.51 36.13 3.14
N PHE M 43 3.52 40.02 6.02
CA PHE M 43 3.35 41.17 6.91
C PHE M 43 2.95 40.63 8.25
N ILE M 44 1.82 39.91 8.23
CA ILE M 44 1.33 39.10 9.32
C ILE M 44 2.50 38.19 9.54
N GLU M 45 2.60 37.52 10.67
CA GLU M 45 3.71 36.57 10.90
C GLU M 45 4.92 37.35 11.39
N ALA M 46 5.21 38.49 10.78
CA ALA M 46 6.27 39.36 11.29
C ALA M 46 5.67 40.24 12.36
N THR M 47 4.35 40.25 12.44
CA THR M 47 3.67 41.08 13.39
C THR M 47 3.15 40.22 14.50
N LYS M 48 3.04 38.93 14.22
CA LYS M 48 2.64 37.99 15.22
C LYS M 48 3.78 37.04 15.50
N SER M 49 4.68 37.48 16.36
CA SER M 49 5.76 36.67 16.90
C SER M 49 6.94 36.28 16.03
N ARG M 50 8.14 36.22 16.62
CA ARG M 50 8.48 37.00 17.83
C ARG M 50 9.93 37.50 18.04
N ALA M 51 10.91 37.35 17.14
CA ALA M 51 11.01 36.36 16.05
C ALA M 51 12.45 35.88 15.97
N PRO M 52 13.43 36.81 16.03
CA PRO M 52 13.54 38.26 15.79
C PRO M 52 13.58 38.62 14.30
N GLN M 53 14.15 37.72 13.51
CA GLN M 53 14.35 37.87 12.07
C GLN M 53 13.13 37.96 11.13
N ALA M 54 11.92 38.00 11.65
CA ALA M 54 10.74 37.99 10.76
C ALA M 54 10.63 39.31 10.02
N TRP M 55 11.04 40.37 10.68
CA TRP M 55 10.96 41.68 10.07
C TRP M 55 12.14 41.80 9.11
N ALA M 56 13.17 41.00 9.34
CA ALA M 56 14.35 41.02 8.50
C ALA M 56 14.01 40.42 7.16
N LYS M 57 13.27 39.34 7.23
CA LYS M 57 12.77 38.64 6.07
C LYS M 57 11.80 39.54 5.31
N LEU M 58 10.92 40.21 6.05
CA LEU M 58 9.96 41.10 5.42
C LEU M 58 10.68 42.21 4.69
N GLN M 59 11.67 42.81 5.33
CA GLN M 59 12.40 43.88 4.69
C GLN M 59 13.16 43.40 3.47
N ALA M 60 13.72 42.21 3.54
CA ALA M 60 14.42 41.69 2.39
C ALA M 60 13.48 41.45 1.23
N SER M 61 12.27 41.03 1.53
CA SER M 61 11.29 40.79 0.48
C SER M 61 10.77 42.09 -0.11
N LEU M 62 10.69 43.14 0.68
CA LEU M 62 10.15 44.39 0.17
C LEU M 62 11.13 45.06 -0.72
N THR M 63 12.39 44.70 -0.52
CA THR M 63 13.48 45.39 -1.15
C THR M 63 14.04 44.53 -2.29
N SER M 64 13.35 43.41 -2.53
CA SER M 64 13.72 42.45 -3.56
C SER M 64 15.16 41.99 -3.39
N PHE N 7 -28.89 32.15 -42.19
CA PHE N 7 -29.48 32.16 -40.85
C PHE N 7 -29.06 30.94 -40.06
N SER N 8 -29.96 30.49 -39.20
CA SER N 8 -29.67 29.36 -38.35
C SER N 8 -31.00 28.64 -38.02
N ALA N 9 -31.39 27.57 -38.72
CA ALA N 9 -30.63 26.72 -39.65
C ALA N 9 -29.44 26.04 -38.96
N GLN N 10 -28.30 26.74 -38.91
CA GLN N 10 -27.11 26.23 -38.23
C GLN N 10 -27.26 26.12 -36.69
N LEU N 11 -28.50 26.11 -36.20
CA LEU N 11 -28.81 26.05 -34.75
C LEU N 11 -27.88 25.23 -33.89
N GLY N 12 -27.56 24.03 -34.31
CA GLY N 12 -26.75 23.18 -33.45
C GLY N 12 -25.34 23.68 -33.28
N ALA N 13 -24.81 24.41 -34.25
CA ALA N 13 -23.50 25.02 -34.09
C ALA N 13 -23.63 26.25 -33.21
N MSE N 14 -24.80 26.87 -33.23
CA MSE N 14 -25.01 28.07 -32.44
C MSE N 14 -25.36 27.74 -31.00
O MSE N 14 -24.81 28.33 -30.09
CB MSE N 14 -26.10 28.92 -33.07
CG MSE N 14 -25.76 29.29 -34.49
SE MSE N 14 -24.14 30.35 -34.53
CE MSE N 14 -24.92 31.92 -33.76
N GLN N 15 -26.28 26.81 -30.82
CA GLN N 15 -26.61 26.35 -29.48
C GLN N 15 -25.32 25.86 -28.83
N HIS N 16 -24.50 25.15 -29.61
CA HIS N 16 -23.22 24.68 -29.11
C HIS N 16 -22.44 25.85 -28.57
N LEU N 17 -22.37 26.93 -29.34
CA LEU N 17 -21.63 28.08 -28.91
C LEU N 17 -22.29 28.68 -27.71
N LYS N 18 -23.61 28.77 -27.76
CA LYS N 18 -24.38 29.37 -26.69
C LYS N 18 -24.19 28.55 -25.43
N ASP N 19 -23.90 27.26 -25.59
CA ASP N 19 -23.66 26.44 -24.41
C ASP N 19 -22.31 26.76 -23.83
N GLN N 20 -21.28 26.86 -24.67
CA GLN N 20 -19.97 27.10 -24.11
C GLN N 20 -19.95 28.37 -23.34
N LEU N 21 -20.64 29.37 -23.82
CA LEU N 21 -20.63 30.65 -23.17
C LEU N 21 -21.26 30.50 -21.80
N GLU N 22 -22.36 29.76 -21.72
CA GLU N 22 -22.99 29.58 -20.44
C GLU N 22 -22.07 28.82 -19.52
N GLN N 23 -21.25 27.93 -20.05
CA GLN N 23 -20.38 27.24 -19.17
C GLN N 23 -19.33 28.19 -18.67
N ARG N 24 -18.85 29.05 -19.57
CA ARG N 24 -17.75 29.92 -19.18
C ARG N 24 -18.15 30.96 -18.18
N THR N 25 -19.31 31.58 -18.36
CA THR N 25 -19.76 32.54 -17.37
C THR N 25 -19.92 31.81 -16.06
N ARG N 26 -20.36 30.56 -16.12
CA ARG N 26 -20.59 29.85 -14.88
C ARG N 26 -19.25 29.68 -14.23
N MSE N 27 -18.23 29.29 -14.99
CA MSE N 27 -16.90 29.16 -14.42
CA MSE N 27 -16.88 29.18 -14.46
C MSE N 27 -16.52 30.47 -13.78
O MSE N 27 -16.14 30.51 -12.61
CB MSE N 27 -15.88 28.74 -15.47
CB MSE N 27 -15.90 28.86 -15.59
CG MSE N 27 -15.84 27.25 -15.73
CG MSE N 27 -14.43 28.87 -15.19
SE MSE N 27 -15.82 26.18 -14.08
SE MSE N 27 -13.23 28.95 -16.72
CE MSE N 27 -14.06 26.60 -13.40
CE MSE N 27 -13.53 30.80 -17.23
N ILE N 28 -16.70 31.56 -14.52
CA ILE N 28 -16.29 32.86 -14.04
C ILE N 28 -16.99 33.17 -12.75
N GLU N 29 -18.28 32.87 -12.70
CA GLU N 29 -19.05 33.21 -11.54
C GLU N 29 -18.53 32.48 -10.31
N ALA N 30 -18.10 31.24 -10.49
CA ALA N 30 -17.52 30.53 -9.38
C ALA N 30 -16.26 31.23 -8.92
N ASN N 31 -15.38 31.54 -9.88
CA ASN N 31 -14.10 32.14 -9.59
C ASN N 31 -14.24 33.39 -8.74
N ILE N 32 -15.10 34.29 -9.16
CA ILE N 32 -15.28 35.52 -8.45
C ILE N 32 -15.65 35.25 -7.02
N HIS N 33 -16.54 34.30 -6.78
CA HIS N 33 -16.97 34.07 -5.41
C HIS N 33 -15.79 33.57 -4.61
N ARG N 34 -15.03 32.65 -5.20
CA ARG N 34 -13.81 32.15 -4.58
CA ARG N 34 -13.84 32.15 -4.54
C ARG N 34 -12.95 33.32 -4.17
N GLN N 35 -12.76 34.22 -5.12
CA GLN N 35 -11.90 35.36 -4.91
C GLN N 35 -12.44 36.25 -3.82
N GLN N 36 -13.74 36.44 -3.79
CA GLN N 36 -14.32 37.30 -2.77
C GLN N 36 -14.06 36.69 -1.40
N GLU N 37 -14.00 35.36 -1.36
CA GLU N 37 -13.63 34.70 -0.13
C GLU N 37 -12.16 34.87 0.18
N GLU N 38 -11.29 34.69 -0.82
CA GLU N 38 -9.86 34.80 -0.59
C GLU N 38 -9.56 36.14 0.01
N LEU N 39 -10.17 37.13 -0.64
CA LEU N 39 -10.08 38.50 -0.26
C LEU N 39 -10.46 38.70 1.18
N ARG N 40 -11.58 38.10 1.58
CA ARG N 40 -12.09 38.30 2.92
C ARG N 40 -11.09 37.83 3.94
N LYS N 41 -10.44 36.71 3.67
CA LYS N 41 -9.46 36.25 4.63
C LYS N 41 -8.39 37.29 4.81
N ILE N 42 -7.90 37.86 3.71
CA ILE N 42 -6.89 38.89 3.82
C ILE N 42 -7.43 40.04 4.65
N GLN N 43 -8.65 40.46 4.39
CA GLN N 43 -9.18 41.58 5.11
C GLN N 43 -9.26 41.28 6.60
N GLU N 44 -9.48 40.02 6.95
CA GLU N 44 -9.43 39.70 8.36
C GLU N 44 -8.03 39.81 8.91
N GLN N 45 -7.07 39.14 8.28
CA GLN N 45 -5.68 39.22 8.73
C GLN N 45 -5.25 40.64 9.06
N LEU N 46 -5.68 41.61 8.27
CA LEU N 46 -5.30 42.99 8.49
C LEU N 46 -6.29 43.66 9.41
N GLN N 47 -7.08 42.85 10.09
CA GLN N 47 -8.08 43.28 11.06
C GLN N 47 -8.93 44.47 10.62
N MSE N 48 -9.60 44.32 9.48
CA MSE N 48 -10.55 45.33 9.02
C MSE N 48 -11.86 44.67 8.60
O MSE N 48 -12.94 45.18 8.90
CB MSE N 48 -9.97 46.14 7.86
CG MSE N 48 -9.28 45.30 6.79
SE MSE N 48 -8.88 46.24 5.12
CE MSE N 48 -7.53 45.06 4.47
N ALA O 2 3.33 61.14 25.93
CA ALA O 2 4.27 61.04 24.83
C ALA O 2 5.13 59.79 24.95
N MSE O 3 5.43 59.18 23.81
CA MSE O 3 6.08 57.90 23.77
C MSE O 3 7.57 57.99 23.51
O MSE O 3 8.07 59.04 23.15
CB MSE O 3 5.46 57.02 22.69
CG MSE O 3 4.03 57.34 22.35
SE MSE O 3 3.47 56.25 20.88
CE MSE O 3 3.64 54.53 21.65
N ASP O 4 8.25 56.87 23.69
CA ASP O 4 9.61 56.69 23.20
C ASP O 4 9.62 56.94 21.71
N PRO O 5 10.41 57.91 21.24
CA PRO O 5 10.46 58.27 19.82
C PRO O 5 10.87 57.12 18.87
N GLU O 6 11.63 56.16 19.38
CA GLU O 6 12.05 55.03 18.58
C GLU O 6 10.87 54.10 18.41
N PHE O 7 10.10 53.97 19.48
CA PHE O 7 8.96 53.09 19.49
C PHE O 7 7.90 53.65 18.54
N SER O 8 7.72 54.95 18.59
CA SER O 8 6.75 55.62 17.76
C SER O 8 7.15 55.56 16.27
N ALA O 9 8.45 55.62 16.02
CA ALA O 9 8.96 55.46 14.69
C ALA O 9 8.73 54.06 14.14
N GLN O 10 8.93 53.06 14.98
CA GLN O 10 8.69 51.69 14.55
C GLN O 10 7.20 51.50 14.25
N LEU O 11 6.36 52.04 15.11
CA LEU O 11 4.92 52.01 14.91
C LEU O 11 4.54 52.64 13.60
N GLY O 12 5.18 53.74 13.27
CA GLY O 12 4.89 54.46 12.03
C GLY O 12 5.28 53.67 10.81
N ALA O 13 6.43 53.01 10.85
CA ALA O 13 6.86 52.19 9.74
C ALA O 13 5.87 51.07 9.51
N MSE O 14 5.56 50.31 10.55
CA MSE O 14 4.64 49.19 10.37
C MSE O 14 3.24 49.64 9.94
O MSE O 14 2.57 48.97 9.18
CB MSE O 14 4.57 48.36 11.65
CG MSE O 14 3.60 48.88 12.67
SE MSE O 14 1.89 48.02 12.50
CE MSE O 14 2.43 46.32 13.19
N GLN O 15 2.81 50.80 10.40
CA GLN O 15 1.53 51.35 10.01
C GLN O 15 1.55 51.71 8.54
N HIS O 16 2.68 52.16 8.06
CA HIS O 16 2.81 52.50 6.65
C HIS O 16 2.64 51.27 5.79
N LEU O 17 3.33 50.21 6.16
CA LEU O 17 3.18 48.94 5.45
C LEU O 17 1.75 48.43 5.46
N LYS O 18 1.15 48.45 6.64
CA LYS O 18 -0.22 47.97 6.79
C LYS O 18 -1.22 48.78 5.98
N ASP O 19 -1.02 50.08 5.93
CA ASP O 19 -1.91 50.96 5.19
C ASP O 19 -1.80 50.65 3.72
N GLN O 20 -0.59 50.38 3.25
CA GLN O 20 -0.41 50.02 1.85
C GLN O 20 -1.18 48.75 1.48
N LEU O 21 -1.05 47.72 2.31
CA LEU O 21 -1.76 46.48 2.05
C LEU O 21 -3.29 46.66 2.10
N GLU O 22 -3.79 47.46 3.02
CA GLU O 22 -5.23 47.74 3.07
C GLU O 22 -5.71 48.45 1.83
N GLN O 23 -4.91 49.40 1.35
CA GLN O 23 -5.32 50.15 0.19
C GLN O 23 -5.43 49.22 -1.00
N ARG O 24 -4.46 48.31 -1.10
CA ARG O 24 -4.47 47.34 -2.17
C ARG O 24 -5.69 46.42 -2.09
N THR O 25 -6.06 46.04 -0.89
CA THR O 25 -7.27 45.28 -0.67
C THR O 25 -8.52 45.96 -1.20
N ARG O 26 -8.67 47.23 -0.91
CA ARG O 26 -9.84 47.95 -1.38
C ARG O 26 -9.85 48.08 -2.90
N MSE O 27 -8.68 48.32 -3.48
CA MSE O 27 -8.58 48.32 -4.94
C MSE O 27 -9.10 47.03 -5.57
O MSE O 27 -9.95 47.08 -6.45
CB MSE O 27 -7.15 48.56 -5.39
CG MSE O 27 -6.69 49.97 -5.16
SE MSE O 27 -8.24 51.12 -5.33
CE MSE O 27 -8.32 51.22 -7.26
N ILE O 28 -8.59 45.88 -5.12
CA ILE O 28 -9.00 44.63 -5.71
C ILE O 28 -10.49 44.39 -5.52
N GLU O 29 -10.99 44.74 -4.36
CA GLU O 29 -12.42 44.62 -4.09
C GLU O 29 -13.23 45.36 -5.14
N ALA O 30 -12.81 46.57 -5.47
CA ALA O 30 -13.48 47.32 -6.51
C ALA O 30 -13.43 46.61 -7.86
N ASN O 31 -12.26 46.11 -8.23
CA ASN O 31 -12.18 45.36 -9.48
C ASN O 31 -13.21 44.25 -9.54
N ILE O 32 -13.24 43.45 -8.50
CA ILE O 32 -14.13 42.30 -8.45
C ILE O 32 -15.60 42.71 -8.53
N HIS O 33 -15.96 43.83 -7.91
CA HIS O 33 -17.32 44.29 -8.07
C HIS O 33 -17.66 44.69 -9.49
N ARG O 34 -16.73 45.38 -10.15
CA ARG O 34 -16.96 45.73 -11.55
C ARG O 34 -17.14 44.49 -12.44
N GLN O 35 -16.30 43.49 -12.23
CA GLN O 35 -16.39 42.25 -12.98
C GLN O 35 -17.69 41.55 -12.71
N GLN O 36 -18.16 41.62 -11.48
CA GLN O 36 -19.42 41.01 -11.09
C GLN O 36 -20.57 41.63 -11.85
N GLU O 37 -20.53 42.95 -11.97
CA GLU O 37 -21.54 43.67 -12.74
C GLU O 37 -21.51 43.32 -14.24
N GLU O 38 -20.31 43.32 -14.82
CA GLU O 38 -20.15 42.94 -16.23
C GLU O 38 -20.63 41.53 -16.50
N LEU O 39 -20.34 40.62 -15.57
CA LEU O 39 -20.82 39.25 -15.65
C LEU O 39 -22.33 39.15 -15.65
N ARG O 40 -23.01 39.82 -14.73
CA ARG O 40 -24.45 39.68 -14.73
C ARG O 40 -25.04 40.27 -16.01
N LYS O 41 -24.44 41.34 -16.52
CA LYS O 41 -24.89 41.88 -17.79
C LYS O 41 -24.70 40.90 -18.96
N ILE O 42 -23.57 40.19 -18.98
CA ILE O 42 -23.36 39.15 -20.00
C ILE O 42 -24.38 38.03 -19.88
N GLN O 43 -24.60 37.53 -18.68
CA GLN O 43 -25.55 36.46 -18.44
C GLN O 43 -26.96 36.85 -18.84
N GLU O 44 -27.31 38.11 -18.62
CA GLU O 44 -28.61 38.57 -19.06
C GLU O 44 -28.65 38.61 -20.58
N GLN O 45 -27.59 39.09 -21.20
CA GLN O 45 -27.55 39.07 -22.67
C GLN O 45 -27.65 37.68 -23.27
N LEU O 46 -27.29 36.65 -22.51
CA LEU O 46 -27.37 35.29 -23.05
C LEU O 46 -28.74 34.64 -22.98
N GLN O 47 -29.64 35.20 -22.19
CA GLN O 47 -30.98 34.65 -22.11
C GLN O 47 -31.91 35.32 -23.12
N MSE O 48 -31.33 36.15 -23.97
CA MSE O 48 -32.09 36.84 -25.00
C MSE O 48 -31.67 36.40 -26.40
O MSE O 48 -31.87 37.12 -27.38
CB MSE O 48 -31.93 38.35 -24.85
CG MSE O 48 -32.12 38.83 -23.44
SE MSE O 48 -33.41 40.26 -23.32
CE MSE O 48 -33.12 40.76 -21.46
N VAL O 49 -31.09 35.21 -26.47
CA VAL O 49 -30.67 34.63 -27.73
C VAL O 49 -31.51 33.41 -28.07
N GLY P 1 34.09 41.28 9.44
CA GLY P 1 34.73 40.17 8.77
C GLY P 1 33.67 39.23 8.32
N ASN P 2 32.43 39.60 8.60
CA ASN P 2 31.30 38.70 8.43
C ASN P 2 30.85 38.35 7.02
N THR P 3 29.62 38.77 6.72
CA THR P 3 28.80 38.31 5.59
C THR P 3 29.45 37.78 4.31
N LEU P 4 30.41 38.44 3.69
CA LEU P 4 31.01 37.84 2.50
C LEU P 4 31.64 36.50 2.79
N VAL P 5 32.24 36.37 3.95
CA VAL P 5 32.86 35.13 4.39
C VAL P 5 31.79 34.08 4.67
N VAL P 6 30.68 34.50 5.26
CA VAL P 6 29.55 33.61 5.48
C VAL P 6 28.97 33.10 4.15
N LEU P 7 28.77 34.00 3.21
CA LEU P 7 28.31 33.66 1.87
C LEU P 7 29.24 32.70 1.21
N HIS P 8 30.53 32.96 1.32
CA HIS P 8 31.54 32.11 0.71
C HIS P 8 31.58 30.72 1.32
N LYS P 9 31.55 30.65 2.64
CA LYS P 9 31.67 29.39 3.34
C LYS P 9 30.48 28.47 3.08
N SER P 10 29.29 29.04 2.89
CA SER P 10 28.05 28.31 2.65
C SER P 10 27.97 27.78 1.23
N GLY P 11 28.98 28.12 0.44
CA GLY P 11 28.91 28.36 -0.98
C GLY P 11 27.72 28.92 -1.73
N LEU P 12 27.12 29.99 -1.21
CA LEU P 12 26.12 30.73 -1.96
C LEU P 12 26.80 31.85 -2.73
N LEU P 13 28.07 32.07 -2.45
CA LEU P 13 28.83 33.08 -3.17
C LEU P 13 29.01 32.59 -4.59
N GLU P 14 29.55 31.37 -4.70
CA GLU P 14 29.75 30.71 -5.97
C GLU P 14 28.47 30.56 -6.75
N ILE P 15 27.41 30.12 -6.09
CA ILE P 15 26.11 29.95 -6.72
C ILE P 15 25.56 31.28 -7.20
N THR P 16 25.71 32.33 -6.41
CA THR P 16 25.22 33.63 -6.83
C THR P 16 25.92 34.12 -8.08
N LEU P 17 27.23 33.94 -8.09
CA LEU P 17 28.02 34.36 -9.22
C LEU P 17 27.66 33.56 -10.49
N LYS P 18 27.60 32.24 -10.35
CA LYS P 18 27.22 31.38 -11.46
C LYS P 18 25.85 31.67 -12.00
N THR P 19 24.91 31.98 -11.12
CA THR P 19 23.56 32.31 -11.51
C THR P 19 23.54 33.61 -12.28
N LYS P 20 24.31 34.58 -11.83
CA LYS P 20 24.35 35.86 -12.49
C LYS P 20 24.90 35.71 -13.90
N GLU P 21 25.92 34.88 -13.99
CA GLU P 21 26.57 34.65 -15.26
C GLU P 21 25.65 33.88 -16.23
N LEU P 22 24.95 32.86 -15.74
CA LEU P 22 24.01 32.10 -16.55
C LEU P 22 22.82 32.92 -17.03
N ILE P 23 22.34 33.81 -16.18
CA ILE P 23 21.29 34.72 -16.60
C ILE P 23 21.80 35.58 -17.72
N ARG P 24 23.02 36.09 -17.58
CA ARG P 24 23.59 36.93 -18.62
C ARG P 24 23.70 36.22 -19.98
N GLN P 25 24.29 35.04 -19.94
CA GLN P 25 24.44 34.25 -21.13
C GLN P 25 23.11 33.90 -21.76
N ASN P 26 22.14 33.49 -20.94
CA ASN P 26 20.86 33.10 -21.49
C ASN P 26 20.15 34.26 -22.10
N GLN P 27 20.33 35.45 -21.55
CA GLN P 27 19.75 36.61 -22.19
C GLN P 27 20.42 36.89 -23.54
N ALA P 28 21.73 36.73 -23.59
CA ALA P 28 22.41 36.84 -24.87
C ALA P 28 21.87 35.85 -25.92
N THR P 29 21.74 34.59 -25.54
CA THR P 29 21.19 33.59 -26.43
C THR P 29 19.76 33.93 -26.81
N GLN P 30 19.03 34.59 -25.93
CA GLN P 30 17.70 35.02 -26.28
C GLN P 30 17.75 36.03 -27.40
N ALA P 31 18.70 36.94 -27.35
CA ALA P 31 18.85 37.92 -28.44
C ALA P 31 19.22 37.25 -29.77
N GLU P 32 20.20 36.37 -29.69
CA GLU P 32 20.66 35.62 -30.83
C GLU P 32 19.51 34.90 -31.50
N LEU P 33 18.68 34.27 -30.68
CA LEU P 33 17.55 33.50 -31.16
C LEU P 33 16.44 34.40 -31.73
N ASP P 34 16.21 35.56 -31.13
CA ASP P 34 15.24 36.48 -31.72
C ASP P 34 15.65 36.84 -33.14
N GLN P 35 16.92 37.13 -33.31
CA GLN P 35 17.39 37.43 -34.65
C GLN P 35 17.24 36.25 -35.60
N LEU P 36 17.63 35.05 -35.15
CA LEU P 36 17.51 33.88 -36.02
C LEU P 36 16.10 33.63 -36.44
N LYS P 37 15.18 33.88 -35.53
CA LYS P 37 13.75 33.71 -35.76
C LYS P 37 13.21 34.72 -36.75
N GLU P 38 13.61 35.99 -36.67
CA GLU P 38 13.11 36.97 -37.64
C GLU P 38 13.67 36.67 -39.03
N GLN P 39 14.92 36.25 -39.10
CA GLN P 39 15.51 35.91 -40.39
C GLN P 39 14.91 34.65 -41.01
N THR P 40 14.65 33.64 -40.19
CA THR P 40 13.97 32.43 -40.64
C THR P 40 12.63 32.84 -41.16
N GLN P 41 11.79 33.40 -40.32
CA GLN P 41 10.51 33.95 -40.77
C GLN P 41 10.60 34.66 -42.11
N MSE P 42 11.67 35.41 -42.35
CA MSE P 42 11.80 36.06 -43.66
C MSE P 42 12.06 35.12 -44.82
O MSE P 42 11.49 35.27 -45.90
CB MSE P 42 12.90 37.10 -43.62
CG MSE P 42 12.37 38.48 -43.37
SE MSE P 42 13.74 39.78 -43.27
CE MSE P 42 14.25 39.56 -41.43
N PHE P 43 12.92 34.14 -44.58
CA PHE P 43 13.25 33.11 -45.57
C PHE P 43 11.98 32.36 -45.96
N ILE P 44 11.27 31.89 -44.94
CA ILE P 44 9.99 31.20 -45.03
C ILE P 44 8.92 31.97 -45.76
N GLU P 45 8.61 33.17 -45.28
CA GLU P 45 7.72 34.05 -46.02
C GLU P 45 8.13 34.18 -47.49
N ALA P 46 9.42 34.23 -47.77
CA ALA P 46 9.78 34.32 -49.18
C ALA P 46 9.68 33.02 -49.95
N THR P 47 9.72 31.85 -49.31
CA THR P 47 9.66 30.61 -50.11
C THR P 47 8.31 29.95 -50.11
N LYS P 48 7.48 30.28 -49.16
CA LYS P 48 6.11 29.80 -49.16
C LYS P 48 5.41 31.11 -49.41
N SER P 49 4.14 31.11 -49.77
CA SER P 49 3.42 32.35 -50.01
C SER P 49 4.04 33.21 -51.12
N ARG P 50 3.34 33.30 -52.23
CA ARG P 50 3.73 34.18 -53.31
CA ARG P 50 3.75 34.18 -53.32
C ARG P 50 3.55 35.63 -52.86
N ALA P 51 4.32 36.04 -51.85
CA ALA P 51 4.27 37.44 -51.48
C ALA P 51 5.39 38.14 -52.23
N PRO P 52 5.08 39.29 -52.84
CA PRO P 52 5.97 39.78 -53.89
C PRO P 52 7.24 40.41 -53.32
N GLN P 53 7.03 41.22 -52.29
CA GLN P 53 8.09 41.86 -51.54
C GLN P 53 8.86 40.92 -50.62
N ALA P 54 8.50 39.64 -50.59
CA ALA P 54 9.12 38.72 -49.65
C ALA P 54 10.59 38.41 -50.01
N TRP P 55 10.96 38.32 -51.29
CA TRP P 55 12.38 38.11 -51.60
C TRP P 55 13.10 39.43 -51.60
N ALA P 56 12.39 40.49 -51.95
CA ALA P 56 12.96 41.80 -52.02
C ALA P 56 13.32 42.24 -50.62
N LYS P 57 12.45 41.95 -49.68
CA LYS P 57 12.70 42.21 -48.30
C LYS P 57 13.88 41.38 -47.83
N LEU P 58 13.89 40.10 -48.21
CA LEU P 58 14.92 39.20 -47.75
C LEU P 58 16.25 39.71 -48.23
N GLN P 59 16.32 40.08 -49.50
CA GLN P 59 17.54 40.60 -50.06
C GLN P 59 17.96 41.87 -49.34
N ALA P 60 16.98 42.72 -49.02
CA ALA P 60 17.25 43.96 -48.32
C ALA P 60 17.76 43.70 -46.94
N SER P 61 17.34 42.62 -46.33
CA SER P 61 17.84 42.33 -45.00
C SER P 61 19.30 41.96 -45.11
N LEU P 62 19.69 41.40 -46.25
CA LEU P 62 21.04 40.94 -46.47
C LEU P 62 22.02 42.06 -46.75
N THR P 63 21.72 42.86 -47.78
CA THR P 63 22.60 43.90 -48.27
C THR P 63 22.71 45.12 -47.35
N SER P 64 22.13 45.04 -46.16
CA SER P 64 22.21 46.16 -45.22
C SER P 64 22.63 45.64 -43.85
N GLY Q 1 23.53 20.04 -68.36
CA GLY Q 1 22.94 19.24 -67.31
C GLY Q 1 21.46 19.04 -67.57
N ALA Q 2 20.81 18.21 -66.78
CA ALA Q 2 19.39 17.96 -66.97
C ALA Q 2 18.60 19.22 -66.76
N MSE Q 3 19.09 20.09 -65.91
CA MSE Q 3 18.35 21.26 -65.44
C MSE Q 3 18.52 22.55 -66.24
O MSE Q 3 19.55 22.78 -66.83
CB MSE Q 3 18.74 21.53 -63.99
CG MSE Q 3 17.71 21.08 -63.01
SE MSE Q 3 18.11 21.39 -61.18
CE MSE Q 3 19.50 20.10 -61.02
N ASP Q 4 17.49 23.38 -66.22
CA ASP Q 4 17.62 24.78 -66.62
C ASP Q 4 18.64 25.49 -65.76
N PRO Q 5 19.70 26.02 -66.37
CA PRO Q 5 20.79 26.64 -65.62
C PRO Q 5 20.42 27.82 -64.71
N GLU Q 6 19.38 28.55 -65.08
CA GLU Q 6 18.94 29.67 -64.28
C GLU Q 6 18.13 29.18 -63.11
N PHE Q 7 17.36 28.12 -63.30
CA PHE Q 7 16.54 27.55 -62.25
C PHE Q 7 17.43 26.93 -61.17
N SER Q 8 18.46 26.23 -61.60
CA SER Q 8 19.38 25.58 -60.68
C SER Q 8 20.22 26.62 -59.95
N ALA Q 9 20.54 27.72 -60.63
CA ALA Q 9 21.25 28.81 -59.97
C ALA Q 9 20.39 29.43 -58.86
N GLN Q 10 19.11 29.60 -59.15
CA GLN Q 10 18.18 30.11 -58.16
C GLN Q 10 18.07 29.14 -56.98
N LEU Q 11 18.00 27.85 -57.28
CA LEU Q 11 18.00 26.80 -56.29
C LEU Q 11 19.23 26.86 -55.37
N GLY Q 12 20.38 27.13 -55.96
CA GLY Q 12 21.62 27.19 -55.23
C GLY Q 12 21.68 28.33 -54.25
N ALA Q 13 21.22 29.49 -54.71
CA ALA Q 13 21.17 30.66 -53.86
C ALA Q 13 20.25 30.44 -52.68
N MSE Q 14 19.05 29.97 -52.96
CA MSE Q 14 18.10 29.60 -51.92
C MSE Q 14 18.69 28.58 -50.92
O MSE Q 14 18.53 28.73 -49.72
CB MSE Q 14 16.84 29.05 -52.57
CG MSE Q 14 15.74 28.61 -51.62
SE MSE Q 14 15.89 26.80 -50.98
CE MSE Q 14 15.51 25.84 -52.57
N GLN Q 15 19.37 27.58 -51.43
CA GLN Q 15 19.88 26.49 -50.61
C GLN Q 15 20.99 26.98 -49.73
N HIS Q 16 21.74 27.93 -50.24
CA HIS Q 16 22.82 28.55 -49.51
C HIS Q 16 22.27 29.30 -48.31
N LEU Q 17 21.23 30.08 -48.56
CA LEU Q 17 20.58 30.82 -47.49
C LEU Q 17 20.08 29.86 -46.44
N LYS Q 18 19.43 28.81 -46.89
CA LYS Q 18 18.86 27.81 -46.02
C LYS Q 18 19.88 27.09 -45.17
N ASP Q 19 21.01 26.76 -45.76
CA ASP Q 19 22.07 26.05 -45.07
C ASP Q 19 22.68 26.91 -43.97
N GLN Q 20 22.83 28.20 -44.26
CA GLN Q 20 23.32 29.12 -43.24
C GLN Q 20 22.39 29.16 -42.03
N LEU Q 21 21.09 29.26 -42.31
CA LEU Q 21 20.13 29.28 -41.22
C LEU Q 21 20.15 27.98 -40.42
N GLU Q 22 20.28 26.85 -41.09
CA GLU Q 22 20.38 25.57 -40.41
C GLU Q 22 21.59 25.48 -39.49
N GLN Q 23 22.71 26.01 -39.96
CA GLN Q 23 23.90 25.93 -39.14
C GLN Q 23 23.75 26.78 -37.89
N ARG Q 24 23.18 27.97 -38.04
CA ARG Q 24 22.97 28.84 -36.89
C ARG Q 24 22.01 28.21 -35.88
N THR Q 25 21.01 27.52 -36.39
CA THR Q 25 20.12 26.78 -35.53
C THR Q 25 20.86 25.74 -34.71
N ARG Q 26 21.76 25.02 -35.35
CA ARG Q 26 22.52 24.00 -34.61
C ARG Q 26 23.48 24.61 -33.59
N MSE Q 27 23.94 25.81 -33.85
CA MSE Q 27 24.87 26.42 -32.92
C MSE Q 27 24.13 26.94 -31.68
O MSE Q 27 24.60 26.74 -30.57
CB MSE Q 27 25.66 27.54 -33.59
CG MSE Q 27 26.74 27.07 -34.58
SE MSE Q 27 28.10 25.84 -33.90
CE MSE Q 27 29.05 27.06 -32.73
N ILE Q 28 22.99 27.58 -31.86
CA ILE Q 28 22.20 28.04 -30.74
C ILE Q 28 21.71 26.83 -29.92
N GLU Q 29 21.35 25.76 -30.61
CA GLU Q 29 20.93 24.55 -29.95
C GLU Q 29 22.03 24.02 -29.03
N ALA Q 30 23.25 23.98 -29.55
CA ALA Q 30 24.37 23.57 -28.71
C ALA Q 30 24.57 24.48 -27.51
N ASN Q 31 24.57 25.80 -27.74
CA ASN Q 31 24.70 26.73 -26.61
C ASN Q 31 23.71 26.46 -25.53
N ILE Q 32 22.45 26.33 -25.91
CA ILE Q 32 21.39 26.09 -24.96
C ILE Q 32 21.57 24.76 -24.21
N HIS Q 33 22.10 23.73 -24.86
CA HIS Q 33 22.36 22.50 -24.10
C HIS Q 33 23.46 22.72 -23.04
N ARG Q 34 24.51 23.44 -23.40
CA ARG Q 34 25.53 23.77 -22.40
C ARG Q 34 24.97 24.57 -21.23
N GLN Q 35 24.13 25.54 -21.53
CA GLN Q 35 23.53 26.34 -20.48
C GLN Q 35 22.66 25.47 -19.60
N GLN Q 36 21.96 24.51 -20.18
CA GLN Q 36 21.16 23.57 -19.40
C GLN Q 36 21.95 22.70 -18.45
N GLU Q 37 23.08 22.20 -18.90
CA GLU Q 37 23.96 21.45 -18.03
C GLU Q 37 24.43 22.34 -16.88
N GLU Q 38 24.86 23.57 -17.19
CA GLU Q 38 25.19 24.47 -16.09
C GLU Q 38 24.04 24.74 -15.14
N LEU Q 39 22.83 24.87 -15.64
CA LEU Q 39 21.67 25.06 -14.78
C LEU Q 39 21.44 23.89 -13.83
N ARG Q 40 21.49 22.67 -14.33
CA ARG Q 40 21.29 21.55 -13.44
C ARG Q 40 22.41 21.46 -12.39
N LYS Q 41 23.64 21.82 -12.78
CA LYS Q 41 24.73 21.87 -11.82
C LYS Q 41 24.51 22.92 -10.73
N ILE Q 42 24.02 24.08 -11.10
CA ILE Q 42 23.69 25.10 -10.11
C ILE Q 42 22.61 24.60 -9.17
N GLN Q 43 21.59 23.96 -9.72
CA GLN Q 43 20.52 23.43 -8.91
C GLN Q 43 20.99 22.34 -7.93
N GLU Q 44 21.91 21.49 -8.35
CA GLU Q 44 22.41 20.50 -7.42
C GLU Q 44 23.26 21.19 -6.34
N GLN Q 45 24.07 22.18 -6.70
CA GLN Q 45 24.79 22.95 -5.68
C GLN Q 45 23.83 23.64 -4.72
N LEU Q 46 22.61 23.89 -5.15
CA LEU Q 46 21.65 24.53 -4.25
C LEU Q 46 20.96 23.47 -3.41
N GLN Q 47 21.04 22.22 -3.80
CA GLN Q 47 20.48 21.19 -2.93
C GLN Q 47 21.30 21.05 -1.67
N MSE Q 48 22.59 21.39 -1.75
CA MSE Q 48 23.47 21.19 -0.62
C MSE Q 48 23.86 22.48 0.10
O MSE Q 48 25.01 22.68 0.45
CB MSE Q 48 24.71 20.45 -1.08
CG MSE Q 48 24.38 19.11 -1.65
SE MSE Q 48 26.00 18.27 -2.27
CE MSE Q 48 26.96 19.88 -2.83
N VAL Q 49 22.89 23.34 0.30
CA VAL Q 49 23.08 24.56 1.06
C VAL Q 49 22.04 24.57 2.16
N HIS Q 50 22.37 25.20 3.29
CA HIS Q 50 21.54 25.12 4.47
C HIS Q 50 21.05 26.48 4.97
N PRO R 5 26.47 35.33 18.67
CA PRO R 5 26.67 36.68 18.12
C PRO R 5 25.46 37.10 17.30
N GLU R 6 25.70 37.74 16.16
CA GLU R 6 24.60 38.11 15.27
C GLU R 6 24.45 37.03 14.21
N PHE R 7 24.43 35.81 14.71
CA PHE R 7 24.37 34.60 13.91
C PHE R 7 23.04 34.49 13.17
N SER R 8 21.94 34.84 13.83
CA SER R 8 20.63 34.61 13.25
C SER R 8 20.15 35.66 12.28
N ALA R 9 20.71 36.86 12.36
CA ALA R 9 20.67 37.78 11.22
C ALA R 9 21.23 37.10 10.00
N GLN R 10 22.40 36.52 10.16
CA GLN R 10 23.07 35.82 9.07
C GLN R 10 22.25 34.69 8.53
N LEU R 11 21.67 33.90 9.41
CA LEU R 11 20.80 32.82 8.98
C LEU R 11 19.65 33.33 8.13
N GLY R 12 19.00 34.40 8.60
CA GLY R 12 17.85 34.91 7.90
C GLY R 12 18.22 35.54 6.58
N ALA R 13 19.49 35.96 6.47
CA ALA R 13 20.03 36.48 5.21
C ALA R 13 20.27 35.36 4.20
N MSE R 14 20.98 34.32 4.65
CA MSE R 14 21.26 33.14 3.85
C MSE R 14 20.00 32.51 3.31
O MSE R 14 19.97 32.04 2.19
CB MSE R 14 22.02 32.08 4.66
CG MSE R 14 23.27 32.57 5.31
SE MSE R 14 24.22 33.75 4.14
CE MSE R 14 25.12 32.38 3.16
N GLN R 15 18.96 32.50 4.12
CA GLN R 15 17.72 31.91 3.67
C GLN R 15 17.07 32.78 2.59
N HIS R 16 17.05 34.09 2.77
CA HIS R 16 16.46 34.94 1.75
C HIS R 16 17.18 34.77 0.43
N LEU R 17 18.49 34.74 0.50
CA LEU R 17 19.28 34.64 -0.70
C LEU R 17 19.06 33.29 -1.36
N LYS R 18 19.00 32.23 -0.57
CA LYS R 18 18.77 30.91 -1.13
C LYS R 18 17.40 30.84 -1.81
N ASP R 19 16.43 31.58 -1.28
CA ASP R 19 15.10 31.56 -1.88
C ASP R 19 15.10 32.31 -3.20
N GLN R 20 15.74 33.47 -3.25
CA GLN R 20 15.83 34.17 -4.52
C GLN R 20 16.63 33.39 -5.55
N LEU R 21 17.68 32.71 -5.13
CA LEU R 21 18.45 31.95 -6.07
C LEU R 21 17.59 30.84 -6.64
N GLU R 22 16.77 30.21 -5.81
CA GLU R 22 15.90 29.19 -6.37
C GLU R 22 14.85 29.76 -7.33
N GLN R 23 14.34 30.94 -7.06
CA GLN R 23 13.35 31.50 -7.97
C GLN R 23 14.01 31.86 -9.30
N ARG R 24 15.25 32.32 -9.22
CA ARG R 24 16.00 32.72 -10.40
C ARG R 24 16.35 31.51 -11.25
N THR R 25 16.71 30.42 -10.60
CA THR R 25 16.95 29.21 -11.36
C THR R 25 15.68 28.76 -12.04
N ARG R 26 14.55 28.85 -11.38
CA ARG R 26 13.35 28.38 -12.04
C ARG R 26 12.98 29.25 -13.21
N MSE R 27 13.24 30.55 -13.12
CA MSE R 27 12.95 31.41 -14.24
C MSE R 27 13.86 31.07 -15.41
O MSE R 27 13.44 31.10 -16.56
CB MSE R 27 13.05 32.89 -13.85
CG MSE R 27 14.38 33.53 -14.13
SE MSE R 27 14.26 35.42 -14.53
CE MSE R 27 13.23 35.96 -12.98
N ILE R 28 15.11 30.72 -15.14
CA ILE R 28 16.03 30.36 -16.21
C ILE R 28 15.60 29.08 -16.85
N GLU R 29 15.17 28.14 -16.04
CA GLU R 29 14.74 26.85 -16.55
C GLU R 29 13.52 27.01 -17.48
N ALA R 30 12.57 27.86 -17.09
CA ALA R 30 11.45 28.17 -17.95
C ALA R 30 11.91 28.79 -19.25
N ASN R 31 12.81 29.77 -19.15
CA ASN R 31 13.39 30.44 -20.32
C ASN R 31 14.02 29.47 -21.30
N ILE R 32 14.86 28.59 -20.80
CA ILE R 32 15.55 27.62 -21.61
C ILE R 32 14.54 26.76 -22.33
N HIS R 33 13.49 26.33 -21.64
CA HIS R 33 12.50 25.54 -22.34
C HIS R 33 11.78 26.32 -23.44
N ARG R 34 11.43 27.57 -23.18
CA ARG R 34 10.77 28.35 -24.19
C ARG R 34 11.64 28.48 -25.42
N GLN R 35 12.93 28.73 -25.19
CA GLN R 35 13.91 28.84 -26.25
C GLN R 35 14.10 27.59 -27.06
N GLN R 36 14.15 26.45 -26.39
CA GLN R 36 14.30 25.17 -27.07
C GLN R 36 13.09 24.86 -27.92
N GLU R 37 11.94 25.30 -27.43
CA GLU R 37 10.69 25.08 -28.13
C GLU R 37 10.73 25.96 -29.39
N GLU R 38 11.14 27.22 -29.28
CA GLU R 38 11.32 28.06 -30.46
C GLU R 38 12.29 27.46 -31.47
N LEU R 39 13.40 26.93 -30.99
CA LEU R 39 14.31 26.21 -31.85
C LEU R 39 13.64 25.05 -32.60
N ARG R 40 12.86 24.21 -31.93
CA ARG R 40 12.22 23.13 -32.64
C ARG R 40 11.28 23.70 -33.71
N LYS R 41 10.56 24.76 -33.39
CA LYS R 41 9.72 25.37 -34.39
C LYS R 41 10.49 25.79 -35.64
N ILE R 42 11.60 26.48 -35.46
CA ILE R 42 12.46 26.90 -36.55
C ILE R 42 12.98 25.71 -37.34
N GLN R 43 13.38 24.65 -36.65
CA GLN R 43 13.88 23.47 -37.30
C GLN R 43 12.81 22.81 -38.16
N GLU R 44 11.57 22.88 -37.71
CA GLU R 44 10.46 22.36 -38.46
C GLU R 44 10.24 23.17 -39.71
N GLN R 45 9.99 24.45 -39.54
CA GLN R 45 9.92 25.37 -40.65
C GLN R 45 10.98 25.13 -41.73
N LEU R 46 12.22 24.85 -41.33
CA LEU R 46 13.31 24.63 -42.29
C LEU R 46 13.43 23.16 -42.63
N GLN R 47 12.42 22.40 -42.28
CA GLN R 47 12.34 20.99 -42.57
C GLN R 47 13.62 20.22 -42.26
N MSE R 48 14.00 20.21 -40.99
CA MSE R 48 15.16 19.44 -40.51
C MSE R 48 14.70 18.25 -39.69
O MSE R 48 14.62 18.34 -38.47
CB MSE R 48 16.10 20.29 -39.63
CG MSE R 48 16.59 21.59 -40.22
SE MSE R 48 17.25 22.83 -38.87
CE MSE R 48 19.09 22.25 -38.75
N GLY S 1 12.16 2.38 -20.51
CA GLY S 1 11.92 3.30 -21.61
C GLY S 1 10.87 2.83 -22.61
N ASN S 2 11.28 2.62 -23.86
CA ASN S 2 10.53 1.91 -24.90
C ASN S 2 9.35 1.01 -24.50
N THR S 3 9.70 -0.23 -24.18
CA THR S 3 8.74 -1.28 -23.93
C THR S 3 7.87 -0.89 -22.77
N LEU S 4 8.47 -0.36 -21.72
CA LEU S 4 7.72 0.07 -20.56
C LEU S 4 6.67 1.09 -20.86
N VAL S 5 7.02 2.08 -21.66
CA VAL S 5 6.07 3.12 -21.98
C VAL S 5 4.96 2.60 -22.83
N VAL S 6 5.29 1.83 -23.85
CA VAL S 6 4.24 1.27 -24.67
C VAL S 6 3.31 0.38 -23.86
N LEU S 7 3.86 -0.53 -23.05
CA LEU S 7 3.05 -1.41 -22.20
C LEU S 7 2.13 -0.60 -21.32
N HIS S 8 2.62 0.50 -20.77
CA HIS S 8 1.75 1.36 -19.99
C HIS S 8 0.67 2.03 -20.83
N LYS S 9 1.05 2.63 -21.96
CA LYS S 9 0.09 3.36 -22.76
C LYS S 9 -0.98 2.46 -23.34
N SER S 10 -0.62 1.23 -23.69
CA SER S 10 -1.54 0.27 -24.26
C SER S 10 -2.43 -0.46 -23.26
N GLY S 11 -2.30 -0.14 -21.98
CA GLY S 11 -2.62 -1.01 -20.86
C GLY S 11 -2.48 -2.51 -20.99
N LEU S 12 -1.32 -2.92 -21.48
CA LEU S 12 -0.96 -4.31 -21.56
C LEU S 12 -0.12 -4.77 -20.38
N LEU S 13 0.20 -3.88 -19.48
CA LEU S 13 1.11 -4.21 -18.37
C LEU S 13 0.57 -5.24 -17.38
N GLU S 14 -0.63 -5.05 -16.83
CA GLU S 14 -1.18 -6.07 -15.95
C GLU S 14 -1.18 -7.42 -16.61
N ILE S 15 -1.58 -7.44 -17.87
CA ILE S 15 -1.64 -8.70 -18.60
C ILE S 15 -0.27 -9.35 -18.69
N THR S 16 0.78 -8.57 -18.96
CA THR S 16 2.10 -9.16 -19.04
C THR S 16 2.52 -9.76 -17.71
N LEU S 17 2.22 -9.06 -16.62
CA LEU S 17 2.58 -9.57 -15.30
C LEU S 17 1.81 -10.84 -14.94
N LYS S 18 0.50 -10.85 -15.16
CA LYS S 18 -0.30 -12.04 -14.96
C LYS S 18 0.14 -13.21 -15.80
N THR S 19 0.53 -12.95 -17.04
CA THR S 19 0.99 -13.98 -17.93
C THR S 19 2.29 -14.55 -17.42
N LYS S 20 3.19 -13.70 -16.95
CA LYS S 20 4.43 -14.22 -16.42
C LYS S 20 4.20 -15.07 -15.18
N GLU S 21 3.28 -14.64 -14.33
CA GLU S 21 2.96 -15.41 -13.12
C GLU S 21 2.33 -16.76 -13.46
N LEU S 22 1.42 -16.77 -14.42
CA LEU S 22 0.78 -17.98 -14.85
C LEU S 22 1.76 -18.95 -15.49
N ILE S 23 2.71 -18.42 -16.25
CA ILE S 23 3.76 -19.24 -16.83
C ILE S 23 4.59 -19.89 -15.74
N ARG S 24 4.93 -19.12 -14.71
CA ARG S 24 5.65 -19.67 -13.56
C ARG S 24 4.89 -20.81 -12.86
N GLN S 25 3.62 -20.57 -12.58
CA GLN S 25 2.80 -21.59 -11.94
C GLN S 25 2.75 -22.87 -12.75
N ASN S 26 2.54 -22.72 -14.06
CA ASN S 26 2.42 -23.87 -14.95
C ASN S 26 3.72 -24.64 -15.04
N GLN S 27 4.84 -23.93 -14.96
CA GLN S 27 6.14 -24.55 -14.94
C GLN S 27 6.36 -25.41 -13.70
N ALA S 28 5.98 -24.87 -12.55
CA ALA S 28 6.04 -25.62 -11.30
C ALA S 28 5.18 -26.88 -11.38
N THR S 29 3.96 -26.72 -11.86
CA THR S 29 3.06 -27.85 -12.04
C THR S 29 3.65 -28.88 -13.00
N GLN S 30 4.38 -28.42 -14.00
CA GLN S 30 5.04 -29.35 -14.89
C GLN S 30 6.07 -30.16 -14.14
N ALA S 31 6.78 -29.50 -13.24
CA ALA S 31 7.76 -30.19 -12.44
C ALA S 31 7.09 -31.29 -11.63
N GLU S 32 6.01 -30.92 -10.96
CA GLU S 32 5.26 -31.91 -10.19
C GLU S 32 4.81 -33.08 -11.04
N LEU S 33 4.32 -32.83 -12.24
CA LEU S 33 3.89 -33.94 -13.10
C LEU S 33 5.02 -34.86 -13.53
N ASP S 34 6.18 -34.29 -13.84
CA ASP S 34 7.31 -35.11 -14.24
C ASP S 34 7.73 -36.05 -13.10
N GLN S 35 7.84 -35.48 -11.92
CA GLN S 35 8.21 -36.24 -10.74
C GLN S 35 7.19 -37.32 -10.43
N LEU S 36 5.93 -36.94 -10.45
CA LEU S 36 4.85 -37.86 -10.16
C LEU S 36 4.79 -39.01 -11.17
N LYS S 37 5.14 -38.73 -12.43
CA LYS S 37 5.15 -39.78 -13.43
C LYS S 37 6.21 -40.82 -13.15
N GLU S 38 7.38 -40.35 -12.74
CA GLU S 38 8.45 -41.31 -12.41
C GLU S 38 8.06 -42.13 -11.19
N GLN S 39 7.44 -41.47 -10.23
CA GLN S 39 7.03 -42.14 -9.01
C GLN S 39 6.01 -43.21 -9.26
N THR S 40 5.07 -42.91 -10.15
CA THR S 40 4.07 -43.90 -10.54
C THR S 40 4.70 -45.06 -11.25
N GLN S 41 5.55 -44.79 -12.22
CA GLN S 41 6.23 -45.87 -12.89
C GLN S 41 6.88 -46.83 -11.90
N MSE S 42 7.56 -46.30 -10.89
CA MSE S 42 8.15 -47.19 -9.90
C MSE S 42 7.09 -47.99 -9.09
O MSE S 42 7.28 -49.17 -8.78
CB MSE S 42 9.07 -46.39 -8.98
CG MSE S 42 8.79 -46.48 -7.50
SE MSE S 42 9.96 -45.38 -6.43
CE MSE S 42 10.03 -43.78 -7.53
N PHE S 43 5.97 -47.35 -8.78
CA PHE S 43 4.83 -48.05 -8.16
C PHE S 43 4.33 -49.26 -8.97
N ILE S 44 3.97 -49.01 -10.22
CA ILE S 44 3.51 -50.03 -11.15
C ILE S 44 4.52 -51.15 -11.32
N GLU S 45 5.74 -50.75 -11.60
CA GLU S 45 6.83 -51.69 -11.68
C GLU S 45 6.83 -52.64 -10.49
N ALA S 46 6.64 -52.10 -9.29
CA ALA S 46 6.65 -52.98 -8.11
C ALA S 46 5.32 -53.69 -7.91
N THR S 47 4.36 -53.40 -8.77
CA THR S 47 3.05 -54.02 -8.63
C THR S 47 2.97 -55.21 -9.56
N LYS S 48 3.97 -55.38 -10.41
CA LYS S 48 3.93 -56.48 -11.36
C LYS S 48 4.85 -57.66 -11.00
N SER S 49 5.92 -57.40 -10.28
CA SER S 49 6.84 -58.47 -9.90
C SER S 49 7.25 -58.43 -8.45
N ARG S 50 7.61 -59.58 -7.88
CA ARG S 50 8.09 -59.55 -6.50
C ARG S 50 9.57 -59.84 -6.42
N ALA S 51 10.21 -59.89 -7.56
CA ALA S 51 11.63 -60.16 -7.59
C ALA S 51 12.30 -58.81 -7.53
N PRO S 52 13.49 -58.75 -6.96
CA PRO S 52 13.94 -57.51 -6.32
C PRO S 52 14.20 -56.37 -7.27
N GLN S 53 14.47 -56.58 -8.55
CA GLN S 53 14.65 -55.45 -9.48
C GLN S 53 13.58 -54.37 -9.32
N ALA S 54 12.32 -54.80 -9.24
CA ALA S 54 11.18 -53.89 -9.18
C ALA S 54 11.06 -53.18 -7.84
N TRP S 55 11.43 -53.87 -6.80
CA TRP S 55 11.37 -53.38 -5.45
C TRP S 55 12.63 -52.64 -5.04
N ALA S 56 13.68 -52.77 -5.85
CA ALA S 56 14.95 -52.18 -5.54
C ALA S 56 14.92 -50.68 -5.64
N LYS S 57 14.35 -50.14 -6.71
CA LYS S 57 14.24 -48.70 -6.81
C LYS S 57 13.36 -48.18 -5.72
N LEU S 58 12.26 -48.88 -5.49
CA LEU S 58 11.29 -48.44 -4.51
C LEU S 58 11.87 -48.37 -3.11
N GLN S 59 12.53 -49.43 -2.68
CA GLN S 59 13.12 -49.44 -1.36
C GLN S 59 14.25 -48.45 -1.28
N ALA S 60 14.98 -48.28 -2.38
CA ALA S 60 16.05 -47.30 -2.41
C ALA S 60 15.49 -45.91 -2.21
N SER S 61 14.28 -45.68 -2.70
CA SER S 61 13.63 -44.40 -2.57
C SER S 61 13.28 -44.11 -1.14
N LEU S 62 13.03 -45.16 -0.39
CA LEU S 62 12.69 -45.05 1.02
C LEU S 62 13.93 -44.85 1.90
N THR S 63 15.00 -44.30 1.34
CA THR S 63 16.23 -44.13 2.11
C THR S 63 17.16 -43.05 1.57
N GLY T 1 0.25 -71.79 -2.53
CA GLY T 1 0.57 -72.18 -1.18
C GLY T 1 0.64 -70.97 -0.28
N ALA T 2 1.47 -71.04 0.75
CA ALA T 2 1.64 -69.97 1.72
C ALA T 2 2.20 -68.71 1.11
N MSE T 3 1.92 -67.59 1.76
CA MSE T 3 2.39 -66.30 1.31
C MSE T 3 3.71 -65.92 1.96
O MSE T 3 4.00 -66.28 3.09
CB MSE T 3 1.34 -65.23 1.61
CG MSE T 3 0.08 -65.36 0.75
SE MSE T 3 -1.24 -64.00 1.19
CE MSE T 3 -0.14 -63.05 2.41
N ASP T 4 4.51 -65.16 1.22
CA ASP T 4 5.85 -64.74 1.60
C ASP T 4 5.87 -63.78 2.80
N PRO T 5 6.79 -64.01 3.75
CA PRO T 5 6.87 -63.17 4.96
C PRO T 5 7.06 -61.68 4.68
N GLU T 6 7.59 -61.33 3.53
CA GLU T 6 7.69 -59.93 3.17
C GLU T 6 6.42 -59.41 2.60
N PHE T 7 5.42 -60.26 2.39
CA PHE T 7 4.25 -59.84 1.66
C PHE T 7 3.53 -58.69 2.35
N SER T 8 3.45 -58.74 3.67
CA SER T 8 2.72 -57.70 4.41
C SER T 8 3.37 -56.35 4.28
N ALA T 9 4.70 -56.34 4.25
CA ALA T 9 5.46 -55.13 4.08
C ALA T 9 5.21 -54.54 2.70
N GLN T 10 5.15 -55.41 1.71
CA GLN T 10 4.89 -54.99 0.35
C GLN T 10 3.48 -54.43 0.22
N LEU T 11 2.53 -55.10 0.83
CA LEU T 11 1.17 -54.64 0.85
C LEU T 11 1.06 -53.26 1.51
N GLY T 12 1.74 -53.08 2.63
CA GLY T 12 1.68 -51.81 3.35
C GLY T 12 2.31 -50.70 2.58
N ALA T 13 3.45 -50.98 1.99
CA ALA T 13 4.15 -49.99 1.20
C ALA T 13 3.27 -49.58 0.03
N MSE T 14 2.57 -50.53 -0.57
CA MSE T 14 1.74 -50.17 -1.70
C MSE T 14 0.48 -49.42 -1.30
O MSE T 14 -0.03 -48.62 -2.05
CB MSE T 14 1.37 -51.40 -2.48
CG MSE T 14 2.54 -52.18 -2.95
SE MSE T 14 3.30 -51.36 -4.46
CE MSE T 14 2.07 -52.16 -5.64
N GLN T 15 -0.01 -49.68 -0.11
CA GLN T 15 -1.14 -48.90 0.36
C GLN T 15 -0.75 -47.44 0.59
N HIS T 16 0.38 -47.24 1.24
CA HIS T 16 0.83 -45.89 1.50
C HIS T 16 1.25 -45.14 0.25
N LEU T 17 2.00 -45.81 -0.63
CA LEU T 17 2.31 -45.20 -1.92
C LEU T 17 1.10 -44.87 -2.74
N LYS T 18 0.18 -45.81 -2.88
CA LYS T 18 -0.97 -45.52 -3.71
C LYS T 18 -1.75 -44.37 -3.09
N ASP T 19 -1.81 -44.31 -1.77
CA ASP T 19 -2.54 -43.20 -1.16
C ASP T 19 -1.89 -41.86 -1.47
N GLN T 20 -0.58 -41.83 -1.34
CA GLN T 20 0.15 -40.62 -1.66
C GLN T 20 -0.05 -40.18 -3.09
N LEU T 21 0.13 -41.12 -4.01
CA LEU T 21 0.02 -40.82 -5.43
C LEU T 21 -1.38 -40.35 -5.80
N GLU T 22 -2.41 -40.96 -5.22
CA GLU T 22 -3.74 -40.45 -5.50
C GLU T 22 -3.95 -39.05 -4.99
N GLN T 23 -3.51 -38.77 -3.78
CA GLN T 23 -3.77 -37.42 -3.29
C GLN T 23 -2.97 -36.38 -4.10
N ARG T 24 -1.74 -36.71 -4.49
CA ARG T 24 -0.91 -35.82 -5.28
C ARG T 24 -1.56 -35.56 -6.63
N THR T 25 -2.11 -36.60 -7.22
CA THR T 25 -2.88 -36.48 -8.46
C THR T 25 -4.04 -35.52 -8.30
N ARG T 26 -4.75 -35.63 -7.18
CA ARG T 26 -5.86 -34.73 -6.99
C ARG T 26 -5.43 -33.28 -6.85
N MSE T 27 -4.42 -33.00 -6.02
CA MSE T 27 -4.00 -31.63 -5.86
CA MSE T 27 -3.91 -31.64 -5.85
C MSE T 27 -3.50 -31.06 -7.18
O MSE T 27 -3.82 -29.91 -7.52
CB MSE T 27 -2.94 -31.49 -4.78
CB MSE T 27 -2.69 -31.61 -4.93
CG MSE T 27 -3.10 -30.22 -3.93
CG MSE T 27 -2.81 -32.35 -3.61
SE MSE T 27 -4.59 -30.23 -2.64
SE MSE T 27 -1.04 -32.59 -2.79
CE MSE T 27 -6.09 -29.75 -3.77
CE MSE T 27 -0.67 -30.73 -2.35
N ILE T 28 -2.74 -31.84 -7.94
CA ILE T 28 -2.28 -31.35 -9.24
C ILE T 28 -3.43 -31.05 -10.19
N GLU T 29 -4.43 -31.91 -10.23
CA GLU T 29 -5.57 -31.61 -11.09
C GLU T 29 -6.23 -30.31 -10.68
N ALA T 30 -6.41 -30.10 -9.38
CA ALA T 30 -7.01 -28.86 -8.92
C ALA T 30 -6.19 -27.64 -9.37
N ASN T 31 -4.87 -27.72 -9.18
CA ASN T 31 -4.02 -26.64 -9.68
C ASN T 31 -4.24 -26.35 -11.14
N ILE T 32 -4.21 -27.41 -11.94
CA ILE T 32 -4.33 -27.20 -13.37
C ILE T 32 -5.66 -26.54 -13.70
N HIS T 33 -6.72 -26.92 -13.00
CA HIS T 33 -8.02 -26.28 -13.28
C HIS T 33 -7.99 -24.79 -12.91
N ARG T 34 -7.38 -24.45 -11.78
CA ARG T 34 -7.27 -23.03 -11.48
C ARG T 34 -6.49 -22.26 -12.54
N GLN T 35 -5.39 -22.85 -12.99
CA GLN T 35 -4.58 -22.21 -14.02
C GLN T 35 -5.40 -22.03 -15.29
N GLN T 36 -6.27 -22.98 -15.56
CA GLN T 36 -7.16 -22.91 -16.70
C GLN T 36 -8.07 -21.70 -16.57
N GLU T 37 -8.55 -21.48 -15.35
CA GLU T 37 -9.42 -20.33 -15.11
C GLU T 37 -8.68 -19.01 -15.40
N GLU T 38 -7.50 -18.87 -14.82
CA GLU T 38 -6.68 -17.69 -15.11
C GLU T 38 -6.35 -17.51 -16.60
N LEU T 39 -6.08 -18.60 -17.28
CA LEU T 39 -5.80 -18.53 -18.70
C LEU T 39 -6.99 -17.98 -19.46
N ARG T 40 -8.18 -18.50 -19.18
CA ARG T 40 -9.33 -17.98 -19.90
C ARG T 40 -9.58 -16.51 -19.57
N LYS T 41 -9.37 -16.14 -18.31
CA LYS T 41 -9.53 -14.73 -17.95
C LYS T 41 -8.58 -13.83 -18.70
N ILE T 42 -7.32 -14.24 -18.79
CA ILE T 42 -6.34 -13.46 -19.53
C ILE T 42 -6.69 -13.37 -21.00
N GLN T 43 -7.07 -14.48 -21.63
CA GLN T 43 -7.41 -14.40 -23.05
C GLN T 43 -8.63 -13.53 -23.33
N GLU T 44 -9.65 -13.59 -22.48
CA GLU T 44 -10.78 -12.70 -22.70
C GLU T 44 -10.37 -11.26 -22.49
N GLN T 45 -9.55 -11.02 -21.48
CA GLN T 45 -9.01 -9.68 -21.27
C GLN T 45 -8.17 -9.24 -22.48
N LEU T 46 -7.67 -10.20 -23.25
CA LEU T 46 -6.90 -9.91 -24.46
C LEU T 46 -7.83 -9.70 -25.64
N GLN T 47 -9.10 -10.07 -25.44
CA GLN T 47 -10.10 -9.82 -26.48
C GLN T 47 -10.86 -8.53 -26.24
N MSE T 48 -10.23 -7.58 -25.57
CA MSE T 48 -10.84 -6.27 -25.33
C MSE T 48 -9.87 -5.16 -25.71
O MSE T 48 -10.11 -3.98 -25.43
CB MSE T 48 -11.28 -6.15 -23.88
CG MSE T 48 -12.44 -7.05 -23.55
SE MSE T 48 -12.92 -6.98 -21.67
CE MSE T 48 -13.20 -5.05 -21.52
N VAL T 49 -8.77 -5.55 -26.34
CA VAL T 49 -7.86 -4.60 -26.97
C VAL T 49 -7.63 -5.04 -28.40
N GLY U 1 3.08 17.34 -34.60
CA GLY U 1 2.41 17.74 -35.81
C GLY U 1 1.18 16.92 -36.08
N ALA U 2 1.20 16.19 -37.19
CA ALA U 2 0.08 15.35 -37.59
C ALA U 2 -0.16 14.28 -36.56
N MSE U 3 0.92 13.71 -36.04
CA MSE U 3 0.86 12.84 -34.89
C MSE U 3 2.18 12.71 -34.17
O MSE U 3 3.21 13.18 -34.62
CB MSE U 3 0.36 11.46 -35.29
CG MSE U 3 -1.08 11.37 -34.92
SE MSE U 3 -1.95 9.90 -35.61
CE MSE U 3 -3.71 10.54 -35.70
N ASP U 4 2.13 12.06 -33.02
CA ASP U 4 3.25 11.91 -32.10
C ASP U 4 4.40 11.33 -32.88
N PRO U 5 5.53 12.03 -32.88
CA PRO U 5 6.70 11.57 -33.62
C PRO U 5 7.10 10.14 -33.26
N GLU U 6 6.72 9.75 -32.06
CA GLU U 6 6.98 8.45 -31.49
C GLU U 6 5.93 7.39 -31.87
N PHE U 7 4.82 7.82 -32.44
CA PHE U 7 3.70 6.92 -32.68
C PHE U 7 3.89 5.72 -33.56
N SER U 8 4.62 5.80 -34.65
CA SER U 8 4.73 4.61 -35.50
C SER U 8 5.54 3.51 -34.81
N ALA U 9 6.57 3.93 -34.08
CA ALA U 9 7.35 3.01 -33.28
C ALA U 9 6.50 2.40 -32.19
N GLN U 10 5.67 3.21 -31.54
CA GLN U 10 4.80 2.72 -30.49
C GLN U 10 3.74 1.76 -31.00
N LEU U 11 3.12 2.05 -32.14
CA LEU U 11 2.20 1.13 -32.76
C LEU U 11 2.86 -0.20 -33.09
N GLY U 12 4.06 -0.14 -33.63
CA GLY U 12 4.74 -1.36 -34.01
C GLY U 12 5.12 -2.21 -32.82
N ALA U 13 5.68 -1.56 -31.81
CA ALA U 13 6.06 -2.24 -30.59
C ALA U 13 4.83 -2.84 -29.94
N MSE U 14 3.74 -2.11 -29.95
CA MSE U 14 2.51 -2.63 -29.38
C MSE U 14 2.03 -3.87 -30.11
O MSE U 14 1.62 -4.83 -29.48
CB MSE U 14 1.42 -1.59 -29.40
CG MSE U 14 0.25 -1.99 -28.58
SE MSE U 14 -1.39 -1.15 -29.10
CE MSE U 14 -1.76 -2.25 -30.65
N GLN U 15 2.08 -3.85 -31.45
CA GLN U 15 1.62 -5.02 -32.19
C GLN U 15 2.48 -6.23 -31.89
N HIS U 16 3.78 -5.99 -31.77
CA HIS U 16 4.73 -7.03 -31.43
C HIS U 16 4.58 -7.61 -30.03
N LEU U 17 4.49 -6.73 -29.05
CA LEU U 17 4.30 -7.14 -27.67
C LEU U 17 3.01 -7.93 -27.51
N LYS U 18 1.94 -7.42 -28.08
CA LYS U 18 0.64 -8.06 -28.02
C LYS U 18 0.63 -9.41 -28.72
N ASP U 19 1.29 -9.54 -29.87
CA ASP U 19 1.30 -10.84 -30.52
C ASP U 19 2.15 -11.81 -29.68
N GLN U 20 3.22 -11.29 -29.06
CA GLN U 20 4.06 -12.06 -28.17
C GLN U 20 3.20 -12.65 -27.05
N LEU U 21 2.34 -11.84 -26.44
CA LEU U 21 1.40 -12.36 -25.45
C LEU U 21 0.38 -13.33 -26.02
N GLU U 22 -0.06 -13.10 -27.24
CA GLU U 22 -1.02 -14.00 -27.86
C GLU U 22 -0.42 -15.39 -27.98
N GLN U 23 0.83 -15.44 -28.46
CA GLN U 23 1.51 -16.70 -28.62
C GLN U 23 1.79 -17.32 -27.26
N ARG U 24 2.19 -16.55 -26.26
CA ARG U 24 2.44 -17.18 -24.97
C ARG U 24 1.20 -17.76 -24.32
N THR U 25 0.09 -17.05 -24.37
CA THR U 25 -1.17 -17.59 -23.88
C THR U 25 -1.53 -18.88 -24.60
N ARG U 26 -1.33 -18.91 -25.91
CA ARG U 26 -1.63 -20.15 -26.63
C ARG U 26 -0.72 -21.27 -26.17
N MSE U 27 0.57 -20.97 -26.00
CA MSE U 27 1.53 -21.93 -25.49
C MSE U 27 1.04 -22.56 -24.20
O MSE U 27 0.98 -23.78 -24.09
CB MSE U 27 2.88 -21.26 -25.27
CG MSE U 27 3.93 -22.18 -24.71
SE MSE U 27 5.32 -21.24 -23.75
CE MSE U 27 6.48 -22.75 -23.34
N ILE U 28 0.69 -21.72 -23.24
CA ILE U 28 0.16 -22.18 -21.97
C ILE U 28 -1.07 -23.05 -22.14
N GLU U 29 -1.92 -22.70 -23.10
CA GLU U 29 -3.08 -23.53 -23.36
C GLU U 29 -2.66 -24.93 -23.84
N ALA U 30 -1.68 -24.99 -24.73
CA ALA U 30 -1.16 -26.25 -25.21
C ALA U 30 -0.57 -27.07 -24.07
N ASN U 31 0.27 -26.44 -23.28
CA ASN U 31 0.86 -27.06 -22.12
C ASN U 31 -0.20 -27.65 -21.22
N ILE U 32 -1.21 -26.86 -20.90
CA ILE U 32 -2.25 -27.34 -20.01
C ILE U 32 -2.98 -28.55 -20.61
N HIS U 33 -3.22 -28.56 -21.91
CA HIS U 33 -3.89 -29.71 -22.51
C HIS U 33 -3.04 -30.97 -22.45
N ARG U 34 -1.75 -30.79 -22.75
CA ARG U 34 -0.78 -31.86 -22.67
C ARG U 34 -0.65 -32.43 -21.25
N GLN U 35 -0.57 -31.53 -20.27
CA GLN U 35 -0.47 -31.91 -18.87
C GLN U 35 -1.72 -32.62 -18.37
N GLN U 36 -2.88 -32.20 -18.84
CA GLN U 36 -4.10 -32.90 -18.48
C GLN U 36 -4.05 -34.30 -19.03
N GLU U 37 -3.50 -34.43 -20.22
CA GLU U 37 -3.32 -35.76 -20.80
C GLU U 37 -2.42 -36.69 -19.98
N GLU U 38 -1.24 -36.18 -19.62
CA GLU U 38 -0.31 -36.94 -18.79
C GLU U 38 -0.96 -37.30 -17.47
N LEU U 39 -1.70 -36.35 -16.90
CA LEU U 39 -2.38 -36.57 -15.65
C LEU U 39 -3.41 -37.67 -15.77
N ARG U 40 -4.21 -37.66 -16.83
CA ARG U 40 -5.23 -38.70 -16.94
C ARG U 40 -4.57 -40.04 -17.12
N LYS U 41 -3.44 -40.08 -17.83
CA LYS U 41 -2.72 -41.33 -17.97
C LYS U 41 -2.32 -41.86 -16.60
N ILE U 42 -1.84 -40.98 -15.74
CA ILE U 42 -1.51 -41.40 -14.40
C ILE U 42 -2.74 -41.89 -13.64
N GLN U 43 -3.85 -41.16 -13.73
CA GLN U 43 -5.07 -41.52 -13.02
C GLN U 43 -5.58 -42.89 -13.43
N GLU U 44 -5.43 -43.20 -14.70
CA GLU U 44 -5.84 -44.47 -15.22
C GLU U 44 -4.90 -45.58 -14.74
N GLN U 45 -3.59 -45.33 -14.77
CA GLN U 45 -2.66 -46.34 -14.27
C GLN U 45 -2.90 -46.69 -12.83
N LEU U 46 -3.47 -45.74 -12.09
CA LEU U 46 -3.65 -45.87 -10.66
C LEU U 46 -4.93 -46.57 -10.21
N GLN U 47 -5.84 -46.82 -11.14
CA GLN U 47 -7.08 -47.49 -10.79
C GLN U 47 -7.20 -48.86 -11.46
N MSE U 48 -6.37 -49.10 -12.47
CA MSE U 48 -6.40 -50.36 -13.20
C MSE U 48 -5.70 -51.48 -12.44
O MSE U 48 -5.80 -52.65 -12.83
CB MSE U 48 -5.74 -50.23 -14.58
CG MSE U 48 -6.49 -49.38 -15.59
SE MSE U 48 -5.74 -49.60 -17.38
CE MSE U 48 -3.85 -49.66 -16.94
N VAL U 49 -5.00 -51.14 -11.37
CA VAL U 49 -4.15 -52.09 -10.69
C VAL U 49 -5.00 -53.01 -9.79
N HIS U 50 -6.11 -53.53 -10.33
CA HIS U 50 -7.02 -54.34 -9.54
C HIS U 50 -6.31 -55.54 -8.96
N THR V 3 9.95 -33.55 -38.30
CA THR V 3 10.29 -32.93 -37.01
C THR V 3 11.81 -32.96 -36.78
N LEU V 4 12.43 -34.13 -36.90
CA LEU V 4 13.90 -34.24 -36.80
C LEU V 4 14.53 -33.40 -37.91
N VAL V 5 13.86 -33.37 -39.06
CA VAL V 5 14.28 -32.56 -40.17
C VAL V 5 14.10 -31.08 -39.83
N VAL V 6 12.98 -30.73 -39.20
CA VAL V 6 12.73 -29.37 -38.74
C VAL V 6 13.78 -28.95 -37.74
N LEU V 7 14.03 -29.83 -36.78
CA LEU V 7 15.03 -29.61 -35.77
C LEU V 7 16.40 -29.36 -36.38
N HIS V 8 16.75 -30.18 -37.38
CA HIS V 8 18.04 -30.05 -38.04
C HIS V 8 18.18 -28.78 -38.86
N LYS V 9 17.18 -28.52 -39.69
CA LYS V 9 17.21 -27.39 -40.62
C LYS V 9 17.18 -26.04 -39.91
N SER V 10 16.43 -26.00 -38.82
CA SER V 10 16.31 -24.80 -37.99
C SER V 10 17.51 -24.70 -37.05
N GLY V 11 18.39 -25.69 -37.12
CA GLY V 11 19.19 -26.18 -36.01
C GLY V 11 18.66 -26.16 -34.59
N LEU V 12 17.47 -26.70 -34.38
CA LEU V 12 16.98 -26.86 -33.02
C LEU V 12 17.42 -28.24 -32.51
N LEU V 13 18.03 -29.03 -33.39
CA LEU V 13 18.55 -30.33 -33.01
C LEU V 13 19.67 -30.08 -32.02
N GLU V 14 20.60 -29.23 -32.41
CA GLU V 14 21.70 -28.86 -31.55
C GLU V 14 21.25 -28.28 -30.22
N ILE V 15 20.33 -27.32 -30.20
CA ILE V 15 19.99 -26.78 -28.90
C ILE V 15 19.29 -27.83 -28.03
N THR V 16 18.34 -28.58 -28.59
CA THR V 16 17.64 -29.57 -27.76
C THR V 16 18.64 -30.59 -27.23
N LEU V 17 19.62 -30.95 -28.03
CA LEU V 17 20.62 -31.88 -27.56
C LEU V 17 21.46 -31.29 -26.42
N LYS V 18 21.96 -30.06 -26.61
CA LYS V 18 22.75 -29.40 -25.58
C LYS V 18 21.98 -29.16 -24.28
N THR V 19 20.71 -28.77 -24.39
CA THR V 19 19.89 -28.52 -23.22
C THR V 19 19.64 -29.85 -22.56
N LYS V 20 19.45 -30.88 -23.37
CA LYS V 20 19.21 -32.20 -22.83
C LYS V 20 20.39 -32.65 -21.99
N GLU V 21 21.59 -32.33 -22.44
CA GLU V 21 22.77 -32.65 -21.66
C GLU V 21 22.90 -31.81 -20.38
N LEU V 22 22.64 -30.52 -20.52
CA LEU V 22 22.77 -29.59 -19.41
C LEU V 22 21.79 -29.90 -18.30
N ILE V 23 20.60 -30.37 -18.64
CA ILE V 23 19.63 -30.76 -17.64
C ILE V 23 20.17 -31.87 -16.80
N ARG V 24 20.79 -32.81 -17.47
CA ARG V 24 21.43 -33.96 -16.84
C ARG V 24 22.53 -33.53 -15.88
N GLN V 25 23.46 -32.71 -16.38
CA GLN V 25 24.57 -32.25 -15.57
C GLN V 25 24.07 -31.53 -14.34
N ASN V 26 23.07 -30.69 -14.53
CA ASN V 26 22.50 -29.92 -13.46
C ASN V 26 21.81 -30.79 -12.42
N GLN V 27 21.17 -31.87 -12.86
CA GLN V 27 20.55 -32.81 -11.93
C GLN V 27 21.59 -33.53 -11.10
N ALA V 28 22.69 -33.90 -11.76
CA ALA V 28 23.80 -34.51 -11.06
C ALA V 28 24.34 -33.59 -10.00
N THR V 29 24.56 -32.34 -10.37
CA THR V 29 25.04 -31.34 -9.44
C THR V 29 24.07 -31.14 -8.29
N GLN V 30 22.78 -31.25 -8.53
CA GLN V 30 21.82 -31.18 -7.43
C GLN V 30 21.94 -32.35 -6.46
N ALA V 31 22.14 -33.55 -6.98
CA ALA V 31 22.32 -34.70 -6.09
C ALA V 31 23.56 -34.53 -5.22
N GLU V 32 24.64 -34.16 -5.89
CA GLU V 32 25.93 -33.88 -5.26
C GLU V 32 25.74 -32.84 -4.14
N LEU V 33 24.95 -31.84 -4.44
CA LEU V 33 24.66 -30.76 -3.50
C LEU V 33 23.85 -31.21 -2.29
N ASP V 34 22.87 -32.06 -2.51
CA ASP V 34 22.07 -32.58 -1.43
C ASP V 34 22.93 -33.39 -0.48
N GLN V 35 23.83 -34.20 -1.04
CA GLN V 35 24.71 -34.97 -0.20
C GLN V 35 25.61 -34.05 0.65
N LEU V 36 26.14 -33.02 0.02
CA LEU V 36 26.97 -32.06 0.77
C LEU V 36 26.18 -31.36 1.89
N LYS V 37 24.91 -31.10 1.66
CA LYS V 37 24.06 -30.49 2.68
C LYS V 37 23.88 -31.42 3.86
N GLU V 38 23.73 -32.71 3.59
CA GLU V 38 23.53 -33.70 4.65
C GLU V 38 24.76 -33.78 5.53
N GLN V 39 25.90 -33.83 4.88
CA GLN V 39 27.18 -33.95 5.56
C GLN V 39 27.55 -32.72 6.38
N THR V 40 27.26 -31.56 5.82
CA THR V 40 27.42 -30.29 6.49
C THR V 40 26.56 -30.31 7.72
N GLN V 41 25.25 -30.42 7.54
CA GLN V 41 24.32 -30.55 8.66
C GLN V 41 24.86 -31.40 9.81
N MSE V 42 25.40 -32.56 9.45
CA MSE V 42 25.96 -33.44 10.43
C MSE V 42 27.14 -32.85 11.21
O MSE V 42 27.25 -32.97 12.44
CB MSE V 42 26.40 -34.69 9.73
CG MSE V 42 26.71 -35.80 10.64
SE MSE V 42 25.70 -37.26 10.05
CE MSE V 42 25.96 -38.34 11.60
N PHE V 43 28.03 -32.22 10.46
CA PHE V 43 29.17 -31.54 11.05
C PHE V 43 28.76 -30.45 12.03
N ILE V 44 27.94 -29.54 11.56
CA ILE V 44 27.41 -28.44 12.34
C ILE V 44 26.70 -28.93 13.59
N GLU V 45 25.73 -29.80 13.42
CA GLU V 45 25.08 -30.42 14.55
C GLU V 45 26.05 -30.97 15.55
N ALA V 46 27.17 -31.53 15.13
CA ALA V 46 28.11 -32.00 16.12
C ALA V 46 28.87 -30.84 16.76
N THR V 47 28.91 -29.68 16.13
CA THR V 47 29.67 -28.60 16.77
C THR V 47 28.79 -27.70 17.60
N LYS V 48 27.48 -27.88 17.55
CA LYS V 48 26.59 -27.11 18.39
C LYS V 48 26.00 -27.95 19.51
N SER V 49 26.17 -29.26 19.45
CA SER V 49 25.66 -30.11 20.51
C SER V 49 26.51 -29.98 21.76
N ARG V 50 25.88 -30.10 22.92
CA ARG V 50 26.56 -29.99 24.21
C ARG V 50 26.54 -31.31 24.96
N ALA V 51 26.16 -32.36 24.24
CA ALA V 51 26.09 -33.71 24.75
C ALA V 51 27.44 -34.38 24.51
N PRO V 52 27.80 -35.36 25.35
CA PRO V 52 29.08 -36.06 25.21
C PRO V 52 29.21 -36.96 23.99
N GLN V 53 28.13 -37.63 23.61
CA GLN V 53 28.07 -38.46 22.42
C GLN V 53 28.05 -37.71 21.08
N ALA V 54 28.25 -36.41 21.13
CA ALA V 54 27.90 -35.56 20.00
C ALA V 54 28.70 -35.82 18.72
N TRP V 55 29.96 -36.18 18.86
CA TRP V 55 30.83 -36.46 17.72
C TRP V 55 30.80 -37.92 17.28
N ALA V 56 30.05 -38.77 17.98
CA ALA V 56 30.02 -40.19 17.66
C ALA V 56 29.29 -40.54 16.36
N LYS V 57 28.09 -40.00 16.15
CA LYS V 57 27.35 -40.29 14.92
C LYS V 57 28.13 -39.87 13.71
N LEU V 58 28.72 -38.69 13.80
CA LEU V 58 29.46 -38.14 12.69
C LEU V 58 30.56 -39.11 12.38
N GLN V 59 31.27 -39.58 13.39
CA GLN V 59 32.36 -40.47 13.08
C GLN V 59 31.86 -41.76 12.47
N ALA V 60 30.75 -42.26 12.99
CA ALA V 60 30.19 -43.49 12.45
C ALA V 60 29.76 -43.28 11.02
N SER V 61 29.28 -42.09 10.70
CA SER V 61 28.87 -41.83 9.33
C SER V 61 30.09 -41.83 8.44
N LEU V 62 31.23 -41.48 9.00
CA LEU V 62 32.46 -41.45 8.23
C LEU V 62 33.05 -42.84 8.07
N THR V 63 32.61 -43.81 8.85
CA THR V 63 33.27 -45.11 8.80
C THR V 63 32.48 -46.07 7.93
N SER V 64 31.17 -45.88 7.90
CA SER V 64 30.31 -46.71 7.08
C SER V 64 30.54 -46.41 5.62
N ALA W 2 50.99 -21.08 22.96
CA ALA W 2 51.13 -22.52 22.78
C ALA W 2 50.04 -23.22 23.55
N MSE W 3 49.24 -24.00 22.84
CA MSE W 3 48.08 -24.61 23.45
C MSE W 3 48.25 -26.07 23.82
O MSE W 3 49.17 -26.73 23.36
CB MSE W 3 46.86 -24.42 22.54
CG MSE W 3 47.04 -24.57 21.05
SE MSE W 3 45.35 -24.24 20.12
CE MSE W 3 46.04 -23.23 18.64
N ASP W 4 47.38 -26.54 24.70
CA ASP W 4 47.29 -27.94 25.08
C ASP W 4 47.27 -28.80 23.82
N PRO W 5 48.18 -29.78 23.71
CA PRO W 5 48.14 -30.49 22.44
C PRO W 5 47.03 -31.52 22.24
N GLU W 6 46.13 -31.69 23.20
CA GLU W 6 45.02 -32.60 23.02
C GLU W 6 43.91 -31.75 22.48
N PHE W 7 43.84 -30.54 23.00
CA PHE W 7 42.88 -29.57 22.53
C PHE W 7 43.21 -29.26 21.10
N SER W 8 44.49 -29.12 20.83
CA SER W 8 44.94 -28.74 19.52
C SER W 8 44.85 -29.84 18.49
N ALA W 9 45.10 -31.08 18.92
CA ALA W 9 44.71 -32.25 18.14
C ALA W 9 43.22 -32.29 17.77
N GLN W 10 42.34 -32.09 18.73
CA GLN W 10 40.94 -32.10 18.42
C GLN W 10 40.58 -31.00 17.43
N LEU W 11 41.05 -29.80 17.72
CA LEU W 11 40.88 -28.67 16.82
C LEU W 11 41.27 -28.99 15.39
N GLY W 12 42.43 -29.61 15.22
CA GLY W 12 42.87 -29.88 13.86
C GLY W 12 42.09 -30.96 13.15
N ALA W 13 41.51 -31.87 13.91
CA ALA W 13 40.66 -32.90 13.32
C ALA W 13 39.37 -32.28 12.82
N MSE W 14 38.74 -31.52 13.70
CA MSE W 14 37.55 -30.78 13.33
C MSE W 14 37.82 -29.93 12.09
O MSE W 14 37.06 -29.94 11.16
CB MSE W 14 37.10 -29.91 14.49
CG MSE W 14 35.92 -29.00 14.19
SE MSE W 14 36.40 -27.17 13.86
CE MSE W 14 36.23 -27.09 12.03
N GLN W 15 38.94 -29.23 12.12
CA GLN W 15 39.34 -28.36 11.03
C GLN W 15 39.49 -29.14 9.75
N HIS W 16 40.06 -30.33 9.82
CA HIS W 16 40.20 -31.16 8.63
C HIS W 16 38.83 -31.45 8.03
N LEU W 17 37.86 -31.78 8.88
CA LEU W 17 36.52 -32.08 8.39
C LEU W 17 35.90 -30.87 7.72
N LYS W 18 36.06 -29.71 8.34
CA LYS W 18 35.56 -28.46 7.79
C LYS W 18 36.22 -28.04 6.48
N ASP W 19 37.50 -28.36 6.33
CA ASP W 19 38.18 -28.00 5.10
C ASP W 19 37.67 -28.84 3.98
N GLN W 20 37.49 -30.14 4.21
CA GLN W 20 37.01 -30.96 3.13
C GLN W 20 35.62 -30.50 2.72
N LEU W 21 34.78 -30.11 3.68
CA LEU W 21 33.45 -29.64 3.29
C LEU W 21 33.52 -28.32 2.48
N GLU W 22 34.38 -27.40 2.87
CA GLU W 22 34.53 -26.16 2.11
C GLU W 22 35.06 -26.42 0.70
N GLN W 23 35.93 -27.42 0.58
CA GLN W 23 36.53 -27.78 -0.71
C GLN W 23 35.48 -28.36 -1.62
N ARG W 24 34.57 -29.13 -1.05
CA ARG W 24 33.50 -29.74 -1.82
C ARG W 24 32.57 -28.65 -2.31
N THR W 25 32.36 -27.67 -1.47
CA THR W 25 31.57 -26.52 -1.85
C THR W 25 32.18 -25.77 -3.01
N ARG W 26 33.49 -25.59 -2.99
CA ARG W 26 34.13 -24.85 -4.06
C ARG W 26 34.07 -25.62 -5.38
N MSE W 27 34.24 -26.93 -5.33
CA MSE W 27 34.20 -27.67 -6.59
C MSE W 27 32.79 -27.69 -7.19
O MSE W 27 32.61 -27.50 -8.40
CB MSE W 27 34.78 -29.09 -6.40
CG MSE W 27 34.13 -29.94 -5.34
SE MSE W 27 34.83 -31.79 -5.23
CE MSE W 27 36.67 -31.42 -4.71
N ILE W 28 31.77 -27.90 -6.35
CA ILE W 28 30.40 -27.79 -6.84
C ILE W 28 30.15 -26.42 -7.46
N GLU W 29 30.65 -25.38 -6.80
CA GLU W 29 30.47 -24.01 -7.27
C GLU W 29 31.08 -23.82 -8.66
N ALA W 30 32.26 -24.39 -8.86
CA ALA W 30 32.88 -24.34 -10.18
C ALA W 30 32.00 -25.02 -11.23
N ASN W 31 31.52 -26.24 -10.94
CA ASN W 31 30.63 -26.90 -11.89
C ASN W 31 29.48 -26.01 -12.27
N ILE W 32 28.83 -25.44 -11.27
CA ILE W 32 27.70 -24.59 -11.56
C ILE W 32 28.08 -23.39 -12.44
N HIS W 33 29.24 -22.78 -12.21
CA HIS W 33 29.60 -21.67 -13.09
C HIS W 33 29.73 -22.13 -14.54
N ARG W 34 30.35 -23.28 -14.73
CA ARG W 34 30.49 -23.78 -16.09
C ARG W 34 29.14 -24.03 -16.73
N GLN W 35 28.24 -24.61 -15.96
CA GLN W 35 26.90 -24.91 -16.46
C GLN W 35 26.16 -23.64 -16.82
N GLN W 36 26.36 -22.60 -16.04
CA GLN W 36 25.71 -21.34 -16.30
C GLN W 36 26.25 -20.71 -17.58
N GLU W 37 27.53 -20.91 -17.88
CA GLU W 37 28.05 -20.43 -19.17
C GLU W 37 27.54 -21.20 -20.37
N GLU W 38 27.55 -22.52 -20.28
CA GLU W 38 27.00 -23.34 -21.35
C GLU W 38 25.55 -22.94 -21.56
N LEU W 39 24.85 -22.69 -20.45
CA LEU W 39 23.50 -22.16 -20.49
C LEU W 39 23.34 -20.86 -21.26
N ARG W 40 24.17 -19.88 -20.96
CA ARG W 40 24.04 -18.60 -21.65
C ARG W 40 24.34 -18.77 -23.14
N LYS W 41 25.33 -19.59 -23.49
CA LYS W 41 25.61 -19.85 -24.90
C LYS W 41 24.39 -20.45 -25.56
N ILE W 42 23.73 -21.39 -24.88
CA ILE W 42 22.50 -21.93 -25.43
C ILE W 42 21.47 -20.82 -25.62
N GLN W 43 21.36 -19.92 -24.64
CA GLN W 43 20.38 -18.83 -24.71
C GLN W 43 20.59 -17.92 -25.88
N GLU W 44 21.85 -17.73 -26.25
CA GLU W 44 22.15 -16.92 -27.41
C GLU W 44 21.64 -17.56 -28.70
N GLN W 45 22.22 -18.70 -29.03
CA GLN W 45 21.76 -19.59 -30.10
C GLN W 45 20.26 -19.45 -30.48
N LEU W 46 19.41 -18.97 -29.57
CA LEU W 46 17.98 -18.74 -29.81
C LEU W 46 17.58 -17.26 -29.87
N GLN W 47 17.60 -16.65 -31.04
CA GLN W 47 17.98 -17.30 -32.30
C GLN W 47 19.32 -16.78 -32.76
N MSE X 14 7.75 -25.33 -36.06
CA MSE X 14 9.05 -24.93 -35.54
C MSE X 14 8.93 -23.90 -34.43
O MSE X 14 9.51 -24.06 -33.36
CB MSE X 14 9.94 -24.36 -36.64
CG MSE X 14 11.18 -23.66 -36.11
SE MSE X 14 11.82 -22.22 -37.23
CE MSE X 14 11.82 -20.78 -35.92
N GLN X 15 8.17 -22.84 -34.70
CA GLN X 15 7.85 -21.79 -33.72
C GLN X 15 7.51 -22.42 -32.37
N HIS X 16 6.78 -23.52 -32.44
CA HIS X 16 6.36 -24.28 -31.29
C HIS X 16 7.55 -24.75 -30.46
N LEU X 17 8.54 -25.31 -31.15
CA LEU X 17 9.73 -25.87 -30.51
C LEU X 17 10.61 -24.77 -29.90
N LYS X 18 10.78 -23.68 -30.64
CA LYS X 18 11.59 -22.53 -30.24
C LYS X 18 11.04 -21.84 -29.00
N ASP X 19 10.06 -22.46 -28.37
CA ASP X 19 9.48 -21.86 -27.18
C ASP X 19 9.56 -22.88 -26.07
N GLN X 20 9.32 -24.15 -26.40
CA GLN X 20 9.43 -25.22 -25.42
C GLN X 20 10.82 -25.14 -24.89
N LEU X 21 11.70 -24.95 -25.86
CA LEU X 21 13.11 -24.90 -25.62
C LEU X 21 13.59 -23.66 -24.87
N GLU X 22 13.10 -22.50 -25.28
CA GLU X 22 13.49 -21.26 -24.62
C GLU X 22 12.99 -21.22 -23.19
N GLN X 23 11.82 -21.81 -22.98
CA GLN X 23 11.23 -21.83 -21.65
C GLN X 23 11.92 -22.88 -20.74
N ARG X 24 12.35 -24.01 -21.33
CA ARG X 24 13.04 -25.02 -20.52
C ARG X 24 14.40 -24.49 -20.12
N THR X 25 14.97 -23.70 -21.01
CA THR X 25 16.22 -23.01 -20.72
C THR X 25 15.99 -22.18 -19.44
N ARG X 26 14.84 -21.55 -19.37
CA ARG X 26 14.59 -20.77 -18.21
C ARG X 26 14.18 -21.54 -16.99
N MSE X 27 13.83 -22.79 -17.20
CA MSE X 27 13.62 -23.68 -16.07
C MSE X 27 14.97 -24.05 -15.52
O MSE X 27 15.10 -24.42 -14.36
CB MSE X 27 12.81 -24.93 -16.43
CG MSE X 27 13.58 -26.25 -16.34
SE MSE X 27 12.51 -27.77 -15.79
CE MSE X 27 11.97 -27.09 -14.06
N ILE X 28 15.98 -23.94 -16.37
CA ILE X 28 17.34 -24.28 -15.95
C ILE X 28 18.01 -23.14 -15.22
N GLU X 29 17.80 -21.93 -15.71
CA GLU X 29 18.42 -20.75 -15.09
C GLU X 29 18.03 -20.67 -13.62
N ALA X 30 16.76 -20.96 -13.40
CA ALA X 30 16.19 -20.93 -12.08
C ALA X 30 16.92 -21.88 -11.17
N ASN X 31 17.03 -23.13 -11.60
CA ASN X 31 17.74 -24.15 -10.86
C ASN X 31 19.16 -23.69 -10.53
N ILE X 32 19.87 -23.17 -11.50
CA ILE X 32 21.24 -22.72 -11.25
C ILE X 32 21.25 -21.67 -10.15
N HIS X 33 20.29 -20.75 -10.17
CA HIS X 33 20.25 -19.75 -9.11
C HIS X 33 19.95 -20.36 -7.74
N ARG X 34 18.99 -21.27 -7.70
CA ARG X 34 18.63 -21.90 -6.42
C ARG X 34 19.84 -22.64 -5.85
N GLN X 35 20.57 -23.34 -6.71
CA GLN X 35 21.75 -24.07 -6.27
C GLN X 35 22.86 -23.15 -5.79
N GLN X 36 23.04 -22.03 -6.46
CA GLN X 36 24.05 -21.09 -6.01
C GLN X 36 23.68 -20.57 -4.64
N GLU X 37 22.38 -20.46 -4.43
CA GLU X 37 21.87 -19.94 -3.17
C GLU X 37 22.16 -20.92 -2.04
N GLU X 38 21.83 -22.18 -2.28
CA GLU X 38 22.08 -23.25 -1.32
C GLU X 38 23.55 -23.37 -0.99
N LEU X 39 24.37 -23.31 -2.01
CA LEU X 39 25.81 -23.32 -1.84
C LEU X 39 26.28 -22.22 -0.91
N ARG X 40 25.83 -20.99 -1.17
CA ARG X 40 26.27 -19.89 -0.31
C ARG X 40 25.77 -20.11 1.12
N LYS X 41 24.56 -20.63 1.27
CA LYS X 41 24.07 -20.96 2.61
C LYS X 41 25.02 -21.93 3.31
N ILE X 42 25.46 -22.96 2.60
CA ILE X 42 26.41 -23.92 3.17
C ILE X 42 27.68 -23.22 3.62
N GLN X 43 28.21 -22.33 2.77
CA GLN X 43 29.43 -21.60 3.10
CA GLN X 43 29.43 -21.63 3.13
C GLN X 43 29.26 -20.72 4.33
N GLU X 44 28.08 -20.14 4.45
CA GLU X 44 27.76 -19.26 5.56
C GLU X 44 27.81 -20.12 6.80
N GLN X 45 26.97 -21.14 6.85
CA GLN X 45 27.05 -22.17 7.88
C GLN X 45 28.45 -22.59 8.27
N LEU X 46 29.34 -22.68 7.31
CA LEU X 46 30.64 -23.22 7.61
C LEU X 46 31.60 -22.18 8.17
N GLN X 47 31.51 -20.93 7.74
CA GLN X 47 32.38 -19.94 8.37
C GLN X 47 31.82 -19.36 9.66
N MSE X 48 30.77 -19.96 10.19
CA MSE X 48 30.25 -19.59 11.51
C MSE X 48 30.88 -20.45 12.59
O MSE X 48 30.49 -20.39 13.75
CB MSE X 48 28.73 -19.70 11.56
CG MSE X 48 27.99 -18.55 10.90
SE MSE X 48 28.48 -16.80 11.62
CE MSE X 48 27.79 -16.98 13.43
N VAL X 49 31.87 -21.25 12.21
CA VAL X 49 32.56 -22.13 13.14
C VAL X 49 34.01 -21.72 13.30
N LEU Y 4 0.55 29.70 38.75
CA LEU Y 4 -0.78 29.45 39.29
C LEU Y 4 -1.71 30.64 39.13
N VAL Y 5 -1.17 31.85 39.21
CA VAL Y 5 -1.99 33.03 38.97
C VAL Y 5 -2.42 33.12 37.51
N VAL Y 6 -1.45 32.93 36.64
CA VAL Y 6 -1.65 32.89 35.21
C VAL Y 6 -2.54 31.70 34.88
N LEU Y 7 -2.26 30.55 35.50
CA LEU Y 7 -3.13 29.39 35.30
C LEU Y 7 -4.57 29.69 35.61
N HIS Y 8 -4.83 30.38 36.70
CA HIS Y 8 -6.22 30.68 37.01
C HIS Y 8 -6.83 31.65 36.01
N LYS Y 9 -6.12 32.75 35.74
CA LYS Y 9 -6.66 33.79 34.85
C LYS Y 9 -6.82 33.35 33.38
N SER Y 10 -6.00 32.40 32.93
CA SER Y 10 -6.07 31.86 31.58
C SER Y 10 -7.25 30.90 31.46
N GLY Y 11 -7.92 30.70 32.59
CA GLY Y 11 -8.61 29.48 32.95
C GLY Y 11 -8.17 28.12 32.42
N LEU Y 12 -6.90 27.81 32.54
CA LEU Y 12 -6.44 26.46 32.25
C LEU Y 12 -6.49 25.63 33.53
N LEU Y 13 -6.71 26.31 34.65
CA LEU Y 13 -6.78 25.64 35.92
C LEU Y 13 -8.05 24.82 35.96
N GLU Y 14 -9.14 25.51 35.71
CA GLU Y 14 -10.48 24.93 35.67
C GLU Y 14 -10.54 23.78 34.69
N ILE Y 15 -9.96 24.00 33.52
CA ILE Y 15 -9.91 22.99 32.49
C ILE Y 15 -9.13 21.76 32.94
N THR Y 16 -7.98 21.98 33.58
CA THR Y 16 -7.15 20.88 34.05
C THR Y 16 -7.87 20.02 35.06
N LEU Y 17 -8.54 20.69 35.98
CA LEU Y 17 -9.27 20.03 37.03
C LEU Y 17 -10.49 19.25 36.54
N LYS Y 18 -11.31 19.90 35.70
CA LYS Y 18 -12.47 19.24 35.11
C LYS Y 18 -12.01 18.06 34.24
N THR Y 19 -10.87 18.21 33.58
CA THR Y 19 -10.31 17.15 32.73
C THR Y 19 -9.81 15.96 33.56
N LYS Y 20 -9.12 16.21 34.66
CA LYS Y 20 -8.70 15.11 35.53
C LYS Y 20 -9.89 14.40 36.15
N GLU Y 21 -10.92 15.17 36.48
CA GLU Y 21 -12.17 14.63 37.03
C GLU Y 21 -12.92 13.75 36.01
N LEU Y 22 -12.97 14.22 34.76
CA LEU Y 22 -13.60 13.47 33.67
C LEU Y 22 -12.85 12.20 33.34
N ILE Y 23 -11.52 12.27 33.42
CA ILE Y 23 -10.67 11.10 33.25
C ILE Y 23 -10.94 10.09 34.35
N ARG Y 24 -11.07 10.58 35.57
CA ARG Y 24 -11.36 9.74 36.72
C ARG Y 24 -12.69 9.01 36.51
N GLN Y 25 -13.71 9.77 36.16
CA GLN Y 25 -15.04 9.23 35.94
C GLN Y 25 -15.02 8.20 34.82
N ASN Y 26 -14.30 8.50 33.76
CA ASN Y 26 -14.19 7.59 32.63
C ASN Y 26 -13.49 6.28 32.98
N GLN Y 27 -12.50 6.35 33.86
CA GLN Y 27 -11.85 5.13 34.32
C GLN Y 27 -12.80 4.30 35.17
N ALA Y 28 -13.59 4.96 36.01
CA ALA Y 28 -14.64 4.26 36.76
C ALA Y 28 -15.64 3.56 35.82
N THR Y 29 -16.11 4.27 34.80
CA THR Y 29 -17.03 3.67 33.85
C THR Y 29 -16.38 2.50 33.11
N GLN Y 30 -15.10 2.61 32.82
CA GLN Y 30 -14.38 1.50 32.22
C GLN Y 30 -14.34 0.29 33.13
N ALA Y 31 -14.12 0.51 34.43
CA ALA Y 31 -14.12 -0.60 35.37
C ALA Y 31 -15.47 -1.29 35.44
N GLU Y 32 -16.52 -0.49 35.61
CA GLU Y 32 -17.88 -1.02 35.65
C GLU Y 32 -18.17 -1.81 34.37
N LEU Y 33 -17.73 -1.28 33.24
CA LEU Y 33 -17.97 -1.90 31.96
C LEU Y 33 -17.25 -3.23 31.83
N ASP Y 34 -16.03 -3.31 32.34
CA ASP Y 34 -15.29 -4.56 32.32
C ASP Y 34 -15.97 -5.63 33.17
N GLN Y 35 -16.42 -5.26 34.37
CA GLN Y 35 -17.13 -6.24 35.20
C GLN Y 35 -18.44 -6.70 34.59
N LEU Y 36 -19.22 -5.77 34.06
CA LEU Y 36 -20.47 -6.12 33.42
C LEU Y 36 -20.16 -7.03 32.25
N LYS Y 37 -19.03 -6.79 31.59
CA LYS Y 37 -18.60 -7.63 30.47
C LYS Y 37 -18.29 -9.05 30.91
N GLU Y 38 -17.61 -9.19 32.04
CA GLU Y 38 -17.25 -10.52 32.50
C GLU Y 38 -18.49 -11.30 32.94
N GLN Y 39 -19.44 -10.63 33.59
CA GLN Y 39 -20.66 -11.33 33.98
C GLN Y 39 -21.50 -11.73 32.75
N THR Y 40 -21.57 -10.85 31.75
CA THR Y 40 -22.09 -11.25 30.44
C THR Y 40 -20.97 -12.18 29.93
N GLN Y 41 -21.17 -12.92 28.83
CA GLN Y 41 -20.10 -13.82 28.35
C GLN Y 41 -19.82 -14.84 29.45
N MSE Y 42 -20.75 -14.94 30.39
CA MSE Y 42 -20.74 -15.89 31.50
C MSE Y 42 -22.20 -16.16 31.81
O MSE Y 42 -22.57 -17.26 32.23
CB MSE Y 42 -20.02 -15.35 32.73
CG MSE Y 42 -20.28 -16.16 33.99
SE MSE Y 42 -19.18 -15.67 35.53
CE MSE Y 42 -17.51 -15.34 34.59
N PHE Y 43 -23.03 -15.16 31.58
CA PHE Y 43 -24.46 -15.34 31.66
C PHE Y 43 -24.93 -16.17 30.49
N ILE Y 44 -24.67 -15.62 29.30
CA ILE Y 44 -24.99 -16.27 28.04
C ILE Y 44 -24.28 -17.62 27.94
N GLU Y 45 -23.22 -17.81 28.72
CA GLU Y 45 -22.55 -19.12 28.78
C GLU Y 45 -23.28 -20.19 29.60
N ALA Y 46 -23.93 -19.83 30.70
CA ALA Y 46 -24.64 -20.86 31.44
C ALA Y 46 -25.96 -21.23 30.75
N THR Y 47 -26.24 -20.62 29.60
CA THR Y 47 -27.44 -20.94 28.84
C THR Y 47 -27.07 -21.76 27.63
N LYS Y 48 -26.19 -22.73 27.83
CA LYS Y 48 -25.76 -23.58 26.73
C LYS Y 48 -25.45 -24.98 27.28
N SER Y 49 -25.92 -25.27 28.49
CA SER Y 49 -25.71 -26.61 29.04
C SER Y 49 -26.81 -26.98 30.04
N LYS Y 57 -20.96 -22.46 39.23
CA LYS Y 57 -20.05 -21.34 39.01
C LYS Y 57 -20.79 -20.01 39.09
N LEU Y 58 -21.93 -19.94 38.41
CA LEU Y 58 -22.73 -18.73 38.36
C LEU Y 58 -23.30 -18.37 39.71
N GLN Y 59 -23.90 -19.35 40.37
CA GLN Y 59 -24.49 -19.14 41.68
C GLN Y 59 -23.41 -18.76 42.67
N ALA Y 60 -22.26 -19.40 42.53
CA ALA Y 60 -21.12 -19.13 43.40
C ALA Y 60 -20.70 -17.68 43.24
N SER Y 61 -20.83 -17.17 42.02
CA SER Y 61 -20.56 -15.78 41.74
C SER Y 61 -21.67 -14.94 42.35
N ASP Z 4 -42.21 -24.90 45.43
CA ASP Z 4 -43.66 -24.79 45.28
C ASP Z 4 -44.06 -24.70 43.80
N PRO Z 5 -43.59 -23.67 43.06
CA PRO Z 5 -43.95 -23.70 41.64
C PRO Z 5 -43.07 -24.70 40.93
N GLU Z 6 -43.33 -24.92 39.65
CA GLU Z 6 -42.56 -25.87 38.88
C GLU Z 6 -41.41 -25.15 38.20
N PHE Z 7 -40.48 -25.85 37.56
CA PHE Z 7 -39.37 -25.13 36.91
C PHE Z 7 -39.77 -24.28 35.69
N SER Z 8 -40.79 -23.45 35.89
CA SER Z 8 -40.93 -22.20 35.17
C SER Z 8 -40.22 -21.18 36.04
N ALA Z 9 -39.80 -21.68 37.21
CA ALA Z 9 -38.74 -21.13 38.03
C ALA Z 9 -37.48 -20.85 37.21
N GLN Z 10 -37.09 -21.81 36.38
CA GLN Z 10 -35.94 -21.63 35.50
C GLN Z 10 -36.12 -20.38 34.66
N LEU Z 11 -37.04 -20.47 33.70
CA LEU Z 11 -37.39 -19.40 32.79
C LEU Z 11 -37.40 -18.01 33.46
N GLY Z 12 -38.12 -17.91 34.58
CA GLY Z 12 -38.27 -16.64 35.27
C GLY Z 12 -37.02 -16.17 36.01
N ALA Z 13 -36.18 -17.11 36.41
CA ALA Z 13 -34.93 -16.75 37.05
C ALA Z 13 -34.03 -16.13 35.99
N MSE Z 14 -33.91 -16.85 34.88
CA MSE Z 14 -33.16 -16.37 33.73
C MSE Z 14 -33.60 -14.98 33.32
O MSE Z 14 -32.78 -14.07 33.21
CB MSE Z 14 -33.32 -17.33 32.54
CG MSE Z 14 -32.81 -18.70 32.85
SE MSE Z 14 -31.23 -18.50 33.93
CE MSE Z 14 -29.99 -18.03 32.52
N GLN Z 15 -34.91 -14.80 33.12
CA GLN Z 15 -35.41 -13.50 32.73
C GLN Z 15 -35.07 -12.42 33.75
N HIS Z 16 -35.23 -12.73 35.03
CA HIS Z 16 -34.96 -11.73 36.06
C HIS Z 16 -33.49 -11.29 35.98
N LEU Z 17 -32.60 -12.27 35.82
CA LEU Z 17 -31.15 -11.99 35.77
C LEU Z 17 -30.79 -11.17 34.54
N LYS Z 18 -31.38 -11.55 33.41
CA LYS Z 18 -31.15 -10.87 32.17
C LYS Z 18 -31.64 -9.43 32.27
N ASP Z 19 -32.69 -9.23 33.05
CA ASP Z 19 -33.27 -7.91 33.18
C ASP Z 19 -32.39 -7.00 34.01
N GLN Z 20 -31.89 -7.51 35.13
CA GLN Z 20 -31.02 -6.67 35.94
C GLN Z 20 -29.72 -6.38 35.20
N LEU Z 21 -29.23 -7.37 34.45
CA LEU Z 21 -27.98 -7.21 33.73
C LEU Z 21 -28.15 -6.12 32.66
N GLU Z 22 -29.26 -6.18 31.94
CA GLU Z 22 -29.56 -5.15 30.93
C GLU Z 22 -29.75 -3.78 31.57
N GLN Z 23 -30.30 -3.77 32.78
CA GLN Z 23 -30.54 -2.51 33.45
C GLN Z 23 -29.20 -1.89 33.78
N ARG Z 24 -28.23 -2.74 34.07
CA ARG Z 24 -26.89 -2.26 34.38
C ARG Z 24 -26.31 -1.68 33.11
N THR Z 25 -26.62 -2.33 31.99
CA THR Z 25 -26.18 -1.82 30.70
C THR Z 25 -26.69 -0.42 30.41
N ARG Z 26 -27.97 -0.17 30.66
CA ARG Z 26 -28.51 1.14 30.35
C ARG Z 26 -28.04 2.20 31.33
N MSE Z 27 -27.76 1.79 32.56
CA MSE Z 27 -27.19 2.69 33.54
C MSE Z 27 -25.82 3.17 33.08
O MSE Z 27 -25.54 4.38 33.05
CB MSE Z 27 -27.11 2.03 34.90
CG MSE Z 27 -28.45 1.93 35.58
SE MSE Z 27 -29.27 3.69 35.65
CE MSE Z 27 -28.70 4.19 37.45
N ILE Z 28 -24.96 2.22 32.72
CA ILE Z 28 -23.64 2.60 32.21
C ILE Z 28 -23.80 3.48 30.96
N GLU Z 29 -24.72 3.13 30.07
CA GLU Z 29 -24.92 3.90 28.85
C GLU Z 29 -25.24 5.37 29.15
N ALA Z 30 -26.12 5.58 30.13
CA ALA Z 30 -26.45 6.92 30.59
C ALA Z 30 -25.20 7.63 31.12
N ASN Z 31 -24.43 6.92 31.94
CA ASN Z 31 -23.20 7.45 32.50
C ASN Z 31 -22.28 8.00 31.41
N ILE Z 32 -22.06 7.16 30.41
CA ILE Z 32 -21.17 7.53 29.30
C ILE Z 32 -21.69 8.76 28.56
N HIS Z 33 -22.99 8.84 28.31
CA HIS Z 33 -23.47 10.05 27.63
C HIS Z 33 -23.24 11.32 28.44
N ARG Z 34 -23.47 11.23 29.75
CA ARG Z 34 -23.22 12.39 30.59
C ARG Z 34 -21.77 12.80 30.45
N GLN Z 35 -20.88 11.80 30.44
CA GLN Z 35 -19.45 12.07 30.29
C GLN Z 35 -19.15 12.76 28.99
N GLN Z 36 -19.82 12.34 27.93
CA GLN Z 36 -19.61 12.93 26.62
C GLN Z 36 -20.06 14.38 26.53
N GLU Z 37 -21.14 14.73 27.22
CA GLU Z 37 -21.53 16.14 27.22
C GLU Z 37 -20.50 16.94 28.03
N GLU Z 38 -20.05 16.41 29.16
CA GLU Z 38 -19.00 17.12 29.91
C GLU Z 38 -17.78 17.33 29.01
N LEU Z 39 -17.45 16.31 28.22
CA LEU Z 39 -16.40 16.42 27.23
C LEU Z 39 -16.62 17.60 26.32
N ARG Z 40 -17.84 17.73 25.80
CA ARG Z 40 -18.11 18.83 24.88
C ARG Z 40 -17.88 20.17 25.55
N LYS Z 41 -18.31 20.28 26.79
CA LYS Z 41 -18.09 21.51 27.54
C LYS Z 41 -16.61 21.83 27.76
N ILE Z 42 -15.83 20.83 28.13
CA ILE Z 42 -14.40 21.01 28.30
C ILE Z 42 -13.72 21.43 26.99
N GLN Z 43 -14.08 20.79 25.89
CA GLN Z 43 -13.52 21.10 24.57
C GLN Z 43 -13.88 22.54 24.14
N GLU Z 44 -15.07 22.98 24.52
CA GLU Z 44 -15.53 24.35 24.27
C GLU Z 44 -14.68 25.35 25.01
N GLN Z 45 -14.72 25.23 26.33
CA GLN Z 45 -13.89 26.00 27.25
C GLN Z 45 -12.42 26.05 26.83
N LEU Z 46 -11.96 24.98 26.19
CA LEU Z 46 -10.56 24.86 25.81
C LEU Z 46 -10.32 25.53 24.47
N GLN Z 47 -11.37 25.66 23.66
CA GLN Z 47 -11.23 26.42 22.41
C GLN Z 47 -11.11 27.93 22.67
N MSE Z 48 -11.43 28.37 23.87
CA MSE Z 48 -11.44 29.80 24.17
C MSE Z 48 -10.20 30.28 24.91
O MSE Z 48 -10.19 31.37 25.45
CB MSE Z 48 -12.69 30.16 24.97
CG MSE Z 48 -13.99 29.71 24.35
SE MSE Z 48 -15.06 31.16 23.63
CE MSE Z 48 -14.11 31.45 21.95
N VAL Z 49 -9.15 29.46 24.94
CA VAL Z 49 -7.91 29.86 25.60
C VAL Z 49 -6.81 30.16 24.57
N HIS Z 50 -6.30 31.39 24.64
CA HIS Z 50 -5.29 31.87 23.71
C HIS Z 50 -3.97 31.13 23.82
N GLN AA 10 5.05 34.07 30.10
CA GLN AA 10 5.47 32.70 29.80
C GLN AA 10 4.52 32.06 28.80
N LEU AA 11 4.29 32.75 27.69
CA LEU AA 11 3.46 32.27 26.60
C LEU AA 11 3.56 30.80 26.25
N GLY AA 12 4.77 30.33 26.00
CA GLY AA 12 4.91 28.97 25.50
C GLY AA 12 4.65 27.89 26.51
N ALA AA 13 4.84 28.20 27.79
CA ALA AA 13 4.61 27.22 28.82
C ALA AA 13 3.14 26.92 28.83
N MSE AA 14 2.34 27.98 28.89
CA MSE AA 14 0.91 27.86 28.77
C MSE AA 14 0.56 27.10 27.53
O MSE AA 14 -0.25 26.17 27.58
CB MSE AA 14 0.25 29.24 28.74
CG MSE AA 14 0.49 30.06 29.97
SE MSE AA 14 -0.03 29.09 31.54
CE MSE AA 14 1.52 29.48 32.62
N GLN AA 15 1.20 27.46 26.42
CA GLN AA 15 0.82 26.86 25.15
C GLN AA 15 1.01 25.36 25.30
N HIS AA 16 2.15 24.98 25.88
CA HIS AA 16 2.44 23.58 26.06
C HIS AA 16 1.39 22.85 26.87
N LEU AA 17 0.97 23.46 27.97
CA LEU AA 17 0.00 22.81 28.84
C LEU AA 17 -1.30 22.64 28.08
N LYS AA 18 -1.66 23.65 27.30
CA LYS AA 18 -2.90 23.58 26.56
C LYS AA 18 -2.88 22.40 25.58
N ASP AA 19 -1.71 22.10 25.04
CA ASP AA 19 -1.61 21.00 24.08
C ASP AA 19 -1.81 19.70 24.81
N GLN AA 20 -1.22 19.59 25.99
CA GLN AA 20 -1.36 18.38 26.76
C GLN AA 20 -2.84 18.19 27.04
N LEU AA 21 -3.52 19.29 27.34
CA LEU AA 21 -4.92 19.15 27.70
C LEU AA 21 -5.71 18.70 26.49
N GLU AA 22 -5.37 19.23 25.33
CA GLU AA 22 -6.09 18.82 24.15
C GLU AA 22 -5.87 17.33 23.91
N GLN AA 23 -4.67 16.84 24.16
CA GLN AA 23 -4.40 15.44 23.89
C GLN AA 23 -5.21 14.60 24.84
N ARG AA 24 -5.37 15.10 26.05
CA ARG AA 24 -6.07 14.34 27.05
C ARG AA 24 -7.51 14.24 26.66
N THR AA 25 -8.06 15.29 26.07
CA THR AA 25 -9.43 15.22 25.60
C THR AA 25 -9.58 14.20 24.49
N ARG AA 26 -8.59 14.12 23.61
CA ARG AA 26 -8.76 13.27 22.45
C ARG AA 26 -8.86 11.83 22.88
N MSE AA 27 -7.95 11.42 23.76
CA MSE AA 27 -7.99 10.05 24.24
C MSE AA 27 -9.30 9.82 24.96
O MSE AA 27 -9.91 8.77 24.77
CB MSE AA 27 -6.80 9.72 25.12
CG MSE AA 27 -6.65 10.56 26.35
SE MSE AA 27 -5.82 9.55 27.77
CE MSE AA 27 -4.47 8.67 26.69
N ILE AA 28 -9.76 10.80 25.73
CA ILE AA 28 -11.00 10.60 26.47
C ILE AA 28 -12.09 10.31 25.47
N GLU AA 29 -12.12 11.11 24.42
CA GLU AA 29 -13.15 10.97 23.43
C GLU AA 29 -13.04 9.59 22.82
N ALA AA 30 -11.82 9.18 22.50
CA ALA AA 30 -11.62 7.87 21.92
C ALA AA 30 -12.17 6.82 22.86
N ASN AA 31 -11.80 6.95 24.13
CA ASN AA 31 -12.28 6.01 25.14
C ASN AA 31 -13.79 5.92 25.13
N ILE AA 32 -14.44 7.08 25.11
CA ILE AA 32 -15.89 7.13 25.15
C ILE AA 32 -16.45 6.34 23.99
N HIS AA 33 -15.83 6.44 22.82
CA HIS AA 33 -16.28 5.66 21.69
C HIS AA 33 -16.07 4.17 21.91
N ARG AA 34 -14.88 3.78 22.36
CA ARG AA 34 -14.60 2.37 22.54
C ARG AA 34 -15.54 1.76 23.55
N GLN AA 35 -15.72 2.47 24.65
CA GLN AA 35 -16.56 2.03 25.73
C GLN AA 35 -17.99 1.86 25.21
N GLN AA 36 -18.41 2.71 24.30
CA GLN AA 36 -19.75 2.56 23.76
C GLN AA 36 -19.90 1.27 22.96
N GLU AA 37 -18.89 0.90 22.18
CA GLU AA 37 -19.00 -0.29 21.36
C GLU AA 37 -19.05 -1.53 22.23
N GLU AA 38 -18.21 -1.56 23.25
CA GLU AA 38 -18.25 -2.67 24.19
C GLU AA 38 -19.66 -2.77 24.74
N LEU AA 39 -20.24 -1.63 25.10
CA LEU AA 39 -21.63 -1.61 25.56
C LEU AA 39 -22.53 -2.27 24.55
N ARG AA 40 -22.39 -1.82 23.31
CA ARG AA 40 -23.25 -2.29 22.25
C ARG AA 40 -23.05 -3.80 22.08
N LYS AA 41 -21.80 -4.27 22.18
CA LYS AA 41 -21.57 -5.71 22.10
C LYS AA 41 -22.32 -6.38 23.22
N ILE AA 42 -22.17 -5.82 24.41
CA ILE AA 42 -22.91 -6.30 25.56
C ILE AA 42 -24.39 -6.15 25.30
N GLN AA 43 -24.79 -5.03 24.69
CA GLN AA 43 -26.20 -4.83 24.40
C GLN AA 43 -26.72 -5.89 23.45
N GLU AA 44 -25.88 -6.35 22.52
CA GLU AA 44 -26.25 -7.53 21.75
C GLU AA 44 -26.18 -8.74 22.68
N GLN AA 45 -26.02 -9.95 22.19
CA GLN AA 45 -25.87 -11.12 23.08
C GLN AA 45 -27.16 -11.34 23.90
N LEU AA 46 -27.92 -10.26 24.07
CA LEU AA 46 -29.20 -10.24 24.74
C LEU AA 46 -29.91 -8.98 24.20
N GLN AA 47 -30.77 -9.09 23.19
CA GLN AA 47 -31.34 -10.33 22.66
C GLN AA 47 -30.37 -11.34 22.05
N GLY BA 1 38.34 -37.44 23.98
CA GLY BA 1 39.04 -36.59 23.02
C GLY BA 1 39.91 -37.48 22.23
N ASN BA 2 39.30 -38.49 21.61
CA ASN BA 2 40.06 -39.62 21.19
C ASN BA 2 39.95 -40.13 19.78
N THR BA 3 38.87 -40.83 19.51
CA THR BA 3 38.79 -41.70 18.34
C THR BA 3 39.02 -40.97 17.05
N LEU BA 4 38.30 -39.89 16.88
CA LEU BA 4 38.39 -39.05 15.71
C LEU BA 4 39.79 -38.42 15.54
N VAL BA 5 40.44 -38.10 16.65
CA VAL BA 5 41.83 -37.59 16.63
C VAL BA 5 42.82 -38.64 16.17
N VAL BA 6 42.65 -39.86 16.68
CA VAL BA 6 43.42 -41.02 16.26
C VAL BA 6 43.21 -41.27 14.78
N LEU BA 7 41.97 -41.23 14.36
CA LEU BA 7 41.62 -41.35 12.97
C LEU BA 7 42.32 -40.33 12.10
N HIS BA 8 42.37 -39.09 12.58
CA HIS BA 8 43.00 -38.01 11.86
C HIS BA 8 44.49 -38.15 11.72
N LYS BA 9 45.17 -38.45 12.81
CA LYS BA 9 46.62 -38.56 12.85
C LYS BA 9 47.21 -39.70 12.02
N SER BA 10 46.37 -40.61 11.56
CA SER BA 10 46.79 -41.86 10.91
C SER BA 10 47.35 -41.88 9.48
N GLY BA 11 46.78 -41.18 8.51
CA GLY BA 11 45.53 -40.49 8.57
C GLY BA 11 44.59 -41.27 7.70
N LEU BA 12 43.72 -42.03 8.33
CA LEU BA 12 42.70 -42.75 7.63
C LEU BA 12 41.47 -41.88 7.49
N LEU BA 13 41.50 -40.71 8.09
CA LEU BA 13 40.40 -39.76 7.99
C LEU BA 13 40.38 -39.22 6.58
N GLU BA 14 41.50 -38.68 6.13
CA GLU BA 14 41.64 -38.18 4.78
C GLU BA 14 41.32 -39.20 3.72
N ILE BA 15 41.86 -40.39 3.88
CA ILE BA 15 41.65 -41.50 2.96
C ILE BA 15 40.20 -41.93 2.95
N THR BA 16 39.56 -41.97 4.11
CA THR BA 16 38.15 -42.32 4.16
C THR BA 16 37.34 -41.29 3.40
N LEU BA 17 37.67 -40.02 3.55
CA LEU BA 17 36.94 -38.99 2.84
C LEU BA 17 37.17 -39.05 1.33
N LYS BA 18 38.42 -39.16 0.90
CA LYS BA 18 38.71 -39.32 -0.53
C LYS BA 18 38.02 -40.54 -1.13
N THR BA 19 37.97 -41.61 -0.35
CA THR BA 19 37.37 -42.85 -0.79
C THR BA 19 35.87 -42.71 -0.95
N LYS BA 20 35.22 -42.09 0.02
CA LYS BA 20 33.79 -41.92 -0.07
C LYS BA 20 33.44 -41.04 -1.26
N GLU BA 21 34.29 -40.05 -1.51
CA GLU BA 21 34.15 -39.21 -2.68
C GLU BA 21 34.28 -39.97 -3.99
N LEU BA 22 35.26 -40.86 -4.06
CA LEU BA 22 35.47 -41.67 -5.24
C LEU BA 22 34.31 -42.65 -5.48
N ILE BA 23 33.72 -43.18 -4.41
CA ILE BA 23 32.55 -44.00 -4.55
C ILE BA 23 31.42 -43.16 -5.14
N ARG BA 24 31.28 -41.93 -4.66
CA ARG BA 24 30.26 -41.03 -5.19
C ARG BA 24 30.45 -40.77 -6.68
N GLN BA 25 31.66 -40.40 -7.08
CA GLN BA 25 31.96 -40.15 -8.48
C GLN BA 25 31.71 -41.37 -9.33
N ASN BA 26 32.10 -42.53 -8.83
CA ASN BA 26 31.92 -43.77 -9.55
C ASN BA 26 30.45 -44.12 -9.74
N GLN BA 27 29.64 -43.84 -8.75
CA GLN BA 27 28.22 -44.10 -8.91
C GLN BA 27 27.61 -43.13 -9.91
N ALA BA 28 28.05 -41.89 -9.87
CA ALA BA 28 27.64 -40.88 -10.84
C ALA BA 28 27.95 -41.29 -12.30
N THR BA 29 29.19 -41.70 -12.52
CA THR BA 29 29.63 -42.18 -13.81
C THR BA 29 28.85 -43.42 -14.23
N GLN BA 30 28.49 -44.26 -13.26
CA GLN BA 30 27.65 -45.42 -13.56
C GLN BA 30 26.27 -45.02 -14.05
N ALA BA 31 25.67 -44.03 -13.41
CA ALA BA 31 24.38 -43.56 -13.86
C ALA BA 31 24.50 -43.06 -15.30
N GLU BA 32 25.55 -42.29 -15.57
CA GLU BA 32 25.82 -41.80 -16.92
C GLU BA 32 25.90 -42.92 -17.94
N LEU BA 33 26.61 -43.97 -17.58
CA LEU BA 33 26.82 -45.09 -18.46
C LEU BA 33 25.51 -45.77 -18.74
N ASP BA 34 24.67 -45.88 -17.72
CA ASP BA 34 23.37 -46.51 -17.95
C ASP BA 34 22.54 -45.72 -18.95
N GLN BA 35 22.51 -44.40 -18.76
CA GLN BA 35 21.73 -43.57 -19.67
C GLN BA 35 22.26 -43.56 -21.10
N LEU BA 36 23.56 -43.40 -21.26
CA LEU BA 36 24.18 -43.43 -22.57
C LEU BA 36 23.96 -44.80 -23.21
N LYS BA 37 23.88 -45.83 -22.37
CA LYS BA 37 23.62 -47.19 -22.85
C LYS BA 37 22.25 -47.29 -23.49
N GLU BA 38 21.27 -46.73 -22.81
CA GLU BA 38 19.92 -46.78 -23.35
C GLU BA 38 19.80 -45.92 -24.60
N GLN BA 39 20.40 -44.75 -24.52
CA GLN BA 39 20.33 -43.76 -25.58
C GLN BA 39 21.03 -44.23 -26.84
N THR BA 40 22.14 -44.94 -26.68
CA THR BA 40 22.80 -45.59 -27.79
C THR BA 40 21.84 -46.63 -28.34
N GLN BA 41 21.50 -47.64 -27.53
CA GLN BA 41 20.47 -48.61 -27.94
C GLN BA 41 19.29 -48.07 -28.77
N MSE BA 42 18.77 -46.91 -28.42
CA MSE BA 42 17.65 -46.34 -29.17
C MSE BA 42 18.05 -45.74 -30.51
O MSE BA 42 17.24 -45.59 -31.41
CB MSE BA 42 16.93 -45.29 -28.33
CG MSE BA 42 15.73 -45.83 -27.58
SE MSE BA 42 14.94 -44.48 -26.45
CE MSE BA 42 14.93 -42.98 -27.70
N PHE BA 43 19.33 -45.36 -30.63
CA PHE BA 43 19.89 -44.78 -31.85
C PHE BA 43 19.89 -45.77 -32.99
N ILE BA 44 20.44 -46.95 -32.71
CA ILE BA 44 20.53 -48.05 -33.66
C ILE BA 44 19.15 -48.45 -34.24
N GLU BA 45 18.09 -47.78 -33.78
CA GLU BA 45 16.73 -47.93 -34.30
C GLU BA 45 16.22 -49.34 -34.03
N PHE CA 7 38.81 -50.31 27.50
CA PHE CA 7 39.31 -49.00 27.08
C PHE CA 7 40.22 -49.18 25.89
N SER CA 8 41.08 -50.19 25.98
CA SER CA 8 41.98 -50.47 24.90
C SER CA 8 41.24 -51.34 23.91
N ALA CA 9 40.03 -51.74 24.28
CA ALA CA 9 38.92 -51.98 23.34
C ALA CA 9 39.15 -51.35 21.98
N GLN CA 10 39.55 -50.08 21.98
CA GLN CA 10 39.86 -49.37 20.75
C GLN CA 10 41.05 -49.93 19.96
N LEU CA 11 41.64 -51.05 20.42
CA LEU CA 11 42.80 -51.68 19.77
C LEU CA 11 42.88 -51.66 18.25
N GLY CA 12 42.59 -52.79 17.63
CA GLY CA 12 42.71 -52.89 16.19
C GLY CA 12 41.63 -52.14 15.45
N ALA CA 13 41.17 -51.05 16.03
CA ALA CA 13 40.14 -50.26 15.38
C ALA CA 13 40.73 -49.66 14.11
N MSE CA 14 41.83 -48.95 14.25
CA MSE CA 14 42.49 -48.39 13.08
C MSE CA 14 42.82 -49.43 12.05
O MSE CA 14 42.42 -49.30 10.90
CB MSE CA 14 43.75 -47.63 13.48
CG MSE CA 14 43.41 -46.40 14.28
SE MSE CA 14 41.81 -45.53 13.58
CE MSE CA 14 42.64 -44.72 12.08
N GLN CA 15 43.52 -50.49 12.45
CA GLN CA 15 43.77 -51.58 11.51
C GLN CA 15 42.53 -52.09 10.85
N HIS CA 16 41.47 -52.27 11.63
CA HIS CA 16 40.25 -52.76 11.05
C HIS CA 16 39.77 -51.81 9.98
N LEU CA 17 39.82 -50.53 10.26
CA LEU CA 17 39.33 -49.56 9.32
C LEU CA 17 40.18 -49.58 8.10
N LYS CA 18 41.48 -49.74 8.29
CA LYS CA 18 42.36 -49.76 7.13
C LYS CA 18 41.98 -50.92 6.25
N ASP CA 19 41.59 -52.02 6.88
CA ASP CA 19 41.31 -53.20 6.12
C ASP CA 19 40.04 -52.95 5.37
N GLN CA 20 39.05 -52.36 6.02
CA GLN CA 20 37.81 -52.10 5.33
C GLN CA 20 38.04 -51.18 4.16
N LEU CA 21 38.91 -50.19 4.31
CA LEU CA 21 39.10 -49.27 3.22
C LEU CA 21 39.73 -50.00 2.06
N GLU CA 22 40.68 -50.89 2.34
CA GLU CA 22 41.30 -51.64 1.26
C GLU CA 22 40.26 -52.49 0.56
N GLN CA 23 39.32 -53.06 1.30
CA GLN CA 23 38.33 -53.89 0.63
C GLN CA 23 37.45 -53.00 -0.20
N ARG CA 24 37.19 -51.81 0.31
CA ARG CA 24 36.32 -50.89 -0.37
C ARG CA 24 37.00 -50.43 -1.65
N THR CA 25 38.33 -50.30 -1.63
CA THR CA 25 38.99 -49.96 -2.87
C THR CA 25 38.79 -51.03 -3.93
N ARG CA 26 38.81 -52.28 -3.52
CA ARG CA 26 38.76 -53.38 -4.48
C ARG CA 26 37.42 -53.44 -5.16
N MSE CA 27 36.35 -53.29 -4.40
CA MSE CA 27 35.02 -53.25 -5.01
C MSE CA 27 34.86 -52.04 -5.92
O MSE CA 27 34.02 -52.04 -6.80
CB MSE CA 27 33.93 -53.25 -3.93
CG MSE CA 27 33.44 -51.87 -3.54
SE MSE CA 27 31.66 -51.90 -2.77
CE MSE CA 27 30.61 -51.63 -4.40
N ILE CA 28 35.67 -51.01 -5.73
CA ILE CA 28 35.58 -49.89 -6.63
C ILE CA 28 36.31 -50.29 -7.90
N GLU CA 29 37.46 -50.92 -7.73
CA GLU CA 29 38.29 -51.30 -8.87
C GLU CA 29 37.55 -52.26 -9.78
N ALA CA 30 36.87 -53.22 -9.17
CA ALA CA 30 36.06 -54.16 -9.90
C ALA CA 30 35.05 -53.40 -10.71
N ASN CA 31 34.35 -52.47 -10.05
CA ASN CA 31 33.37 -51.63 -10.72
C ASN CA 31 33.95 -50.93 -11.93
N ILE CA 32 35.12 -50.32 -11.75
CA ILE CA 32 35.73 -49.60 -12.84
C ILE CA 32 35.93 -50.55 -14.01
N HIS CA 33 36.41 -51.75 -13.70
CA HIS CA 33 36.66 -52.76 -14.73
C HIS CA 33 35.39 -53.17 -15.43
N ARG CA 34 34.32 -53.31 -14.67
CA ARG CA 34 33.03 -53.62 -15.26
C ARG CA 34 32.57 -52.46 -16.11
N GLN CA 35 32.70 -51.25 -15.61
CA GLN CA 35 32.22 -50.10 -16.36
C GLN CA 35 32.95 -49.95 -17.67
N GLN CA 36 34.25 -50.18 -17.65
CA GLN CA 36 35.02 -50.04 -18.86
C GLN CA 36 34.59 -51.03 -19.93
N GLU CA 37 34.16 -52.22 -19.55
CA GLU CA 37 33.71 -53.11 -20.60
C GLU CA 37 32.38 -52.61 -21.11
N GLU CA 38 31.54 -52.18 -20.18
CA GLU CA 38 30.23 -51.67 -20.52
C GLU CA 38 30.38 -50.52 -21.50
N LEU CA 39 31.36 -49.68 -21.25
CA LEU CA 39 31.74 -48.63 -22.18
C LEU CA 39 32.10 -49.17 -23.55
N ARG CA 40 32.99 -50.15 -23.53
CA ARG CA 40 33.56 -50.74 -24.71
C ARG CA 40 32.50 -51.36 -25.62
N LYS CA 41 31.51 -52.04 -25.04
CA LYS CA 41 30.39 -52.56 -25.81
C LYS CA 41 29.67 -51.41 -26.54
N ILE CA 42 29.42 -50.31 -25.84
CA ILE CA 42 28.81 -49.16 -26.46
C ILE CA 42 29.69 -48.68 -27.60
N GLN CA 43 31.00 -48.63 -27.36
CA GLN CA 43 31.92 -48.18 -28.38
C GLN CA 43 31.85 -49.06 -29.61
N GLU CA 44 31.55 -50.33 -29.40
CA GLU CA 44 31.30 -51.22 -30.52
C GLU CA 44 30.02 -50.78 -31.23
N GLN CA 45 28.90 -50.79 -30.50
CA GLN CA 45 27.62 -50.28 -31.00
C GLN CA 45 27.71 -49.04 -31.88
N LEU CA 46 28.59 -48.11 -31.53
CA LEU CA 46 28.74 -46.86 -32.27
C LEU CA 46 29.81 -46.97 -33.34
N GLN CA 47 30.18 -48.19 -33.67
CA GLN CA 47 31.28 -48.45 -34.59
C GLN CA 47 32.52 -47.60 -34.33
N MSE CA 48 32.83 -47.36 -33.06
CA MSE CA 48 34.07 -46.70 -32.69
C MSE CA 48 35.14 -47.74 -32.40
O MSE CA 48 34.80 -48.88 -32.08
CB MSE CA 48 33.89 -45.81 -31.47
CG MSE CA 48 32.91 -44.68 -31.65
SE MSE CA 48 32.36 -43.99 -29.94
CE MSE CA 48 34.05 -43.23 -29.34
N VAL CA 49 36.39 -47.34 -32.51
CA VAL CA 49 37.51 -48.27 -32.38
C VAL CA 49 37.51 -48.95 -31.00
N HIS CA 50 38.10 -48.33 -29.99
CA HIS CA 50 38.21 -48.89 -28.63
C HIS CA 50 39.02 -47.94 -27.76
N ASP DA 4 18.59 -35.89 -53.94
CA ASP DA 4 19.02 -35.37 -52.64
C ASP DA 4 18.00 -34.41 -52.01
N PRO DA 5 16.74 -34.83 -51.88
CA PRO DA 5 15.69 -33.97 -51.34
C PRO DA 5 15.62 -33.78 -49.83
N GLU DA 6 14.75 -34.58 -49.22
CA GLU DA 6 14.44 -34.59 -47.79
C GLU DA 6 15.34 -35.55 -47.04
N PHE DA 7 15.87 -36.52 -47.79
CA PHE DA 7 16.68 -37.60 -47.24
C PHE DA 7 17.97 -37.11 -46.61
N SER DA 8 18.67 -36.17 -47.25
CA SER DA 8 19.95 -35.75 -46.69
C SER DA 8 19.92 -34.60 -45.68
N ALA DA 9 18.77 -33.96 -45.47
CA ALA DA 9 18.50 -33.31 -44.19
C ALA DA 9 18.69 -34.36 -43.10
N GLN DA 10 17.98 -35.46 -43.29
CA GLN DA 10 18.16 -36.62 -42.43
C GLN DA 10 19.59 -37.11 -42.72
N LEU DA 11 19.97 -38.25 -42.18
CA LEU DA 11 21.32 -38.77 -42.37
C LEU DA 11 22.30 -37.81 -41.70
N GLY DA 12 22.22 -36.53 -42.07
CA GLY DA 12 23.08 -35.51 -41.47
C GLY DA 12 22.59 -35.12 -40.09
N ALA DA 13 21.28 -35.23 -39.88
CA ALA DA 13 20.71 -34.98 -38.56
C ALA DA 13 21.09 -36.09 -37.59
N MSE DA 14 20.98 -37.32 -38.05
CA MSE DA 14 21.27 -38.43 -37.15
C MSE DA 14 22.76 -38.64 -37.04
O MSE DA 14 23.22 -39.25 -36.09
CB MSE DA 14 20.56 -39.68 -37.60
CG MSE DA 14 19.19 -39.84 -36.95
SE MSE DA 14 18.50 -41.61 -37.12
CE MSE DA 14 19.02 -41.94 -38.96
N GLN DA 15 23.51 -38.16 -38.02
CA GLN DA 15 24.95 -38.12 -37.87
C GLN DA 15 25.31 -37.16 -36.77
N HIS DA 16 24.61 -36.04 -36.75
CA HIS DA 16 24.82 -35.04 -35.72
C HIS DA 16 24.58 -35.69 -34.34
N LEU DA 17 23.49 -36.45 -34.25
CA LEU DA 17 23.10 -37.07 -32.98
C LEU DA 17 24.12 -38.11 -32.55
N LYS DA 18 24.59 -38.87 -33.54
CA LYS DA 18 25.60 -39.86 -33.32
C LYS DA 18 26.88 -39.22 -32.86
N ASP DA 19 27.13 -37.99 -33.29
CA ASP DA 19 28.36 -37.32 -32.89
C ASP DA 19 28.26 -37.00 -31.43
N GLN DA 20 27.08 -36.56 -31.01
CA GLN DA 20 26.93 -36.27 -29.59
C GLN DA 20 27.15 -37.54 -28.78
N LEU DA 21 26.62 -38.68 -29.24
CA LEU DA 21 26.79 -39.92 -28.47
C LEU DA 21 28.24 -40.41 -28.42
N GLU DA 22 28.95 -40.34 -29.54
CA GLU DA 22 30.34 -40.76 -29.54
C GLU DA 22 31.16 -39.84 -28.63
N GLN DA 23 30.82 -38.55 -28.60
CA GLN DA 23 31.57 -37.66 -27.72
C GLN DA 23 31.28 -37.96 -26.26
N ARG DA 24 30.04 -38.32 -25.98
CA ARG DA 24 29.68 -38.62 -24.61
C ARG DA 24 30.40 -39.84 -24.14
N THR DA 25 30.53 -40.80 -25.06
CA THR DA 25 31.26 -42.00 -24.77
C THR DA 25 32.72 -41.66 -24.47
N ARG DA 26 33.27 -40.74 -25.23
CA ARG DA 26 34.67 -40.39 -25.11
C ARG DA 26 34.97 -39.67 -23.80
N MSE DA 27 34.07 -38.80 -23.38
CA MSE DA 27 34.24 -38.07 -22.13
C MSE DA 27 33.94 -38.93 -20.88
O MSE DA 27 34.59 -38.76 -19.85
CB MSE DA 27 33.39 -36.79 -22.13
CG MSE DA 27 31.91 -37.04 -22.03
SE MSE DA 27 30.90 -35.38 -21.90
CE MSE DA 27 31.19 -34.69 -23.68
N ILE DA 28 32.98 -39.83 -20.97
CA ILE DA 28 32.81 -40.83 -19.91
C ILE DA 28 34.08 -41.64 -19.76
N GLU DA 29 34.68 -42.01 -20.88
CA GLU DA 29 35.93 -42.76 -20.86
C GLU DA 29 37.01 -41.98 -20.13
N ALA DA 30 37.14 -40.70 -20.43
CA ALA DA 30 38.09 -39.84 -19.74
C ALA DA 30 37.82 -39.81 -18.23
N ASN DA 31 36.55 -39.66 -17.86
CA ASN DA 31 36.17 -39.72 -16.45
C ASN DA 31 36.68 -40.97 -15.77
N ILE DA 32 36.39 -42.11 -16.37
CA ILE DA 32 36.80 -43.37 -15.77
C ILE DA 32 38.32 -43.46 -15.63
N HIS DA 33 39.08 -43.01 -16.61
CA HIS DA 33 40.54 -43.05 -16.46
C HIS DA 33 41.00 -42.18 -15.30
N ARG DA 34 40.39 -41.01 -15.17
CA ARG DA 34 40.72 -40.10 -14.08
C ARG DA 34 40.45 -40.77 -12.72
N GLN DA 35 39.29 -41.40 -12.59
CA GLN DA 35 38.92 -42.07 -11.36
C GLN DA 35 39.85 -43.21 -11.04
N GLN DA 36 40.27 -43.94 -12.07
CA GLN DA 36 41.14 -45.08 -11.87
C GLN DA 36 42.51 -44.59 -11.36
N GLU DA 37 42.89 -43.40 -11.81
CA GLU DA 37 44.13 -42.82 -11.37
C GLU DA 37 44.00 -42.43 -9.89
N GLU DA 38 42.89 -41.80 -9.56
CA GLU DA 38 42.61 -41.45 -8.18
C GLU DA 38 42.61 -42.68 -7.28
N LEU DA 39 42.00 -43.76 -7.75
CA LEU DA 39 42.04 -45.04 -7.05
C LEU DA 39 43.47 -45.46 -6.74
N ARG DA 40 44.35 -45.42 -7.73
CA ARG DA 40 45.71 -45.83 -7.44
C ARG DA 40 46.34 -44.96 -6.35
N LYS DA 41 46.12 -43.66 -6.44
CA LYS DA 41 46.66 -42.75 -5.44
C LYS DA 41 46.17 -43.09 -4.04
N ILE DA 42 44.88 -43.33 -3.90
CA ILE DA 42 44.32 -43.73 -2.62
C ILE DA 42 44.94 -45.01 -2.10
N GLN DA 43 45.11 -45.99 -2.96
CA GLN DA 43 45.67 -47.24 -2.47
C GLN DA 43 47.09 -47.03 -1.95
N GLU DA 44 47.86 -46.21 -2.66
CA GLU DA 44 49.22 -45.92 -2.20
C GLU DA 44 49.14 -45.23 -0.86
N GLN DA 45 48.52 -44.05 -0.78
CA GLN DA 45 48.17 -43.45 0.52
C GLN DA 45 47.86 -44.47 1.62
N LEU DA 46 47.26 -45.60 1.26
CA LEU DA 46 46.84 -46.57 2.25
C LEU DA 46 47.96 -47.49 2.70
N GLN DA 47 48.84 -47.93 1.80
CA GLN DA 47 49.98 -48.71 2.33
C GLN DA 47 50.99 -47.92 3.16
N MSE DA 48 50.80 -46.62 3.28
CA MSE DA 48 51.64 -45.82 4.13
C MSE DA 48 51.03 -45.63 5.49
O MSE DA 48 51.55 -44.88 6.29
CB MSE DA 48 51.90 -44.46 3.52
CG MSE DA 48 52.53 -44.48 2.18
SE MSE DA 48 52.87 -42.66 1.70
CE MSE DA 48 52.14 -42.71 -0.11
N VAL DA 49 49.90 -46.26 5.75
CA VAL DA 49 49.26 -46.08 7.03
C VAL DA 49 49.82 -47.05 8.05
N HIS DA 50 50.32 -46.49 9.15
CA HIS DA 50 50.94 -47.28 10.22
C HIS DA 50 52.08 -48.15 9.69
#